data_2X29
# 
_entry.id   2X29 
# 
_audit_conform.dict_name       mmcif_pdbx.dic 
_audit_conform.dict_version    5.398 
_audit_conform.dict_location   http://mmcif.pdb.org/dictionaries/ascii/mmcif_pdbx.dic 
# 
loop_
_database_2.database_id 
_database_2.database_code 
_database_2.pdbx_database_accession 
_database_2.pdbx_DOI 
PDB   2X29         pdb_00002x29 10.2210/pdb2x29/pdb 
PDBE  EBI-42339    ?            ?                   
WWPDB D_1290042339 ?            ?                   
# 
loop_
_pdbx_audit_revision_history.ordinal 
_pdbx_audit_revision_history.data_content_type 
_pdbx_audit_revision_history.major_revision 
_pdbx_audit_revision_history.minor_revision 
_pdbx_audit_revision_history.revision_date 
1 'Structure model' 1 0 2010-03-23 
2 'Structure model' 1 1 2011-05-08 
3 'Structure model' 1 2 2011-07-13 
4 'Structure model' 1 3 2024-11-13 
# 
_pdbx_audit_revision_details.ordinal             1 
_pdbx_audit_revision_details.revision_ordinal    1 
_pdbx_audit_revision_details.data_content_type   'Structure model' 
_pdbx_audit_revision_details.provider            repository 
_pdbx_audit_revision_details.type                'Initial release' 
_pdbx_audit_revision_details.description         ? 
_pdbx_audit_revision_details.details             ? 
# 
loop_
_pdbx_audit_revision_group.ordinal 
_pdbx_audit_revision_group.revision_ordinal 
_pdbx_audit_revision_group.data_content_type 
_pdbx_audit_revision_group.group 
1 2 'Structure model' 'Version format compliance' 
2 3 'Structure model' 'Version format compliance' 
3 4 'Structure model' 'Data collection'           
4 4 'Structure model' 'Database references'       
5 4 'Structure model' 'Derived calculations'      
6 4 'Structure model' Other                       
7 4 'Structure model' 'Structure summary'         
# 
loop_
_pdbx_audit_revision_category.ordinal 
_pdbx_audit_revision_category.revision_ordinal 
_pdbx_audit_revision_category.data_content_type 
_pdbx_audit_revision_category.category 
1 4 'Structure model' chem_comp_atom            
2 4 'Structure model' chem_comp_bond            
3 4 'Structure model' database_2                
4 4 'Structure model' pdbx_database_status      
5 4 'Structure model' pdbx_entry_details        
6 4 'Structure model' pdbx_modification_feature 
7 4 'Structure model' struct_conn               
# 
loop_
_pdbx_audit_revision_item.ordinal 
_pdbx_audit_revision_item.revision_ordinal 
_pdbx_audit_revision_item.data_content_type 
_pdbx_audit_revision_item.item 
1 4 'Structure model' '_database_2.pdbx_DOI'                         
2 4 'Structure model' '_database_2.pdbx_database_accession'          
3 4 'Structure model' '_pdbx_database_status.status_code_sf'         
4 4 'Structure model' '_pdbx_entry_details.has_protein_modification' 
5 4 'Structure model' '_struct_conn.pdbx_leaving_atom_flag'          
# 
_pdbx_database_PDB_obs_spr.id               SPRSDE 
_pdbx_database_PDB_obs_spr.date             2010-03-23 
_pdbx_database_PDB_obs_spr.pdb_id           2X29 
_pdbx_database_PDB_obs_spr.replace_pdb_id   2WAK 
_pdbx_database_PDB_obs_spr.details          ? 
# 
_pdbx_database_status.status_code                     REL 
_pdbx_database_status.entry_id                        2X29 
_pdbx_database_status.deposit_site                    PDBE 
_pdbx_database_status.process_site                    PDBE 
_pdbx_database_status.SG_entry                        . 
_pdbx_database_status.recvd_initial_deposition_date   2010-01-12 
_pdbx_database_status.pdb_format_compatible           Y 
_pdbx_database_status.status_code_sf                  REL 
_pdbx_database_status.status_code_mr                  ? 
_pdbx_database_status.status_code_cs                  ? 
_pdbx_database_status.methods_development_category    ? 
_pdbx_database_status.status_code_nmr_data            ? 
# 
loop_
_audit_author.name 
_audit_author.pdbx_ordinal 
'Won, E.Y.' 1 
'Cho, H.S.' 2 
# 
_citation.id                        primary 
_citation.title                     
'The Structure of the Trimer of Human 4-1Bb Ligand is Unique Among Members of the Tumor Necrosis Factor Superfamily.' 
_citation.journal_abbrev            J.Biol.Chem. 
_citation.journal_volume            285 
_citation.page_first                9202 
_citation.page_last                 ? 
_citation.year                      2010 
_citation.journal_id_ASTM           JBCHA3 
_citation.country                   US 
_citation.journal_id_ISSN           0021-9258 
_citation.journal_id_CSD            0071 
_citation.book_publisher            ? 
_citation.pdbx_database_id_PubMed   20032458 
_citation.pdbx_database_id_DOI      10.1074/JBC.M109.084442 
# 
loop_
_citation_author.citation_id 
_citation_author.name 
_citation_author.ordinal 
_citation_author.identifier_ORCID 
primary 'Won, E.Y.'  1  ? 
primary 'Cha, K.'    2  ? 
primary 'Byun, J.S.' 3  ? 
primary 'Kim, D.U.'  4  ? 
primary 'Shin, S.'   5  ? 
primary 'Ahn, B.'    6  ? 
primary 'Kim, Y.H.'  7  ? 
primary 'Rice, A.J.' 8  ? 
primary 'Walz, T.'   9  ? 
primary 'Kwon, B.S.' 10 ? 
primary 'Cho, H.S.'  11 ? 
# 
loop_
_entity.id 
_entity.type 
_entity.src_method 
_entity.pdbx_description 
_entity.formula_weight 
_entity.pdbx_number_of_molecules 
_entity.pdbx_ec 
_entity.pdbx_mutation 
_entity.pdbx_fragment 
_entity.details 
1 polymer man 'TUMOR NECROSIS FACTOR LIGAND SUPERFAMILY MEMBER 9' 17818.932 1  ? YES 'RESIDUES 80-246' ? 
2 water   nat water                                               18.015    71 ? ?   ?                 ? 
# 
_entity_name_com.entity_id   1 
_entity_name_com.name        '4-1BB LIGAND, 4-1BBL' 
# 
_entity_poly.entity_id                      1 
_entity_poly.type                           'polypeptide(L)' 
_entity_poly.nstd_linkage                   no 
_entity_poly.nstd_monomer                   yes 
_entity_poly.pdbx_seq_one_letter_code       
;DPAGLLDLRQG(MSE)FAQLVAQNVLLIDGPLSWYSDPGLAGVSLTGGLSYKEDTKELVVAKAGVYYVFFQ(MSE)ELRR
VVAGEGSGSVSLALHL(MSE)PLRSAAGAAALALTVDLPPASSEARNSAFGFQGRLLHLSAGQRLGVHLHTEARARHAWQ
LTQGATVLGLFRVTPEIPA
;
_entity_poly.pdbx_seq_one_letter_code_can   
;DPAGLLDLRQGMFAQLVAQNVLLIDGPLSWYSDPGLAGVSLTGGLSYKEDTKELVVAKAGVYYVFFQMELRRVVAGEGSG
SVSLALHLMPLRSAAGAAALALTVDLPPASSEARNSAFGFQGRLLHLSAGQRLGVHLHTEARARHAWQLTQGATVLGLFR
VTPEIPA
;
_entity_poly.pdbx_strand_id                 A 
_entity_poly.pdbx_target_identifier         ? 
# 
_pdbx_entity_nonpoly.entity_id   2 
_pdbx_entity_nonpoly.name        water 
_pdbx_entity_nonpoly.comp_id     HOH 
# 
loop_
_entity_poly_seq.entity_id 
_entity_poly_seq.num 
_entity_poly_seq.mon_id 
_entity_poly_seq.hetero 
1 1   ASP n 
1 2   PRO n 
1 3   ALA n 
1 4   GLY n 
1 5   LEU n 
1 6   LEU n 
1 7   ASP n 
1 8   LEU n 
1 9   ARG n 
1 10  GLN n 
1 11  GLY n 
1 12  MSE n 
1 13  PHE n 
1 14  ALA n 
1 15  GLN n 
1 16  LEU n 
1 17  VAL n 
1 18  ALA n 
1 19  GLN n 
1 20  ASN n 
1 21  VAL n 
1 22  LEU n 
1 23  LEU n 
1 24  ILE n 
1 25  ASP n 
1 26  GLY n 
1 27  PRO n 
1 28  LEU n 
1 29  SER n 
1 30  TRP n 
1 31  TYR n 
1 32  SER n 
1 33  ASP n 
1 34  PRO n 
1 35  GLY n 
1 36  LEU n 
1 37  ALA n 
1 38  GLY n 
1 39  VAL n 
1 40  SER n 
1 41  LEU n 
1 42  THR n 
1 43  GLY n 
1 44  GLY n 
1 45  LEU n 
1 46  SER n 
1 47  TYR n 
1 48  LYS n 
1 49  GLU n 
1 50  ASP n 
1 51  THR n 
1 52  LYS n 
1 53  GLU n 
1 54  LEU n 
1 55  VAL n 
1 56  VAL n 
1 57  ALA n 
1 58  LYS n 
1 59  ALA n 
1 60  GLY n 
1 61  VAL n 
1 62  TYR n 
1 63  TYR n 
1 64  VAL n 
1 65  PHE n 
1 66  PHE n 
1 67  GLN n 
1 68  MSE n 
1 69  GLU n 
1 70  LEU n 
1 71  ARG n 
1 72  ARG n 
1 73  VAL n 
1 74  VAL n 
1 75  ALA n 
1 76  GLY n 
1 77  GLU n 
1 78  GLY n 
1 79  SER n 
1 80  GLY n 
1 81  SER n 
1 82  VAL n 
1 83  SER n 
1 84  LEU n 
1 85  ALA n 
1 86  LEU n 
1 87  HIS n 
1 88  LEU n 
1 89  MSE n 
1 90  PRO n 
1 91  LEU n 
1 92  ARG n 
1 93  SER n 
1 94  ALA n 
1 95  ALA n 
1 96  GLY n 
1 97  ALA n 
1 98  ALA n 
1 99  ALA n 
1 100 LEU n 
1 101 ALA n 
1 102 LEU n 
1 103 THR n 
1 104 VAL n 
1 105 ASP n 
1 106 LEU n 
1 107 PRO n 
1 108 PRO n 
1 109 ALA n 
1 110 SER n 
1 111 SER n 
1 112 GLU n 
1 113 ALA n 
1 114 ARG n 
1 115 ASN n 
1 116 SER n 
1 117 ALA n 
1 118 PHE n 
1 119 GLY n 
1 120 PHE n 
1 121 GLN n 
1 122 GLY n 
1 123 ARG n 
1 124 LEU n 
1 125 LEU n 
1 126 HIS n 
1 127 LEU n 
1 128 SER n 
1 129 ALA n 
1 130 GLY n 
1 131 GLN n 
1 132 ARG n 
1 133 LEU n 
1 134 GLY n 
1 135 VAL n 
1 136 HIS n 
1 137 LEU n 
1 138 HIS n 
1 139 THR n 
1 140 GLU n 
1 141 ALA n 
1 142 ARG n 
1 143 ALA n 
1 144 ARG n 
1 145 HIS n 
1 146 ALA n 
1 147 TRP n 
1 148 GLN n 
1 149 LEU n 
1 150 THR n 
1 151 GLN n 
1 152 GLY n 
1 153 ALA n 
1 154 THR n 
1 155 VAL n 
1 156 LEU n 
1 157 GLY n 
1 158 LEU n 
1 159 PHE n 
1 160 ARG n 
1 161 VAL n 
1 162 THR n 
1 163 PRO n 
1 164 GLU n 
1 165 ILE n 
1 166 PRO n 
1 167 ALA n 
# 
_entity_src_gen.entity_id                          1 
_entity_src_gen.pdbx_src_id                        1 
_entity_src_gen.pdbx_alt_source_flag               sample 
_entity_src_gen.pdbx_seq_type                      ? 
_entity_src_gen.pdbx_beg_seq_num                   ? 
_entity_src_gen.pdbx_end_seq_num                   ? 
_entity_src_gen.gene_src_common_name               HUMAN 
_entity_src_gen.gene_src_genus                     ? 
_entity_src_gen.pdbx_gene_src_gene                 ? 
_entity_src_gen.gene_src_species                   ? 
_entity_src_gen.gene_src_strain                    ? 
_entity_src_gen.gene_src_tissue                    ? 
_entity_src_gen.gene_src_tissue_fraction           ? 
_entity_src_gen.gene_src_details                   ? 
_entity_src_gen.pdbx_gene_src_fragment             ? 
_entity_src_gen.pdbx_gene_src_scientific_name      'HOMO SAPIENS' 
_entity_src_gen.pdbx_gene_src_ncbi_taxonomy_id     9606 
_entity_src_gen.pdbx_gene_src_variant              ? 
_entity_src_gen.pdbx_gene_src_cell_line            ? 
_entity_src_gen.pdbx_gene_src_atcc                 ? 
_entity_src_gen.pdbx_gene_src_organ                ? 
_entity_src_gen.pdbx_gene_src_organelle            ? 
_entity_src_gen.pdbx_gene_src_cell                 ? 
_entity_src_gen.pdbx_gene_src_cellular_location    ? 
_entity_src_gen.host_org_common_name               ? 
_entity_src_gen.pdbx_host_org_scientific_name      'ESCHERICHIA COLI' 
_entity_src_gen.pdbx_host_org_ncbi_taxonomy_id     562 
_entity_src_gen.host_org_genus                     ? 
_entity_src_gen.pdbx_host_org_gene                 ? 
_entity_src_gen.pdbx_host_org_organ                ? 
_entity_src_gen.host_org_species                   ? 
_entity_src_gen.pdbx_host_org_tissue               ? 
_entity_src_gen.pdbx_host_org_tissue_fraction      ? 
_entity_src_gen.pdbx_host_org_strain               'B834(DE3)' 
_entity_src_gen.pdbx_host_org_variant              ? 
_entity_src_gen.pdbx_host_org_cell_line            ? 
_entity_src_gen.pdbx_host_org_atcc                 ? 
_entity_src_gen.pdbx_host_org_culture_collection   ? 
_entity_src_gen.pdbx_host_org_cell                 ? 
_entity_src_gen.pdbx_host_org_organelle            ? 
_entity_src_gen.pdbx_host_org_cellular_location    ? 
_entity_src_gen.pdbx_host_org_vector_type          PLASMID 
_entity_src_gen.pdbx_host_org_vector               ? 
_entity_src_gen.host_org_details                   ? 
_entity_src_gen.expression_system_id               ? 
_entity_src_gen.plasmid_name                       PGEX-6P-1 
_entity_src_gen.plasmid_details                    ? 
_entity_src_gen.pdbx_description                   ? 
# 
loop_
_chem_comp.id 
_chem_comp.type 
_chem_comp.mon_nstd_flag 
_chem_comp.name 
_chem_comp.pdbx_synonyms 
_chem_comp.formula 
_chem_comp.formula_weight 
ALA 'L-peptide linking' y ALANINE          ? 'C3 H7 N O2'     89.093  
ARG 'L-peptide linking' y ARGININE         ? 'C6 H15 N4 O2 1' 175.209 
ASN 'L-peptide linking' y ASPARAGINE       ? 'C4 H8 N2 O3'    132.118 
ASP 'L-peptide linking' y 'ASPARTIC ACID'  ? 'C4 H7 N O4'     133.103 
GLN 'L-peptide linking' y GLUTAMINE        ? 'C5 H10 N2 O3'   146.144 
GLU 'L-peptide linking' y 'GLUTAMIC ACID'  ? 'C5 H9 N O4'     147.129 
GLY 'peptide linking'   y GLYCINE          ? 'C2 H5 N O2'     75.067  
HIS 'L-peptide linking' y HISTIDINE        ? 'C6 H10 N3 O2 1' 156.162 
HOH non-polymer         . WATER            ? 'H2 O'           18.015  
ILE 'L-peptide linking' y ISOLEUCINE       ? 'C6 H13 N O2'    131.173 
LEU 'L-peptide linking' y LEUCINE          ? 'C6 H13 N O2'    131.173 
LYS 'L-peptide linking' y LYSINE           ? 'C6 H15 N2 O2 1' 147.195 
MSE 'L-peptide linking' n SELENOMETHIONINE ? 'C5 H11 N O2 Se' 196.106 
PHE 'L-peptide linking' y PHENYLALANINE    ? 'C9 H11 N O2'    165.189 
PRO 'L-peptide linking' y PROLINE          ? 'C5 H9 N O2'     115.130 
SER 'L-peptide linking' y SERINE           ? 'C3 H7 N O3'     105.093 
THR 'L-peptide linking' y THREONINE        ? 'C4 H9 N O3'     119.119 
TRP 'L-peptide linking' y TRYPTOPHAN       ? 'C11 H12 N2 O2'  204.225 
TYR 'L-peptide linking' y TYROSINE         ? 'C9 H11 N O3'    181.189 
VAL 'L-peptide linking' y VALINE           ? 'C5 H11 N O2'    117.146 
# 
loop_
_pdbx_poly_seq_scheme.asym_id 
_pdbx_poly_seq_scheme.entity_id 
_pdbx_poly_seq_scheme.seq_id 
_pdbx_poly_seq_scheme.mon_id 
_pdbx_poly_seq_scheme.ndb_seq_num 
_pdbx_poly_seq_scheme.pdb_seq_num 
_pdbx_poly_seq_scheme.auth_seq_num 
_pdbx_poly_seq_scheme.pdb_mon_id 
_pdbx_poly_seq_scheme.auth_mon_id 
_pdbx_poly_seq_scheme.pdb_strand_id 
_pdbx_poly_seq_scheme.pdb_ins_code 
_pdbx_poly_seq_scheme.hetero 
A 1 1   ASP 1   80  80  ASP ASP A . n 
A 1 2   PRO 2   81  81  PRO PRO A . n 
A 1 3   ALA 3   82  82  ALA ALA A . n 
A 1 4   GLY 4   83  83  GLY GLY A . n 
A 1 5   LEU 5   84  84  LEU LEU A . n 
A 1 6   LEU 6   85  85  LEU LEU A . n 
A 1 7   ASP 7   86  86  ASP ASP A . n 
A 1 8   LEU 8   87  87  LEU LEU A . n 
A 1 9   ARG 9   88  88  ARG ARG A . n 
A 1 10  GLN 10  89  89  GLN GLN A . n 
A 1 11  GLY 11  90  90  GLY GLY A . n 
A 1 12  MSE 12  91  91  MSE MSE A . n 
A 1 13  PHE 13  92  92  PHE PHE A . n 
A 1 14  ALA 14  93  93  ALA ALA A . n 
A 1 15  GLN 15  94  94  GLN GLN A . n 
A 1 16  LEU 16  95  95  LEU LEU A . n 
A 1 17  VAL 17  96  96  VAL VAL A . n 
A 1 18  ALA 18  97  97  ALA ALA A . n 
A 1 19  GLN 19  98  98  GLN GLN A . n 
A 1 20  ASN 20  99  99  ASN ASN A . n 
A 1 21  VAL 21  100 100 VAL VAL A . n 
A 1 22  LEU 22  101 101 LEU LEU A . n 
A 1 23  LEU 23  102 102 LEU LEU A . n 
A 1 24  ILE 24  103 103 ILE ILE A . n 
A 1 25  ASP 25  104 104 ASP ASP A . n 
A 1 26  GLY 26  105 105 GLY GLY A . n 
A 1 27  PRO 27  106 106 PRO PRO A . n 
A 1 28  LEU 28  107 107 LEU LEU A . n 
A 1 29  SER 29  108 108 SER SER A . n 
A 1 30  TRP 30  109 109 TRP TRP A . n 
A 1 31  TYR 31  110 110 TYR TYR A . n 
A 1 32  SER 32  111 111 SER SER A . n 
A 1 33  ASP 33  112 112 ASP ASP A . n 
A 1 34  PRO 34  113 113 PRO PRO A . n 
A 1 35  GLY 35  114 114 GLY GLY A . n 
A 1 36  LEU 36  115 115 LEU LEU A . n 
A 1 37  ALA 37  116 116 ALA ALA A . n 
A 1 38  GLY 38  117 117 GLY GLY A . n 
A 1 39  VAL 39  118 118 VAL VAL A . n 
A 1 40  SER 40  119 119 SER SER A . n 
A 1 41  LEU 41  120 120 LEU LEU A . n 
A 1 42  THR 42  121 121 THR THR A . n 
A 1 43  GLY 43  122 122 GLY GLY A . n 
A 1 44  GLY 44  123 123 GLY GLY A . n 
A 1 45  LEU 45  124 124 LEU LEU A . n 
A 1 46  SER 46  125 125 SER SER A . n 
A 1 47  TYR 47  126 126 TYR TYR A . n 
A 1 48  LYS 48  127 127 LYS LYS A . n 
A 1 49  GLU 49  128 128 GLU GLU A . n 
A 1 50  ASP 50  129 129 ASP ASP A . n 
A 1 51  THR 51  130 130 THR THR A . n 
A 1 52  LYS 52  131 131 LYS LYS A . n 
A 1 53  GLU 53  132 132 GLU GLU A . n 
A 1 54  LEU 54  133 133 LEU LEU A . n 
A 1 55  VAL 55  134 134 VAL VAL A . n 
A 1 56  VAL 56  135 135 VAL VAL A . n 
A 1 57  ALA 57  136 136 ALA ALA A . n 
A 1 58  LYS 58  137 137 LYS LYS A . n 
A 1 59  ALA 59  138 138 ALA ALA A . n 
A 1 60  GLY 60  139 139 GLY GLY A . n 
A 1 61  VAL 61  140 140 VAL VAL A . n 
A 1 62  TYR 62  141 141 TYR TYR A . n 
A 1 63  TYR 63  142 142 TYR TYR A . n 
A 1 64  VAL 64  143 143 VAL VAL A . n 
A 1 65  PHE 65  144 144 PHE PHE A . n 
A 1 66  PHE 66  145 145 PHE PHE A . n 
A 1 67  GLN 67  146 146 GLN GLN A . n 
A 1 68  MSE 68  147 147 MSE MSE A . n 
A 1 69  GLU 69  148 148 GLU GLU A . n 
A 1 70  LEU 70  149 149 LEU LEU A . n 
A 1 71  ARG 71  150 150 ARG ARG A . n 
A 1 72  ARG 72  151 151 ARG ARG A . n 
A 1 73  VAL 73  152 152 VAL VAL A . n 
A 1 74  VAL 74  153 153 VAL VAL A . n 
A 1 75  ALA 75  154 154 ALA ALA A . n 
A 1 76  GLY 76  155 155 GLY GLY A . n 
A 1 77  GLU 77  156 156 GLU GLU A . n 
A 1 78  GLY 78  157 157 GLY GLY A . n 
A 1 79  SER 79  158 158 SER SER A . n 
A 1 80  GLY 80  159 159 GLY GLY A . n 
A 1 81  SER 81  160 160 SER SER A . n 
A 1 82  VAL 82  161 161 VAL VAL A . n 
A 1 83  SER 83  162 162 SER SER A . n 
A 1 84  LEU 84  163 163 LEU LEU A . n 
A 1 85  ALA 85  164 164 ALA ALA A . n 
A 1 86  LEU 86  165 165 LEU LEU A . n 
A 1 87  HIS 87  166 166 HIS HIS A . n 
A 1 88  LEU 88  167 167 LEU LEU A . n 
A 1 89  MSE 89  168 168 MSE MSE A . n 
A 1 90  PRO 90  169 169 PRO PRO A . n 
A 1 91  LEU 91  170 ?   ?   ?   A . n 
A 1 92  ARG 92  171 ?   ?   ?   A . n 
A 1 93  SER 93  172 ?   ?   ?   A . n 
A 1 94  ALA 94  173 ?   ?   ?   A . n 
A 1 95  ALA 95  174 ?   ?   ?   A . n 
A 1 96  GLY 96  175 ?   ?   ?   A . n 
A 1 97  ALA 97  176 176 ALA ALA A . n 
A 1 98  ALA 98  177 177 ALA ALA A . n 
A 1 99  ALA 99  178 178 ALA ALA A . n 
A 1 100 LEU 100 179 179 LEU LEU A . n 
A 1 101 ALA 101 180 180 ALA ALA A . n 
A 1 102 LEU 102 181 181 LEU LEU A . n 
A 1 103 THR 103 182 182 THR THR A . n 
A 1 104 VAL 104 183 183 VAL VAL A . n 
A 1 105 ASP 105 184 184 ASP ASP A . n 
A 1 106 LEU 106 185 185 LEU LEU A . n 
A 1 107 PRO 107 186 186 PRO PRO A . n 
A 1 108 PRO 108 187 187 PRO PRO A . n 
A 1 109 ALA 109 188 ?   ?   ?   A . n 
A 1 110 SER 110 189 ?   ?   ?   A . n 
A 1 111 SER 111 190 ?   ?   ?   A . n 
A 1 112 GLU 112 191 ?   ?   ?   A . n 
A 1 113 ALA 113 192 ?   ?   ?   A . n 
A 1 114 ARG 114 193 193 ARG ARG A . n 
A 1 115 ASN 115 194 194 ASN ASN A . n 
A 1 116 SER 116 195 195 SER SER A . n 
A 1 117 ALA 117 196 196 ALA ALA A . n 
A 1 118 PHE 118 197 197 PHE PHE A . n 
A 1 119 GLY 119 198 198 GLY GLY A . n 
A 1 120 PHE 120 199 199 PHE PHE A . n 
A 1 121 GLN 121 200 200 GLN GLN A . n 
A 1 122 GLY 122 201 201 GLY GLY A . n 
A 1 123 ARG 123 202 202 ARG ARG A . n 
A 1 124 LEU 124 203 203 LEU LEU A . n 
A 1 125 LEU 125 204 204 LEU LEU A . n 
A 1 126 HIS 126 205 205 HIS HIS A . n 
A 1 127 LEU 127 206 206 LEU LEU A . n 
A 1 128 SER 128 207 207 SER SER A . n 
A 1 129 ALA 129 208 208 ALA ALA A . n 
A 1 130 GLY 130 209 209 GLY GLY A . n 
A 1 131 GLN 131 210 210 GLN GLN A . n 
A 1 132 ARG 132 211 211 ARG ARG A . n 
A 1 133 LEU 133 212 212 LEU LEU A . n 
A 1 134 GLY 134 213 213 GLY GLY A . n 
A 1 135 VAL 135 214 214 VAL VAL A . n 
A 1 136 HIS 136 215 215 HIS HIS A . n 
A 1 137 LEU 137 216 216 LEU LEU A . n 
A 1 138 HIS 138 217 217 HIS HIS A . n 
A 1 139 THR 139 218 218 THR THR A . n 
A 1 140 GLU 140 219 219 GLU GLU A . n 
A 1 141 ALA 141 220 220 ALA ALA A . n 
A 1 142 ARG 142 221 221 ARG ARG A . n 
A 1 143 ALA 143 222 222 ALA ALA A . n 
A 1 144 ARG 144 223 223 ARG ARG A . n 
A 1 145 HIS 145 224 224 HIS HIS A . n 
A 1 146 ALA 146 225 225 ALA ALA A . n 
A 1 147 TRP 147 226 226 TRP TRP A . n 
A 1 148 GLN 148 227 227 GLN GLN A . n 
A 1 149 LEU 149 228 228 LEU LEU A . n 
A 1 150 THR 150 229 229 THR THR A . n 
A 1 151 GLN 151 230 230 GLN GLN A . n 
A 1 152 GLY 152 231 231 GLY GLY A . n 
A 1 153 ALA 153 232 232 ALA ALA A . n 
A 1 154 THR 154 233 233 THR THR A . n 
A 1 155 VAL 155 234 234 VAL VAL A . n 
A 1 156 LEU 156 235 235 LEU LEU A . n 
A 1 157 GLY 157 236 236 GLY GLY A . n 
A 1 158 LEU 158 237 237 LEU LEU A . n 
A 1 159 PHE 159 238 238 PHE PHE A . n 
A 1 160 ARG 160 239 239 ARG ARG A . n 
A 1 161 VAL 161 240 240 VAL VAL A . n 
A 1 162 THR 162 241 241 THR THR A . n 
A 1 163 PRO 163 242 242 PRO PRO A . n 
A 1 164 GLU 164 243 243 GLU GLU A . n 
A 1 165 ILE 165 244 244 ILE ILE A . n 
A 1 166 PRO 166 245 245 PRO PRO A . n 
A 1 167 ALA 167 246 246 ALA ALA A . n 
# 
loop_
_pdbx_nonpoly_scheme.asym_id 
_pdbx_nonpoly_scheme.entity_id 
_pdbx_nonpoly_scheme.mon_id 
_pdbx_nonpoly_scheme.ndb_seq_num 
_pdbx_nonpoly_scheme.pdb_seq_num 
_pdbx_nonpoly_scheme.auth_seq_num 
_pdbx_nonpoly_scheme.pdb_mon_id 
_pdbx_nonpoly_scheme.auth_mon_id 
_pdbx_nonpoly_scheme.pdb_strand_id 
_pdbx_nonpoly_scheme.pdb_ins_code 
B 2 HOH 1  2001 2001 HOH HOH A . 
B 2 HOH 2  2002 2002 HOH HOH A . 
B 2 HOH 3  2003 2003 HOH HOH A . 
B 2 HOH 4  2004 2004 HOH HOH A . 
B 2 HOH 5  2005 2005 HOH HOH A . 
B 2 HOH 6  2006 2006 HOH HOH A . 
B 2 HOH 7  2007 2007 HOH HOH A . 
B 2 HOH 8  2008 2008 HOH HOH A . 
B 2 HOH 9  2009 2009 HOH HOH A . 
B 2 HOH 10 2010 2010 HOH HOH A . 
B 2 HOH 11 2011 2011 HOH HOH A . 
B 2 HOH 12 2012 2012 HOH HOH A . 
B 2 HOH 13 2013 2013 HOH HOH A . 
B 2 HOH 14 2014 2014 HOH HOH A . 
B 2 HOH 15 2015 2015 HOH HOH A . 
B 2 HOH 16 2016 2016 HOH HOH A . 
B 2 HOH 17 2017 2017 HOH HOH A . 
B 2 HOH 18 2018 2018 HOH HOH A . 
B 2 HOH 19 2019 2019 HOH HOH A . 
B 2 HOH 20 2020 2020 HOH HOH A . 
B 2 HOH 21 2021 2021 HOH HOH A . 
B 2 HOH 22 2022 2022 HOH HOH A . 
B 2 HOH 23 2023 2023 HOH HOH A . 
B 2 HOH 24 2024 2024 HOH HOH A . 
B 2 HOH 25 2025 2025 HOH HOH A . 
B 2 HOH 26 2026 2026 HOH HOH A . 
B 2 HOH 27 2027 2027 HOH HOH A . 
B 2 HOH 28 2028 2028 HOH HOH A . 
B 2 HOH 29 2029 2029 HOH HOH A . 
B 2 HOH 30 2030 2030 HOH HOH A . 
B 2 HOH 31 2031 2031 HOH HOH A . 
B 2 HOH 32 2032 2032 HOH HOH A . 
B 2 HOH 33 2033 2033 HOH HOH A . 
B 2 HOH 34 2034 2034 HOH HOH A . 
B 2 HOH 35 2035 2035 HOH HOH A . 
B 2 HOH 36 2036 2036 HOH HOH A . 
B 2 HOH 37 2037 2037 HOH HOH A . 
B 2 HOH 38 2038 2038 HOH HOH A . 
B 2 HOH 39 2039 2039 HOH HOH A . 
B 2 HOH 40 2040 2040 HOH HOH A . 
B 2 HOH 41 2041 2041 HOH HOH A . 
B 2 HOH 42 2042 2042 HOH HOH A . 
B 2 HOH 43 2043 2043 HOH HOH A . 
B 2 HOH 44 2044 2044 HOH HOH A . 
B 2 HOH 45 2045 2045 HOH HOH A . 
B 2 HOH 46 2046 2046 HOH HOH A . 
B 2 HOH 47 2047 2047 HOH HOH A . 
B 2 HOH 48 2048 2048 HOH HOH A . 
B 2 HOH 49 2049 2049 HOH HOH A . 
B 2 HOH 50 2050 2050 HOH HOH A . 
B 2 HOH 51 2051 2051 HOH HOH A . 
B 2 HOH 52 2052 2052 HOH HOH A . 
B 2 HOH 53 2053 2053 HOH HOH A . 
B 2 HOH 54 2054 2054 HOH HOH A . 
B 2 HOH 55 2055 2055 HOH HOH A . 
B 2 HOH 56 2056 2056 HOH HOH A . 
B 2 HOH 57 2057 2057 HOH HOH A . 
B 2 HOH 58 2058 2058 HOH HOH A . 
B 2 HOH 59 2059 2059 HOH HOH A . 
B 2 HOH 60 2060 2060 HOH HOH A . 
B 2 HOH 61 2061 2061 HOH HOH A . 
B 2 HOH 62 2062 2062 HOH HOH A . 
B 2 HOH 63 2063 2063 HOH HOH A . 
B 2 HOH 64 2064 2064 HOH HOH A . 
B 2 HOH 65 2065 2065 HOH HOH A . 
B 2 HOH 66 2066 2066 HOH HOH A . 
B 2 HOH 67 2067 2067 HOH HOH A . 
B 2 HOH 68 2068 2068 HOH HOH A . 
B 2 HOH 69 2069 2069 HOH HOH A . 
B 2 HOH 70 2070 2070 HOH HOH A . 
B 2 HOH 71 2071 2071 HOH HOH A . 
# 
loop_
_software.name 
_software.classification 
_software.version 
_software.citation_id 
_software.pdbx_ordinal 
REFMAC    refinement       5.5.0109 ? 1 
HKL-2000  'data reduction' .        ? 2 
SCALEPACK 'data scaling'   .        ? 3 
# 
_cell.entry_id           2X29 
_cell.length_a           121.846 
_cell.length_b           121.846 
_cell.length_c           33.575 
_cell.angle_alpha        90.00 
_cell.angle_beta         90.00 
_cell.angle_gamma        120.00 
_cell.Z_PDB              6 
_cell.pdbx_unique_axis   ? 
# 
_symmetry.entry_id                         2X29 
_symmetry.space_group_name_H-M             'P 3 2 1' 
_symmetry.pdbx_full_space_group_name_H-M   ? 
_symmetry.cell_setting                     ? 
_symmetry.Int_Tables_number                150 
# 
_exptl.entry_id          2X29 
_exptl.method            'X-RAY DIFFRACTION' 
_exptl.crystals_number   ? 
# 
_exptl_crystal.id                    1 
_exptl_crystal.density_meas          ? 
_exptl_crystal.density_Matthews      4.03 
_exptl_crystal.density_percent_sol   69.53 
_exptl_crystal.description           NONE 
# 
_exptl_crystal_grow.crystal_id      1 
_exptl_crystal_grow.method          ? 
_exptl_crystal_grow.temp            ? 
_exptl_crystal_grow.temp_details    ? 
_exptl_crystal_grow.pH              ? 
_exptl_crystal_grow.pdbx_pH_range   ? 
_exptl_crystal_grow.pdbx_details    '0.1M SODIUM CHLORIDE, 0.1M BIS-TRIS PH6.5, 1.5M AMMONIUM SULFATE' 
# 
_diffrn.id                     1 
_diffrn.ambient_temp           97 
_diffrn.ambient_temp_details   ? 
_diffrn.crystal_id             1 
# 
_diffrn_detector.diffrn_id              1 
_diffrn_detector.detector               CCD 
_diffrn_detector.type                   'ADSC CCD' 
_diffrn_detector.pdbx_collection_date   2007-05-15 
_diffrn_detector.details                ? 
# 
_diffrn_radiation.diffrn_id                        1 
_diffrn_radiation.wavelength_id                    1 
_diffrn_radiation.pdbx_monochromatic_or_laue_m_l   M 
_diffrn_radiation.monochromator                    ? 
_diffrn_radiation.pdbx_diffrn_protocol             'SINGLE WAVELENGTH' 
_diffrn_radiation.pdbx_scattering_type             x-ray 
# 
_diffrn_radiation_wavelength.id           1 
_diffrn_radiation_wavelength.wavelength   0.9797 
_diffrn_radiation_wavelength.wt           1.0 
# 
_diffrn_source.diffrn_id                   1 
_diffrn_source.source                      SYNCHROTRON 
_diffrn_source.type                        'PAL/PLS BEAMLINE 4A' 
_diffrn_source.pdbx_synchrotron_site       PAL/PLS 
_diffrn_source.pdbx_synchrotron_beamline   4A 
_diffrn_source.pdbx_wavelength             0.9797 
_diffrn_source.pdbx_wavelength_list        ? 
# 
_reflns.pdbx_diffrn_id               1 
_reflns.pdbx_ordinal                 1 
_reflns.entry_id                     2X29 
_reflns.observed_criterion_sigma_I   32.0 
_reflns.observed_criterion_sigma_F   ? 
_reflns.d_resolution_low             50.00 
_reflns.d_resolution_high            2.30 
_reflns.number_obs                   13136 
_reflns.number_all                   ? 
_reflns.percent_possible_obs         100.0 
_reflns.pdbx_Rmerge_I_obs            0.08 
_reflns.pdbx_Rsym_value              ? 
_reflns.pdbx_netI_over_sigmaI        ? 
_reflns.B_iso_Wilson_estimate        ? 
_reflns.pdbx_redundancy              100 
# 
_reflns_shell.pdbx_diffrn_id         1 
_reflns_shell.pdbx_ordinal           1 
_reflns_shell.d_res_high             2.30 
_reflns_shell.d_res_low              50.00 
_reflns_shell.percent_possible_all   100.0 
_reflns_shell.Rmerge_I_obs           0.08 
_reflns_shell.pdbx_Rsym_value        ? 
_reflns_shell.meanI_over_sigI_obs    32.00 
_reflns_shell.pdbx_redundancy        18.7 
# 
_refine.pdbx_refine_id                           'X-RAY DIFFRACTION' 
_refine.entry_id                                 2X29 
_refine.pdbx_diffrn_id                           1 
_refine.pdbx_TLS_residual_ADP_flag               ? 
_refine.ls_number_reflns_obs                     12250 
_refine.ls_number_reflns_all                     ? 
_refine.pdbx_ls_sigma_I                          ? 
_refine.pdbx_ls_sigma_F                          . 
_refine.pdbx_data_cutoff_high_absF               ? 
_refine.pdbx_data_cutoff_low_absF                ? 
_refine.pdbx_data_cutoff_high_rms_absF           ? 
_refine.ls_d_res_low                             39.88 
_refine.ls_d_res_high                            2.30 
_refine.ls_percent_reflns_obs                    99.85 
_refine.ls_R_factor_obs                          0.21976 
_refine.ls_R_factor_all                          ? 
_refine.ls_R_factor_R_work                       0.21896 
_refine.ls_R_factor_R_free                       0.23456 
_refine.ls_R_factor_R_free_error                 ? 
_refine.ls_R_factor_R_free_error_details         ? 
_refine.ls_percent_reflns_R_free                 4.9 
_refine.ls_number_reflns_R_free                  637 
_refine.ls_number_parameters                     ? 
_refine.ls_number_restraints                     ? 
_refine.occupancy_min                            ? 
_refine.occupancy_max                            ? 
_refine.correlation_coeff_Fo_to_Fc               0.914 
_refine.correlation_coeff_Fo_to_Fc_free          0.911 
_refine.B_iso_mean                               24.787 
_refine.aniso_B[1][1]                            0.00 
_refine.aniso_B[2][2]                            0.00 
_refine.aniso_B[3][3]                            0.00 
_refine.aniso_B[1][2]                            0.00 
_refine.aniso_B[1][3]                            0.00 
_refine.aniso_B[2][3]                            0.00 
_refine.solvent_model_details                    MASK 
_refine.solvent_model_param_ksol                 ? 
_refine.solvent_model_param_bsol                 ? 
_refine.pdbx_solvent_vdw_probe_radii             1.40 
_refine.pdbx_solvent_ion_probe_radii             0.80 
_refine.pdbx_solvent_shrinkage_radii             0.80 
_refine.pdbx_ls_cross_valid_method               THROUGHOUT 
_refine.details                                  
'HYDROGENS HAVE BEEN ADDED IN THE RIDING POSITIONS. U VALUES REFINED INDIVIDUALLY.' 
_refine.pdbx_starting_model                      NONE 
_refine.pdbx_method_to_determine_struct          SAD 
_refine.pdbx_isotropic_thermal_model             ? 
_refine.pdbx_stereochemistry_target_values       'MAXIMUM LIKELIHOOD' 
_refine.pdbx_stereochem_target_val_spec_case     ? 
_refine.pdbx_R_Free_selection_details            RANDOM 
_refine.pdbx_overall_ESU_R                       0.212 
_refine.pdbx_overall_ESU_R_Free                  0.175 
_refine.overall_SU_ML                            0.117 
_refine.pdbx_overall_phase_error                 ? 
_refine.overall_SU_B                             4.639 
_refine.overall_SU_R_Cruickshank_DPI             ? 
_refine.pdbx_overall_SU_R_free_Cruickshank_DPI   ? 
_refine.pdbx_overall_SU_R_Blow_DPI               ? 
_refine.pdbx_overall_SU_R_free_Blow_DPI          ? 
# 
_refine_hist.pdbx_refine_id                   'X-RAY DIFFRACTION' 
_refine_hist.cycle_id                         LAST 
_refine_hist.pdbx_number_atoms_protein        1176 
_refine_hist.pdbx_number_atoms_nucleic_acid   0 
_refine_hist.pdbx_number_atoms_ligand         0 
_refine_hist.number_atoms_solvent             71 
_refine_hist.number_atoms_total               1247 
_refine_hist.d_res_high                       2.30 
_refine_hist.d_res_low                        39.88 
# 
loop_
_refine_ls_restr.type 
_refine_ls_restr.dev_ideal 
_refine_ls_restr.dev_ideal_target 
_refine_ls_restr.weight 
_refine_ls_restr.number 
_refine_ls_restr.pdbx_refine_id 
_refine_ls_restr.pdbx_restraint_function 
r_bond_refined_d             0.027  0.022  ? 1200 'X-RAY DIFFRACTION' ? 
r_bond_other_d               ?      ?      ? ?    'X-RAY DIFFRACTION' ? 
r_angle_refined_deg          1.905  1.974  ? 1629 'X-RAY DIFFRACTION' ? 
r_angle_other_deg            ?      ?      ? ?    'X-RAY DIFFRACTION' ? 
r_dihedral_angle_1_deg       7.317  5.000  ? 153  'X-RAY DIFFRACTION' ? 
r_dihedral_angle_2_deg       36.442 22.708 ? 48   'X-RAY DIFFRACTION' ? 
r_dihedral_angle_3_deg       15.244 15.000 ? 187  'X-RAY DIFFRACTION' ? 
r_dihedral_angle_4_deg       16.788 15.000 ? 9    'X-RAY DIFFRACTION' ? 
r_chiral_restr               0.167  0.200  ? 188  'X-RAY DIFFRACTION' ? 
r_gen_planes_refined         0.010  0.021  ? 901  'X-RAY DIFFRACTION' ? 
r_gen_planes_other           ?      ?      ? ?    'X-RAY DIFFRACTION' ? 
r_nbd_refined                ?      ?      ? ?    'X-RAY DIFFRACTION' ? 
r_nbd_other                  ?      ?      ? ?    'X-RAY DIFFRACTION' ? 
r_nbtor_refined              ?      ?      ? ?    'X-RAY DIFFRACTION' ? 
r_nbtor_other                ?      ?      ? ?    'X-RAY DIFFRACTION' ? 
r_xyhbond_nbd_refined        ?      ?      ? ?    'X-RAY DIFFRACTION' ? 
r_xyhbond_nbd_other          ?      ?      ? ?    'X-RAY DIFFRACTION' ? 
r_metal_ion_refined          ?      ?      ? ?    'X-RAY DIFFRACTION' ? 
r_metal_ion_other            ?      ?      ? ?    'X-RAY DIFFRACTION' ? 
r_symmetry_vdw_refined       ?      ?      ? ?    'X-RAY DIFFRACTION' ? 
r_symmetry_vdw_other         ?      ?      ? ?    'X-RAY DIFFRACTION' ? 
r_symmetry_hbond_refined     ?      ?      ? ?    'X-RAY DIFFRACTION' ? 
r_symmetry_hbond_other       ?      ?      ? ?    'X-RAY DIFFRACTION' ? 
r_symmetry_metal_ion_refined ?      ?      ? ?    'X-RAY DIFFRACTION' ? 
r_symmetry_metal_ion_other   ?      ?      ? ?    'X-RAY DIFFRACTION' ? 
r_mcbond_it                  1.272  1.500  ? 768  'X-RAY DIFFRACTION' ? 
r_mcbond_other               ?      ?      ? ?    'X-RAY DIFFRACTION' ? 
r_mcangle_it                 2.334  2.000  ? 1216 'X-RAY DIFFRACTION' ? 
r_mcangle_other              ?      ?      ? ?    'X-RAY DIFFRACTION' ? 
r_scbond_it                  4.318  3.000  ? 432  'X-RAY DIFFRACTION' ? 
r_scbond_other               ?      ?      ? ?    'X-RAY DIFFRACTION' ? 
r_scangle_it                 6.652  4.500  ? 413  'X-RAY DIFFRACTION' ? 
r_scangle_other              ?      ?      ? ?    'X-RAY DIFFRACTION' ? 
r_long_range_B_refined       ?      ?      ? ?    'X-RAY DIFFRACTION' ? 
r_long_range_B_other         ?      ?      ? ?    'X-RAY DIFFRACTION' ? 
r_rigid_bond_restr           ?      ?      ? ?    'X-RAY DIFFRACTION' ? 
r_sphericity_free            ?      ?      ? ?    'X-RAY DIFFRACTION' ? 
r_sphericity_bonded          ?      ?      ? ?    'X-RAY DIFFRACTION' ? 
# 
_refine_ls_shell.pdbx_refine_id                   'X-RAY DIFFRACTION' 
_refine_ls_shell.pdbx_total_number_of_bins_used   20 
_refine_ls_shell.d_res_high                       2.301 
_refine_ls_shell.d_res_low                        2.361 
_refine_ls_shell.number_reflns_R_work             902 
_refine_ls_shell.R_factor_R_work                  0.210 
_refine_ls_shell.percent_reflns_obs               99.89 
_refine_ls_shell.R_factor_R_free                  0.216 
_refine_ls_shell.R_factor_R_free_error            ? 
_refine_ls_shell.percent_reflns_R_free            ? 
_refine_ls_shell.number_reflns_R_free             45 
_refine_ls_shell.number_reflns_all                ? 
_refine_ls_shell.R_factor_all                     ? 
# 
_struct.entry_id                  2X29 
_struct.title                     'Crystal structure of human4-1BB ligand ectodomain' 
_struct.pdbx_model_details        ? 
_struct.pdbx_CASP_flag            ? 
_struct.pdbx_model_type_details   ? 
# 
_struct_keywords.entry_id        2X29 
_struct_keywords.pdbx_keywords   'CELL ADHESION' 
_struct_keywords.text            'SIGNAL-ANCHOR, CYTOKINE, CELL ADHESION' 
# 
loop_
_struct_asym.id 
_struct_asym.pdbx_blank_PDB_chainid_flag 
_struct_asym.pdbx_modified 
_struct_asym.entity_id 
_struct_asym.details 
A N N 1 ? 
B N N 2 ? 
# 
_struct_ref.id                         1 
_struct_ref.db_name                    UNP 
_struct_ref.db_code                    TNFL9_HUMAN 
_struct_ref.entity_id                  1 
_struct_ref.pdbx_seq_one_letter_code   ? 
_struct_ref.pdbx_align_begin           ? 
_struct_ref.pdbx_db_accession          P41273 
_struct_ref.pdbx_db_isoform            ? 
# 
_struct_ref_seq.align_id                      1 
_struct_ref_seq.ref_id                        1 
_struct_ref_seq.pdbx_PDB_id_code              2X29 
_struct_ref_seq.pdbx_strand_id                A 
_struct_ref_seq.seq_align_beg                 1 
_struct_ref_seq.pdbx_seq_align_beg_ins_code   ? 
_struct_ref_seq.seq_align_end                 167 
_struct_ref_seq.pdbx_seq_align_end_ins_code   ? 
_struct_ref_seq.pdbx_db_accession             P41273 
_struct_ref_seq.db_align_beg                  80 
_struct_ref_seq.pdbx_db_align_beg_ins_code    ? 
_struct_ref_seq.db_align_end                  246 
_struct_ref_seq.pdbx_db_align_end_ins_code    ? 
_struct_ref_seq.pdbx_auth_seq_align_beg       80 
_struct_ref_seq.pdbx_auth_seq_align_end       246 
# 
loop_
_struct_ref_seq_dif.align_id 
_struct_ref_seq_dif.pdbx_pdb_id_code 
_struct_ref_seq_dif.mon_id 
_struct_ref_seq_dif.pdbx_pdb_strand_id 
_struct_ref_seq_dif.seq_num 
_struct_ref_seq_dif.pdbx_pdb_ins_code 
_struct_ref_seq_dif.pdbx_seq_db_name 
_struct_ref_seq_dif.pdbx_seq_db_accession_code 
_struct_ref_seq_dif.db_mon_id 
_struct_ref_seq_dif.pdbx_seq_db_seq_num 
_struct_ref_seq_dif.details 
_struct_ref_seq_dif.pdbx_auth_seq_num 
_struct_ref_seq_dif.pdbx_ordinal 
1 2X29 MSE A 68 ? UNP P41273 LEU 147 'engineered mutation' 147 1 
1 2X29 MSE A 89 ? UNP P41273 GLN 168 'engineered mutation' 168 2 
# 
_pdbx_struct_assembly.id                   1 
_pdbx_struct_assembly.details              author_and_software_defined_assembly 
_pdbx_struct_assembly.method_details       PISA 
_pdbx_struct_assembly.oligomeric_details   trimeric 
_pdbx_struct_assembly.oligomeric_count     3 
# 
loop_
_pdbx_struct_assembly_prop.biol_id 
_pdbx_struct_assembly_prop.type 
_pdbx_struct_assembly_prop.value 
_pdbx_struct_assembly_prop.details 
1 'ABSA (A^2)' 2930   ? 
1 MORE         -26.41 ? 
1 'SSA (A^2)'  21700  ? 
# 
_pdbx_struct_assembly_gen.assembly_id       1 
_pdbx_struct_assembly_gen.oper_expression   1,2,3 
_pdbx_struct_assembly_gen.asym_id_list      A,B 
# 
loop_
_pdbx_struct_oper_list.id 
_pdbx_struct_oper_list.type 
_pdbx_struct_oper_list.name 
_pdbx_struct_oper_list.symmetry_operation 
_pdbx_struct_oper_list.matrix[1][1] 
_pdbx_struct_oper_list.matrix[1][2] 
_pdbx_struct_oper_list.matrix[1][3] 
_pdbx_struct_oper_list.vector[1] 
_pdbx_struct_oper_list.matrix[2][1] 
_pdbx_struct_oper_list.matrix[2][2] 
_pdbx_struct_oper_list.matrix[2][3] 
_pdbx_struct_oper_list.vector[2] 
_pdbx_struct_oper_list.matrix[3][1] 
_pdbx_struct_oper_list.matrix[3][2] 
_pdbx_struct_oper_list.matrix[3][3] 
_pdbx_struct_oper_list.vector[3] 
1 'identity operation'         1_555 x,y,z        1.0000000000  0.0000000000  0.0000000000  0.0000000000   0.0000000000  1.0000000000  0.0000000000  0.0000000000  0.0000000000  0.0000000000  1.0000000000 0.0000000000   
2 'crystal symmetry operation' 3_565 -x+y,-x+1,z  -0.1140873951 -0.7870334123 -0.6062693084 -15.4600823326 0.7025748367  -0.4953789725 0.5108701131  26.0429122946 -0.7024049154 -0.3676657199 0.6094663676 -10.7987368520 
3 'crystal symmetry operation' 2_665 -y+1,x-y+1,z -0.1140873951 0.7025748367  -0.7024049154 -27.6459812186 -0.7870334123 -0.4953789725 -0.3676657199 -3.2368155762 -0.6062693084 0.5108701131  0.6094663676 -16.0960520504 
# 
_struct_biol.id   1 
# 
_struct_conf.conf_type_id            HELX_P 
_struct_conf.id                      HELX_P1 
_struct_conf.pdbx_PDB_helix_id       1 
_struct_conf.beg_label_comp_id       GLU 
_struct_conf.beg_label_asym_id       A 
_struct_conf.beg_label_seq_id        140 
_struct_conf.pdbx_beg_PDB_ins_code   ? 
_struct_conf.end_label_comp_id       HIS 
_struct_conf.end_label_asym_id       A 
_struct_conf.end_label_seq_id        145 
_struct_conf.pdbx_end_PDB_ins_code   ? 
_struct_conf.beg_auth_comp_id        GLU 
_struct_conf.beg_auth_asym_id        A 
_struct_conf.beg_auth_seq_id         219 
_struct_conf.end_auth_comp_id        HIS 
_struct_conf.end_auth_asym_id        A 
_struct_conf.end_auth_seq_id         224 
_struct_conf.pdbx_PDB_helix_class    1 
_struct_conf.details                 ? 
_struct_conf.pdbx_PDB_helix_length   6 
# 
_struct_conf_type.id          HELX_P 
_struct_conf_type.criteria    ? 
_struct_conf_type.reference   ? 
# 
loop_
_struct_conn.id 
_struct_conn.conn_type_id 
_struct_conn.pdbx_leaving_atom_flag 
_struct_conn.pdbx_PDB_id 
_struct_conn.ptnr1_label_asym_id 
_struct_conn.ptnr1_label_comp_id 
_struct_conn.ptnr1_label_seq_id 
_struct_conn.ptnr1_label_atom_id 
_struct_conn.pdbx_ptnr1_label_alt_id 
_struct_conn.pdbx_ptnr1_PDB_ins_code 
_struct_conn.pdbx_ptnr1_standard_comp_id 
_struct_conn.ptnr1_symmetry 
_struct_conn.ptnr2_label_asym_id 
_struct_conn.ptnr2_label_comp_id 
_struct_conn.ptnr2_label_seq_id 
_struct_conn.ptnr2_label_atom_id 
_struct_conn.pdbx_ptnr2_label_alt_id 
_struct_conn.pdbx_ptnr2_PDB_ins_code 
_struct_conn.ptnr1_auth_asym_id 
_struct_conn.ptnr1_auth_comp_id 
_struct_conn.ptnr1_auth_seq_id 
_struct_conn.ptnr2_auth_asym_id 
_struct_conn.ptnr2_auth_comp_id 
_struct_conn.ptnr2_auth_seq_id 
_struct_conn.ptnr2_symmetry 
_struct_conn.pdbx_ptnr3_label_atom_id 
_struct_conn.pdbx_ptnr3_label_seq_id 
_struct_conn.pdbx_ptnr3_label_comp_id 
_struct_conn.pdbx_ptnr3_label_asym_id 
_struct_conn.pdbx_ptnr3_label_alt_id 
_struct_conn.pdbx_ptnr3_PDB_ins_code 
_struct_conn.details 
_struct_conn.pdbx_dist_value 
_struct_conn.pdbx_value_order 
_struct_conn.pdbx_role 
covale1 covale both ? A GLY 11 C ? ? ? 1_555 A MSE 12 N ? ? A GLY 90  A MSE 91  1_555 ? ? ? ? ? ? ? 1.331 ? ? 
covale2 covale both ? A MSE 12 C ? ? ? 1_555 A PHE 13 N ? ? A MSE 91  A PHE 92  1_555 ? ? ? ? ? ? ? 1.305 ? ? 
covale3 covale both ? A GLN 67 C ? ? ? 1_555 A MSE 68 N ? ? A GLN 146 A MSE 147 1_555 ? ? ? ? ? ? ? 1.315 ? ? 
covale4 covale both ? A MSE 68 C ? ? ? 1_555 A GLU 69 N ? ? A MSE 147 A GLU 148 1_555 ? ? ? ? ? ? ? 1.325 ? ? 
covale5 covale both ? A LEU 88 C ? ? ? 1_555 A MSE 89 N ? ? A LEU 167 A MSE 168 1_555 ? ? ? ? ? ? ? 1.330 ? ? 
covale6 covale both ? A MSE 89 C ? ? ? 1_555 A PRO 90 N ? ? A MSE 168 A PRO 169 1_555 ? ? ? ? ? ? ? 1.347 ? ? 
# 
_struct_conn_type.id          covale 
_struct_conn_type.criteria    ? 
_struct_conn_type.reference   ? 
# 
loop_
_pdbx_modification_feature.ordinal 
_pdbx_modification_feature.label_comp_id 
_pdbx_modification_feature.label_asym_id 
_pdbx_modification_feature.label_seq_id 
_pdbx_modification_feature.label_alt_id 
_pdbx_modification_feature.modified_residue_label_comp_id 
_pdbx_modification_feature.modified_residue_label_asym_id 
_pdbx_modification_feature.modified_residue_label_seq_id 
_pdbx_modification_feature.modified_residue_label_alt_id 
_pdbx_modification_feature.auth_comp_id 
_pdbx_modification_feature.auth_asym_id 
_pdbx_modification_feature.auth_seq_id 
_pdbx_modification_feature.PDB_ins_code 
_pdbx_modification_feature.symmetry 
_pdbx_modification_feature.modified_residue_auth_comp_id 
_pdbx_modification_feature.modified_residue_auth_asym_id 
_pdbx_modification_feature.modified_residue_auth_seq_id 
_pdbx_modification_feature.modified_residue_PDB_ins_code 
_pdbx_modification_feature.modified_residue_symmetry 
_pdbx_modification_feature.comp_id_linking_atom 
_pdbx_modification_feature.modified_residue_id_linking_atom 
_pdbx_modification_feature.modified_residue_id 
_pdbx_modification_feature.ref_pcm_id 
_pdbx_modification_feature.ref_comp_id 
_pdbx_modification_feature.type 
_pdbx_modification_feature.category 
1 MSE A 12 ? . . . . MSE A 91  ? 1_555 . . . . . . . MET 1 MSE Selenomethionine 'Named protein modification' 
2 MSE A 68 ? . . . . MSE A 147 ? 1_555 . . . . . . . MET 1 MSE Selenomethionine 'Named protein modification' 
3 MSE A 89 ? . . . . MSE A 168 ? 1_555 . . . . . . . MET 1 MSE Selenomethionine 'Named protein modification' 
# 
_struct_mon_prot_cis.pdbx_id                1 
_struct_mon_prot_cis.label_comp_id          MSE 
_struct_mon_prot_cis.label_seq_id           89 
_struct_mon_prot_cis.label_asym_id          A 
_struct_mon_prot_cis.label_alt_id           . 
_struct_mon_prot_cis.pdbx_PDB_ins_code      ? 
_struct_mon_prot_cis.auth_comp_id           MSE 
_struct_mon_prot_cis.auth_seq_id            168 
_struct_mon_prot_cis.auth_asym_id           A 
_struct_mon_prot_cis.pdbx_label_comp_id_2   PRO 
_struct_mon_prot_cis.pdbx_label_seq_id_2    90 
_struct_mon_prot_cis.pdbx_label_asym_id_2   A 
_struct_mon_prot_cis.pdbx_PDB_ins_code_2    ? 
_struct_mon_prot_cis.pdbx_auth_comp_id_2    PRO 
_struct_mon_prot_cis.pdbx_auth_seq_id_2     169 
_struct_mon_prot_cis.pdbx_auth_asym_id_2    A 
_struct_mon_prot_cis.pdbx_PDB_model_num     1 
_struct_mon_prot_cis.pdbx_omega_angle       -4.87 
# 
loop_
_struct_sheet.id 
_struct_sheet.type 
_struct_sheet.number_strands 
_struct_sheet.details 
AA ? 5 ? 
AB ? 4 ? 
AC ? 5 ? 
AD ? 5 ? 
AE ? 2 ? 
# 
loop_
_struct_sheet_order.sheet_id 
_struct_sheet_order.range_id_1 
_struct_sheet_order.range_id_2 
_struct_sheet_order.offset 
_struct_sheet_order.sense 
AA 1 2 ? parallel      
AA 2 3 ? anti-parallel 
AA 3 4 ? anti-parallel 
AA 4 5 ? anti-parallel 
AB 1 2 ? parallel      
AB 2 3 ? anti-parallel 
AB 3 4 ? parallel      
AC 1 2 ? anti-parallel 
AC 2 3 ? anti-parallel 
AC 3 4 ? anti-parallel 
AC 4 5 ? parallel      
AD 1 2 ? anti-parallel 
AD 2 3 ? anti-parallel 
AD 3 4 ? anti-parallel 
AD 4 5 ? anti-parallel 
AE 1 2 ? parallel      
# 
loop_
_struct_sheet_range.sheet_id 
_struct_sheet_range.id 
_struct_sheet_range.beg_label_comp_id 
_struct_sheet_range.beg_label_asym_id 
_struct_sheet_range.beg_label_seq_id 
_struct_sheet_range.pdbx_beg_PDB_ins_code 
_struct_sheet_range.end_label_comp_id 
_struct_sheet_range.end_label_asym_id 
_struct_sheet_range.end_label_seq_id 
_struct_sheet_range.pdbx_end_PDB_ins_code 
_struct_sheet_range.beg_auth_comp_id 
_struct_sheet_range.beg_auth_asym_id 
_struct_sheet_range.beg_auth_seq_id 
_struct_sheet_range.end_auth_comp_id 
_struct_sheet_range.end_auth_asym_id 
_struct_sheet_range.end_auth_seq_id 
AA 1 GLY A 4   ? LEU A 6   ? GLY A 83  LEU A 85  
AA 2 LEU A 54  ? VAL A 56  ? LEU A 133 VAL A 135 
AA 3 GLN A 131 ? HIS A 138 ? GLN A 210 HIS A 217 
AA 4 GLY A 80  ? MSE A 89  ? GLY A 159 MSE A 168 
AA 5 LEU A 100 ? LEU A 106 ? LEU A 179 LEU A 185 
AB 1 GLY A 4   ? LEU A 6   ? GLY A 83  LEU A 85  
AB 2 LEU A 54  ? VAL A 56  ? LEU A 133 VAL A 135 
AB 3 GLN A 131 ? HIS A 138 ? GLN A 210 HIS A 217 
AB 4 GLY A 26  ? PRO A 27  ? GLY A 105 PRO A 106 
AC 1 TRP A 30  ? TYR A 31  ? TRP A 109 TYR A 110 
AC 2 PHE A 13  ? ALA A 18  ? PHE A 92  ALA A 97  
AC 3 VAL A 155 ? ARG A 160 ? VAL A 234 ARG A 239 
AC 4 GLY A 60  ? ARG A 72  ? GLY A 139 ARG A 151 
AC 5 TRP A 147 ? LEU A 149 ? TRP A 226 LEU A 228 
AD 1 TRP A 30  ? TYR A 31  ? TRP A 109 TYR A 110 
AD 2 PHE A 13  ? ALA A 18  ? PHE A 92  ALA A 97  
AD 3 VAL A 155 ? ARG A 160 ? VAL A 234 ARG A 239 
AD 4 GLY A 60  ? ARG A 72  ? GLY A 139 ARG A 151 
AD 5 SER A 116 ? LEU A 127 ? SER A 195 LEU A 206 
AE 1 TRP A 147 ? LEU A 149 ? TRP A 226 LEU A 228 
AE 2 GLY A 60  ? ARG A 72  ? GLY A 139 ARG A 151 
# 
loop_
_pdbx_struct_sheet_hbond.sheet_id 
_pdbx_struct_sheet_hbond.range_id_1 
_pdbx_struct_sheet_hbond.range_id_2 
_pdbx_struct_sheet_hbond.range_1_label_atom_id 
_pdbx_struct_sheet_hbond.range_1_label_comp_id 
_pdbx_struct_sheet_hbond.range_1_label_asym_id 
_pdbx_struct_sheet_hbond.range_1_label_seq_id 
_pdbx_struct_sheet_hbond.range_1_PDB_ins_code 
_pdbx_struct_sheet_hbond.range_1_auth_atom_id 
_pdbx_struct_sheet_hbond.range_1_auth_comp_id 
_pdbx_struct_sheet_hbond.range_1_auth_asym_id 
_pdbx_struct_sheet_hbond.range_1_auth_seq_id 
_pdbx_struct_sheet_hbond.range_2_label_atom_id 
_pdbx_struct_sheet_hbond.range_2_label_comp_id 
_pdbx_struct_sheet_hbond.range_2_label_asym_id 
_pdbx_struct_sheet_hbond.range_2_label_seq_id 
_pdbx_struct_sheet_hbond.range_2_PDB_ins_code 
_pdbx_struct_sheet_hbond.range_2_auth_atom_id 
_pdbx_struct_sheet_hbond.range_2_auth_comp_id 
_pdbx_struct_sheet_hbond.range_2_auth_asym_id 
_pdbx_struct_sheet_hbond.range_2_auth_seq_id 
AA 1 2 N LEU A 6   ? N LEU A 85  O VAL A 55  ? O VAL A 134 
AA 2 3 N VAL A 56  ? N VAL A 135 O GLN A 131 ? O GLN A 210 
AA 3 4 N HIS A 138 ? N HIS A 217 O SER A 83  ? O SER A 162 
AA 4 5 N LEU A 86  ? N LEU A 165 O LEU A 100 ? O LEU A 179 
AB 1 2 N LEU A 6   ? N LEU A 85  O VAL A 55  ? O VAL A 134 
AB 2 3 N VAL A 56  ? N VAL A 135 O GLN A 131 ? O GLN A 210 
AB 3 4 N LEU A 137 ? N LEU A 216 O GLY A 26  ? O GLY A 105 
AC 1 2 N TYR A 31  ? N TYR A 110 O VAL A 17  ? O VAL A 96  
AC 2 3 N LEU A 16  ? N LEU A 95  O LEU A 156 ? O LEU A 235 
AC 3 4 N PHE A 159 ? N PHE A 238 O TYR A 63  ? O TYR A 142 
AC 4 5 N ARG A 71  ? N ARG A 150 O GLN A 148 ? O GLN A 227 
AD 1 2 N TYR A 31  ? N TYR A 110 O VAL A 17  ? O VAL A 96  
AD 2 3 N LEU A 16  ? N LEU A 95  O LEU A 156 ? O LEU A 235 
AD 3 4 N PHE A 159 ? N PHE A 238 O TYR A 63  ? O TYR A 142 
AD 4 5 N LEU A 70  ? N LEU A 149 O ALA A 117 ? O ALA A 196 
AE 1 2 N GLN A 148 ? N GLN A 227 O ARG A 71  ? O ARG A 150 
# 
_pdbx_entry_details.entry_id                   2X29 
_pdbx_entry_details.compound_details           
;ENGINEERED RESIDUE IN CHAIN A, LEU 147 TO MET
ENGINEERED RESIDUE IN CHAIN A, GLN 168 TO MET
;
_pdbx_entry_details.source_details             ? 
_pdbx_entry_details.nonpolymer_details         ? 
_pdbx_entry_details.sequence_details           ? 
_pdbx_entry_details.has_ligand_of_interest     ? 
_pdbx_entry_details.has_protein_modification   Y 
# 
_pdbx_validate_rmsd_angle.id                         1 
_pdbx_validate_rmsd_angle.PDB_model_num              1 
_pdbx_validate_rmsd_angle.auth_atom_id_1             NE 
_pdbx_validate_rmsd_angle.auth_asym_id_1             A 
_pdbx_validate_rmsd_angle.auth_comp_id_1             ARG 
_pdbx_validate_rmsd_angle.auth_seq_id_1              211 
_pdbx_validate_rmsd_angle.PDB_ins_code_1             ? 
_pdbx_validate_rmsd_angle.label_alt_id_1             ? 
_pdbx_validate_rmsd_angle.auth_atom_id_2             CZ 
_pdbx_validate_rmsd_angle.auth_asym_id_2             A 
_pdbx_validate_rmsd_angle.auth_comp_id_2             ARG 
_pdbx_validate_rmsd_angle.auth_seq_id_2              211 
_pdbx_validate_rmsd_angle.PDB_ins_code_2             ? 
_pdbx_validate_rmsd_angle.label_alt_id_2             ? 
_pdbx_validate_rmsd_angle.auth_atom_id_3             NH2 
_pdbx_validate_rmsd_angle.auth_asym_id_3             A 
_pdbx_validate_rmsd_angle.auth_comp_id_3             ARG 
_pdbx_validate_rmsd_angle.auth_seq_id_3              211 
_pdbx_validate_rmsd_angle.PDB_ins_code_3             ? 
_pdbx_validate_rmsd_angle.label_alt_id_3             ? 
_pdbx_validate_rmsd_angle.angle_value                115.73 
_pdbx_validate_rmsd_angle.angle_target_value         120.30 
_pdbx_validate_rmsd_angle.angle_deviation            -4.57 
_pdbx_validate_rmsd_angle.angle_standard_deviation   0.50 
_pdbx_validate_rmsd_angle.linker_flag                N 
# 
loop_
_pdbx_validate_torsion.id 
_pdbx_validate_torsion.PDB_model_num 
_pdbx_validate_torsion.auth_comp_id 
_pdbx_validate_torsion.auth_asym_id 
_pdbx_validate_torsion.auth_seq_id 
_pdbx_validate_torsion.PDB_ins_code 
_pdbx_validate_torsion.label_alt_id 
_pdbx_validate_torsion.phi 
_pdbx_validate_torsion.psi 
1 1 THR A 121 ? ? -128.95 -166.83 
2 1 ALA A 177 ? ? -32.77  125.21  
# 
loop_
_pdbx_struct_mod_residue.id 
_pdbx_struct_mod_residue.label_asym_id 
_pdbx_struct_mod_residue.label_comp_id 
_pdbx_struct_mod_residue.label_seq_id 
_pdbx_struct_mod_residue.auth_asym_id 
_pdbx_struct_mod_residue.auth_comp_id 
_pdbx_struct_mod_residue.auth_seq_id 
_pdbx_struct_mod_residue.PDB_ins_code 
_pdbx_struct_mod_residue.parent_comp_id 
_pdbx_struct_mod_residue.details 
1 A MSE 12 A MSE 91  ? MET SELENOMETHIONINE 
2 A MSE 68 A MSE 147 ? MET SELENOMETHIONINE 
3 A MSE 89 A MSE 168 ? MET SELENOMETHIONINE 
# 
loop_
_pdbx_unobs_or_zero_occ_residues.id 
_pdbx_unobs_or_zero_occ_residues.PDB_model_num 
_pdbx_unobs_or_zero_occ_residues.polymer_flag 
_pdbx_unobs_or_zero_occ_residues.occupancy_flag 
_pdbx_unobs_or_zero_occ_residues.auth_asym_id 
_pdbx_unobs_or_zero_occ_residues.auth_comp_id 
_pdbx_unobs_or_zero_occ_residues.auth_seq_id 
_pdbx_unobs_or_zero_occ_residues.PDB_ins_code 
_pdbx_unobs_or_zero_occ_residues.label_asym_id 
_pdbx_unobs_or_zero_occ_residues.label_comp_id 
_pdbx_unobs_or_zero_occ_residues.label_seq_id 
1  1 Y 1 A LEU 170 ? A LEU 91  
2  1 Y 1 A ARG 171 ? A ARG 92  
3  1 Y 1 A SER 172 ? A SER 93  
4  1 Y 1 A ALA 173 ? A ALA 94  
5  1 Y 1 A ALA 174 ? A ALA 95  
6  1 Y 1 A GLY 175 ? A GLY 96  
7  1 Y 1 A ALA 188 ? A ALA 109 
8  1 Y 1 A SER 189 ? A SER 110 
9  1 Y 1 A SER 190 ? A SER 111 
10 1 Y 1 A GLU 191 ? A GLU 112 
11 1 Y 1 A ALA 192 ? A ALA 113 
# 
loop_
_chem_comp_atom.comp_id 
_chem_comp_atom.atom_id 
_chem_comp_atom.type_symbol 
_chem_comp_atom.pdbx_aromatic_flag 
_chem_comp_atom.pdbx_stereo_config 
_chem_comp_atom.pdbx_ordinal 
ALA N    N  N N 1   
ALA CA   C  N S 2   
ALA C    C  N N 3   
ALA O    O  N N 4   
ALA CB   C  N N 5   
ALA OXT  O  N N 6   
ALA H    H  N N 7   
ALA H2   H  N N 8   
ALA HA   H  N N 9   
ALA HB1  H  N N 10  
ALA HB2  H  N N 11  
ALA HB3  H  N N 12  
ALA HXT  H  N N 13  
ARG N    N  N N 14  
ARG CA   C  N S 15  
ARG C    C  N N 16  
ARG O    O  N N 17  
ARG CB   C  N N 18  
ARG CG   C  N N 19  
ARG CD   C  N N 20  
ARG NE   N  N N 21  
ARG CZ   C  N N 22  
ARG NH1  N  N N 23  
ARG NH2  N  N N 24  
ARG OXT  O  N N 25  
ARG H    H  N N 26  
ARG H2   H  N N 27  
ARG HA   H  N N 28  
ARG HB2  H  N N 29  
ARG HB3  H  N N 30  
ARG HG2  H  N N 31  
ARG HG3  H  N N 32  
ARG HD2  H  N N 33  
ARG HD3  H  N N 34  
ARG HE   H  N N 35  
ARG HH11 H  N N 36  
ARG HH12 H  N N 37  
ARG HH21 H  N N 38  
ARG HH22 H  N N 39  
ARG HXT  H  N N 40  
ASN N    N  N N 41  
ASN CA   C  N S 42  
ASN C    C  N N 43  
ASN O    O  N N 44  
ASN CB   C  N N 45  
ASN CG   C  N N 46  
ASN OD1  O  N N 47  
ASN ND2  N  N N 48  
ASN OXT  O  N N 49  
ASN H    H  N N 50  
ASN H2   H  N N 51  
ASN HA   H  N N 52  
ASN HB2  H  N N 53  
ASN HB3  H  N N 54  
ASN HD21 H  N N 55  
ASN HD22 H  N N 56  
ASN HXT  H  N N 57  
ASP N    N  N N 58  
ASP CA   C  N S 59  
ASP C    C  N N 60  
ASP O    O  N N 61  
ASP CB   C  N N 62  
ASP CG   C  N N 63  
ASP OD1  O  N N 64  
ASP OD2  O  N N 65  
ASP OXT  O  N N 66  
ASP H    H  N N 67  
ASP H2   H  N N 68  
ASP HA   H  N N 69  
ASP HB2  H  N N 70  
ASP HB3  H  N N 71  
ASP HD2  H  N N 72  
ASP HXT  H  N N 73  
GLN N    N  N N 74  
GLN CA   C  N S 75  
GLN C    C  N N 76  
GLN O    O  N N 77  
GLN CB   C  N N 78  
GLN CG   C  N N 79  
GLN CD   C  N N 80  
GLN OE1  O  N N 81  
GLN NE2  N  N N 82  
GLN OXT  O  N N 83  
GLN H    H  N N 84  
GLN H2   H  N N 85  
GLN HA   H  N N 86  
GLN HB2  H  N N 87  
GLN HB3  H  N N 88  
GLN HG2  H  N N 89  
GLN HG3  H  N N 90  
GLN HE21 H  N N 91  
GLN HE22 H  N N 92  
GLN HXT  H  N N 93  
GLU N    N  N N 94  
GLU CA   C  N S 95  
GLU C    C  N N 96  
GLU O    O  N N 97  
GLU CB   C  N N 98  
GLU CG   C  N N 99  
GLU CD   C  N N 100 
GLU OE1  O  N N 101 
GLU OE2  O  N N 102 
GLU OXT  O  N N 103 
GLU H    H  N N 104 
GLU H2   H  N N 105 
GLU HA   H  N N 106 
GLU HB2  H  N N 107 
GLU HB3  H  N N 108 
GLU HG2  H  N N 109 
GLU HG3  H  N N 110 
GLU HE2  H  N N 111 
GLU HXT  H  N N 112 
GLY N    N  N N 113 
GLY CA   C  N N 114 
GLY C    C  N N 115 
GLY O    O  N N 116 
GLY OXT  O  N N 117 
GLY H    H  N N 118 
GLY H2   H  N N 119 
GLY HA2  H  N N 120 
GLY HA3  H  N N 121 
GLY HXT  H  N N 122 
HIS N    N  N N 123 
HIS CA   C  N S 124 
HIS C    C  N N 125 
HIS O    O  N N 126 
HIS CB   C  N N 127 
HIS CG   C  Y N 128 
HIS ND1  N  Y N 129 
HIS CD2  C  Y N 130 
HIS CE1  C  Y N 131 
HIS NE2  N  Y N 132 
HIS OXT  O  N N 133 
HIS H    H  N N 134 
HIS H2   H  N N 135 
HIS HA   H  N N 136 
HIS HB2  H  N N 137 
HIS HB3  H  N N 138 
HIS HD1  H  N N 139 
HIS HD2  H  N N 140 
HIS HE1  H  N N 141 
HIS HE2  H  N N 142 
HIS HXT  H  N N 143 
HOH O    O  N N 144 
HOH H1   H  N N 145 
HOH H2   H  N N 146 
ILE N    N  N N 147 
ILE CA   C  N S 148 
ILE C    C  N N 149 
ILE O    O  N N 150 
ILE CB   C  N S 151 
ILE CG1  C  N N 152 
ILE CG2  C  N N 153 
ILE CD1  C  N N 154 
ILE OXT  O  N N 155 
ILE H    H  N N 156 
ILE H2   H  N N 157 
ILE HA   H  N N 158 
ILE HB   H  N N 159 
ILE HG12 H  N N 160 
ILE HG13 H  N N 161 
ILE HG21 H  N N 162 
ILE HG22 H  N N 163 
ILE HG23 H  N N 164 
ILE HD11 H  N N 165 
ILE HD12 H  N N 166 
ILE HD13 H  N N 167 
ILE HXT  H  N N 168 
LEU N    N  N N 169 
LEU CA   C  N S 170 
LEU C    C  N N 171 
LEU O    O  N N 172 
LEU CB   C  N N 173 
LEU CG   C  N N 174 
LEU CD1  C  N N 175 
LEU CD2  C  N N 176 
LEU OXT  O  N N 177 
LEU H    H  N N 178 
LEU H2   H  N N 179 
LEU HA   H  N N 180 
LEU HB2  H  N N 181 
LEU HB3  H  N N 182 
LEU HG   H  N N 183 
LEU HD11 H  N N 184 
LEU HD12 H  N N 185 
LEU HD13 H  N N 186 
LEU HD21 H  N N 187 
LEU HD22 H  N N 188 
LEU HD23 H  N N 189 
LEU HXT  H  N N 190 
LYS N    N  N N 191 
LYS CA   C  N S 192 
LYS C    C  N N 193 
LYS O    O  N N 194 
LYS CB   C  N N 195 
LYS CG   C  N N 196 
LYS CD   C  N N 197 
LYS CE   C  N N 198 
LYS NZ   N  N N 199 
LYS OXT  O  N N 200 
LYS H    H  N N 201 
LYS H2   H  N N 202 
LYS HA   H  N N 203 
LYS HB2  H  N N 204 
LYS HB3  H  N N 205 
LYS HG2  H  N N 206 
LYS HG3  H  N N 207 
LYS HD2  H  N N 208 
LYS HD3  H  N N 209 
LYS HE2  H  N N 210 
LYS HE3  H  N N 211 
LYS HZ1  H  N N 212 
LYS HZ2  H  N N 213 
LYS HZ3  H  N N 214 
LYS HXT  H  N N 215 
MSE N    N  N N 216 
MSE CA   C  N S 217 
MSE C    C  N N 218 
MSE O    O  N N 219 
MSE OXT  O  N N 220 
MSE CB   C  N N 221 
MSE CG   C  N N 222 
MSE SE   SE N N 223 
MSE CE   C  N N 224 
MSE H    H  N N 225 
MSE H2   H  N N 226 
MSE HA   H  N N 227 
MSE HXT  H  N N 228 
MSE HB2  H  N N 229 
MSE HB3  H  N N 230 
MSE HG2  H  N N 231 
MSE HG3  H  N N 232 
MSE HE1  H  N N 233 
MSE HE2  H  N N 234 
MSE HE3  H  N N 235 
PHE N    N  N N 236 
PHE CA   C  N S 237 
PHE C    C  N N 238 
PHE O    O  N N 239 
PHE CB   C  N N 240 
PHE CG   C  Y N 241 
PHE CD1  C  Y N 242 
PHE CD2  C  Y N 243 
PHE CE1  C  Y N 244 
PHE CE2  C  Y N 245 
PHE CZ   C  Y N 246 
PHE OXT  O  N N 247 
PHE H    H  N N 248 
PHE H2   H  N N 249 
PHE HA   H  N N 250 
PHE HB2  H  N N 251 
PHE HB3  H  N N 252 
PHE HD1  H  N N 253 
PHE HD2  H  N N 254 
PHE HE1  H  N N 255 
PHE HE2  H  N N 256 
PHE HZ   H  N N 257 
PHE HXT  H  N N 258 
PRO N    N  N N 259 
PRO CA   C  N S 260 
PRO C    C  N N 261 
PRO O    O  N N 262 
PRO CB   C  N N 263 
PRO CG   C  N N 264 
PRO CD   C  N N 265 
PRO OXT  O  N N 266 
PRO H    H  N N 267 
PRO HA   H  N N 268 
PRO HB2  H  N N 269 
PRO HB3  H  N N 270 
PRO HG2  H  N N 271 
PRO HG3  H  N N 272 
PRO HD2  H  N N 273 
PRO HD3  H  N N 274 
PRO HXT  H  N N 275 
SER N    N  N N 276 
SER CA   C  N S 277 
SER C    C  N N 278 
SER O    O  N N 279 
SER CB   C  N N 280 
SER OG   O  N N 281 
SER OXT  O  N N 282 
SER H    H  N N 283 
SER H2   H  N N 284 
SER HA   H  N N 285 
SER HB2  H  N N 286 
SER HB3  H  N N 287 
SER HG   H  N N 288 
SER HXT  H  N N 289 
THR N    N  N N 290 
THR CA   C  N S 291 
THR C    C  N N 292 
THR O    O  N N 293 
THR CB   C  N R 294 
THR OG1  O  N N 295 
THR CG2  C  N N 296 
THR OXT  O  N N 297 
THR H    H  N N 298 
THR H2   H  N N 299 
THR HA   H  N N 300 
THR HB   H  N N 301 
THR HG1  H  N N 302 
THR HG21 H  N N 303 
THR HG22 H  N N 304 
THR HG23 H  N N 305 
THR HXT  H  N N 306 
TRP N    N  N N 307 
TRP CA   C  N S 308 
TRP C    C  N N 309 
TRP O    O  N N 310 
TRP CB   C  N N 311 
TRP CG   C  Y N 312 
TRP CD1  C  Y N 313 
TRP CD2  C  Y N 314 
TRP NE1  N  Y N 315 
TRP CE2  C  Y N 316 
TRP CE3  C  Y N 317 
TRP CZ2  C  Y N 318 
TRP CZ3  C  Y N 319 
TRP CH2  C  Y N 320 
TRP OXT  O  N N 321 
TRP H    H  N N 322 
TRP H2   H  N N 323 
TRP HA   H  N N 324 
TRP HB2  H  N N 325 
TRP HB3  H  N N 326 
TRP HD1  H  N N 327 
TRP HE1  H  N N 328 
TRP HE3  H  N N 329 
TRP HZ2  H  N N 330 
TRP HZ3  H  N N 331 
TRP HH2  H  N N 332 
TRP HXT  H  N N 333 
TYR N    N  N N 334 
TYR CA   C  N S 335 
TYR C    C  N N 336 
TYR O    O  N N 337 
TYR CB   C  N N 338 
TYR CG   C  Y N 339 
TYR CD1  C  Y N 340 
TYR CD2  C  Y N 341 
TYR CE1  C  Y N 342 
TYR CE2  C  Y N 343 
TYR CZ   C  Y N 344 
TYR OH   O  N N 345 
TYR OXT  O  N N 346 
TYR H    H  N N 347 
TYR H2   H  N N 348 
TYR HA   H  N N 349 
TYR HB2  H  N N 350 
TYR HB3  H  N N 351 
TYR HD1  H  N N 352 
TYR HD2  H  N N 353 
TYR HE1  H  N N 354 
TYR HE2  H  N N 355 
TYR HH   H  N N 356 
TYR HXT  H  N N 357 
VAL N    N  N N 358 
VAL CA   C  N S 359 
VAL C    C  N N 360 
VAL O    O  N N 361 
VAL CB   C  N N 362 
VAL CG1  C  N N 363 
VAL CG2  C  N N 364 
VAL OXT  O  N N 365 
VAL H    H  N N 366 
VAL H2   H  N N 367 
VAL HA   H  N N 368 
VAL HB   H  N N 369 
VAL HG11 H  N N 370 
VAL HG12 H  N N 371 
VAL HG13 H  N N 372 
VAL HG21 H  N N 373 
VAL HG22 H  N N 374 
VAL HG23 H  N N 375 
VAL HXT  H  N N 376 
# 
loop_
_chem_comp_bond.comp_id 
_chem_comp_bond.atom_id_1 
_chem_comp_bond.atom_id_2 
_chem_comp_bond.value_order 
_chem_comp_bond.pdbx_aromatic_flag 
_chem_comp_bond.pdbx_stereo_config 
_chem_comp_bond.pdbx_ordinal 
ALA N   CA   sing N N 1   
ALA N   H    sing N N 2   
ALA N   H2   sing N N 3   
ALA CA  C    sing N N 4   
ALA CA  CB   sing N N 5   
ALA CA  HA   sing N N 6   
ALA C   O    doub N N 7   
ALA C   OXT  sing N N 8   
ALA CB  HB1  sing N N 9   
ALA CB  HB2  sing N N 10  
ALA CB  HB3  sing N N 11  
ALA OXT HXT  sing N N 12  
ARG N   CA   sing N N 13  
ARG N   H    sing N N 14  
ARG N   H2   sing N N 15  
ARG CA  C    sing N N 16  
ARG CA  CB   sing N N 17  
ARG CA  HA   sing N N 18  
ARG C   O    doub N N 19  
ARG C   OXT  sing N N 20  
ARG CB  CG   sing N N 21  
ARG CB  HB2  sing N N 22  
ARG CB  HB3  sing N N 23  
ARG CG  CD   sing N N 24  
ARG CG  HG2  sing N N 25  
ARG CG  HG3  sing N N 26  
ARG CD  NE   sing N N 27  
ARG CD  HD2  sing N N 28  
ARG CD  HD3  sing N N 29  
ARG NE  CZ   sing N N 30  
ARG NE  HE   sing N N 31  
ARG CZ  NH1  sing N N 32  
ARG CZ  NH2  doub N N 33  
ARG NH1 HH11 sing N N 34  
ARG NH1 HH12 sing N N 35  
ARG NH2 HH21 sing N N 36  
ARG NH2 HH22 sing N N 37  
ARG OXT HXT  sing N N 38  
ASN N   CA   sing N N 39  
ASN N   H    sing N N 40  
ASN N   H2   sing N N 41  
ASN CA  C    sing N N 42  
ASN CA  CB   sing N N 43  
ASN CA  HA   sing N N 44  
ASN C   O    doub N N 45  
ASN C   OXT  sing N N 46  
ASN CB  CG   sing N N 47  
ASN CB  HB2  sing N N 48  
ASN CB  HB3  sing N N 49  
ASN CG  OD1  doub N N 50  
ASN CG  ND2  sing N N 51  
ASN ND2 HD21 sing N N 52  
ASN ND2 HD22 sing N N 53  
ASN OXT HXT  sing N N 54  
ASP N   CA   sing N N 55  
ASP N   H    sing N N 56  
ASP N   H2   sing N N 57  
ASP CA  C    sing N N 58  
ASP CA  CB   sing N N 59  
ASP CA  HA   sing N N 60  
ASP C   O    doub N N 61  
ASP C   OXT  sing N N 62  
ASP CB  CG   sing N N 63  
ASP CB  HB2  sing N N 64  
ASP CB  HB3  sing N N 65  
ASP CG  OD1  doub N N 66  
ASP CG  OD2  sing N N 67  
ASP OD2 HD2  sing N N 68  
ASP OXT HXT  sing N N 69  
GLN N   CA   sing N N 70  
GLN N   H    sing N N 71  
GLN N   H2   sing N N 72  
GLN CA  C    sing N N 73  
GLN CA  CB   sing N N 74  
GLN CA  HA   sing N N 75  
GLN C   O    doub N N 76  
GLN C   OXT  sing N N 77  
GLN CB  CG   sing N N 78  
GLN CB  HB2  sing N N 79  
GLN CB  HB3  sing N N 80  
GLN CG  CD   sing N N 81  
GLN CG  HG2  sing N N 82  
GLN CG  HG3  sing N N 83  
GLN CD  OE1  doub N N 84  
GLN CD  NE2  sing N N 85  
GLN NE2 HE21 sing N N 86  
GLN NE2 HE22 sing N N 87  
GLN OXT HXT  sing N N 88  
GLU N   CA   sing N N 89  
GLU N   H    sing N N 90  
GLU N   H2   sing N N 91  
GLU CA  C    sing N N 92  
GLU CA  CB   sing N N 93  
GLU CA  HA   sing N N 94  
GLU C   O    doub N N 95  
GLU C   OXT  sing N N 96  
GLU CB  CG   sing N N 97  
GLU CB  HB2  sing N N 98  
GLU CB  HB3  sing N N 99  
GLU CG  CD   sing N N 100 
GLU CG  HG2  sing N N 101 
GLU CG  HG3  sing N N 102 
GLU CD  OE1  doub N N 103 
GLU CD  OE2  sing N N 104 
GLU OE2 HE2  sing N N 105 
GLU OXT HXT  sing N N 106 
GLY N   CA   sing N N 107 
GLY N   H    sing N N 108 
GLY N   H2   sing N N 109 
GLY CA  C    sing N N 110 
GLY CA  HA2  sing N N 111 
GLY CA  HA3  sing N N 112 
GLY C   O    doub N N 113 
GLY C   OXT  sing N N 114 
GLY OXT HXT  sing N N 115 
HIS N   CA   sing N N 116 
HIS N   H    sing N N 117 
HIS N   H2   sing N N 118 
HIS CA  C    sing N N 119 
HIS CA  CB   sing N N 120 
HIS CA  HA   sing N N 121 
HIS C   O    doub N N 122 
HIS C   OXT  sing N N 123 
HIS CB  CG   sing N N 124 
HIS CB  HB2  sing N N 125 
HIS CB  HB3  sing N N 126 
HIS CG  ND1  sing Y N 127 
HIS CG  CD2  doub Y N 128 
HIS ND1 CE1  doub Y N 129 
HIS ND1 HD1  sing N N 130 
HIS CD2 NE2  sing Y N 131 
HIS CD2 HD2  sing N N 132 
HIS CE1 NE2  sing Y N 133 
HIS CE1 HE1  sing N N 134 
HIS NE2 HE2  sing N N 135 
HIS OXT HXT  sing N N 136 
HOH O   H1   sing N N 137 
HOH O   H2   sing N N 138 
ILE N   CA   sing N N 139 
ILE N   H    sing N N 140 
ILE N   H2   sing N N 141 
ILE CA  C    sing N N 142 
ILE CA  CB   sing N N 143 
ILE CA  HA   sing N N 144 
ILE C   O    doub N N 145 
ILE C   OXT  sing N N 146 
ILE CB  CG1  sing N N 147 
ILE CB  CG2  sing N N 148 
ILE CB  HB   sing N N 149 
ILE CG1 CD1  sing N N 150 
ILE CG1 HG12 sing N N 151 
ILE CG1 HG13 sing N N 152 
ILE CG2 HG21 sing N N 153 
ILE CG2 HG22 sing N N 154 
ILE CG2 HG23 sing N N 155 
ILE CD1 HD11 sing N N 156 
ILE CD1 HD12 sing N N 157 
ILE CD1 HD13 sing N N 158 
ILE OXT HXT  sing N N 159 
LEU N   CA   sing N N 160 
LEU N   H    sing N N 161 
LEU N   H2   sing N N 162 
LEU CA  C    sing N N 163 
LEU CA  CB   sing N N 164 
LEU CA  HA   sing N N 165 
LEU C   O    doub N N 166 
LEU C   OXT  sing N N 167 
LEU CB  CG   sing N N 168 
LEU CB  HB2  sing N N 169 
LEU CB  HB3  sing N N 170 
LEU CG  CD1  sing N N 171 
LEU CG  CD2  sing N N 172 
LEU CG  HG   sing N N 173 
LEU CD1 HD11 sing N N 174 
LEU CD1 HD12 sing N N 175 
LEU CD1 HD13 sing N N 176 
LEU CD2 HD21 sing N N 177 
LEU CD2 HD22 sing N N 178 
LEU CD2 HD23 sing N N 179 
LEU OXT HXT  sing N N 180 
LYS N   CA   sing N N 181 
LYS N   H    sing N N 182 
LYS N   H2   sing N N 183 
LYS CA  C    sing N N 184 
LYS CA  CB   sing N N 185 
LYS CA  HA   sing N N 186 
LYS C   O    doub N N 187 
LYS C   OXT  sing N N 188 
LYS CB  CG   sing N N 189 
LYS CB  HB2  sing N N 190 
LYS CB  HB3  sing N N 191 
LYS CG  CD   sing N N 192 
LYS CG  HG2  sing N N 193 
LYS CG  HG3  sing N N 194 
LYS CD  CE   sing N N 195 
LYS CD  HD2  sing N N 196 
LYS CD  HD3  sing N N 197 
LYS CE  NZ   sing N N 198 
LYS CE  HE2  sing N N 199 
LYS CE  HE3  sing N N 200 
LYS NZ  HZ1  sing N N 201 
LYS NZ  HZ2  sing N N 202 
LYS NZ  HZ3  sing N N 203 
LYS OXT HXT  sing N N 204 
MSE N   CA   sing N N 205 
MSE N   H    sing N N 206 
MSE N   H2   sing N N 207 
MSE CA  C    sing N N 208 
MSE CA  CB   sing N N 209 
MSE CA  HA   sing N N 210 
MSE C   O    doub N N 211 
MSE C   OXT  sing N N 212 
MSE OXT HXT  sing N N 213 
MSE CB  CG   sing N N 214 
MSE CB  HB2  sing N N 215 
MSE CB  HB3  sing N N 216 
MSE CG  SE   sing N N 217 
MSE CG  HG2  sing N N 218 
MSE CG  HG3  sing N N 219 
MSE SE  CE   sing N N 220 
MSE CE  HE1  sing N N 221 
MSE CE  HE2  sing N N 222 
MSE CE  HE3  sing N N 223 
PHE N   CA   sing N N 224 
PHE N   H    sing N N 225 
PHE N   H2   sing N N 226 
PHE CA  C    sing N N 227 
PHE CA  CB   sing N N 228 
PHE CA  HA   sing N N 229 
PHE C   O    doub N N 230 
PHE C   OXT  sing N N 231 
PHE CB  CG   sing N N 232 
PHE CB  HB2  sing N N 233 
PHE CB  HB3  sing N N 234 
PHE CG  CD1  doub Y N 235 
PHE CG  CD2  sing Y N 236 
PHE CD1 CE1  sing Y N 237 
PHE CD1 HD1  sing N N 238 
PHE CD2 CE2  doub Y N 239 
PHE CD2 HD2  sing N N 240 
PHE CE1 CZ   doub Y N 241 
PHE CE1 HE1  sing N N 242 
PHE CE2 CZ   sing Y N 243 
PHE CE2 HE2  sing N N 244 
PHE CZ  HZ   sing N N 245 
PHE OXT HXT  sing N N 246 
PRO N   CA   sing N N 247 
PRO N   CD   sing N N 248 
PRO N   H    sing N N 249 
PRO CA  C    sing N N 250 
PRO CA  CB   sing N N 251 
PRO CA  HA   sing N N 252 
PRO C   O    doub N N 253 
PRO C   OXT  sing N N 254 
PRO CB  CG   sing N N 255 
PRO CB  HB2  sing N N 256 
PRO CB  HB3  sing N N 257 
PRO CG  CD   sing N N 258 
PRO CG  HG2  sing N N 259 
PRO CG  HG3  sing N N 260 
PRO CD  HD2  sing N N 261 
PRO CD  HD3  sing N N 262 
PRO OXT HXT  sing N N 263 
SER N   CA   sing N N 264 
SER N   H    sing N N 265 
SER N   H2   sing N N 266 
SER CA  C    sing N N 267 
SER CA  CB   sing N N 268 
SER CA  HA   sing N N 269 
SER C   O    doub N N 270 
SER C   OXT  sing N N 271 
SER CB  OG   sing N N 272 
SER CB  HB2  sing N N 273 
SER CB  HB3  sing N N 274 
SER OG  HG   sing N N 275 
SER OXT HXT  sing N N 276 
THR N   CA   sing N N 277 
THR N   H    sing N N 278 
THR N   H2   sing N N 279 
THR CA  C    sing N N 280 
THR CA  CB   sing N N 281 
THR CA  HA   sing N N 282 
THR C   O    doub N N 283 
THR C   OXT  sing N N 284 
THR CB  OG1  sing N N 285 
THR CB  CG2  sing N N 286 
THR CB  HB   sing N N 287 
THR OG1 HG1  sing N N 288 
THR CG2 HG21 sing N N 289 
THR CG2 HG22 sing N N 290 
THR CG2 HG23 sing N N 291 
THR OXT HXT  sing N N 292 
TRP N   CA   sing N N 293 
TRP N   H    sing N N 294 
TRP N   H2   sing N N 295 
TRP CA  C    sing N N 296 
TRP CA  CB   sing N N 297 
TRP CA  HA   sing N N 298 
TRP C   O    doub N N 299 
TRP C   OXT  sing N N 300 
TRP CB  CG   sing N N 301 
TRP CB  HB2  sing N N 302 
TRP CB  HB3  sing N N 303 
TRP CG  CD1  doub Y N 304 
TRP CG  CD2  sing Y N 305 
TRP CD1 NE1  sing Y N 306 
TRP CD1 HD1  sing N N 307 
TRP CD2 CE2  doub Y N 308 
TRP CD2 CE3  sing Y N 309 
TRP NE1 CE2  sing Y N 310 
TRP NE1 HE1  sing N N 311 
TRP CE2 CZ2  sing Y N 312 
TRP CE3 CZ3  doub Y N 313 
TRP CE3 HE3  sing N N 314 
TRP CZ2 CH2  doub Y N 315 
TRP CZ2 HZ2  sing N N 316 
TRP CZ3 CH2  sing Y N 317 
TRP CZ3 HZ3  sing N N 318 
TRP CH2 HH2  sing N N 319 
TRP OXT HXT  sing N N 320 
TYR N   CA   sing N N 321 
TYR N   H    sing N N 322 
TYR N   H2   sing N N 323 
TYR CA  C    sing N N 324 
TYR CA  CB   sing N N 325 
TYR CA  HA   sing N N 326 
TYR C   O    doub N N 327 
TYR C   OXT  sing N N 328 
TYR CB  CG   sing N N 329 
TYR CB  HB2  sing N N 330 
TYR CB  HB3  sing N N 331 
TYR CG  CD1  doub Y N 332 
TYR CG  CD2  sing Y N 333 
TYR CD1 CE1  sing Y N 334 
TYR CD1 HD1  sing N N 335 
TYR CD2 CE2  doub Y N 336 
TYR CD2 HD2  sing N N 337 
TYR CE1 CZ   doub Y N 338 
TYR CE1 HE1  sing N N 339 
TYR CE2 CZ   sing Y N 340 
TYR CE2 HE2  sing N N 341 
TYR CZ  OH   sing N N 342 
TYR OH  HH   sing N N 343 
TYR OXT HXT  sing N N 344 
VAL N   CA   sing N N 345 
VAL N   H    sing N N 346 
VAL N   H2   sing N N 347 
VAL CA  C    sing N N 348 
VAL CA  CB   sing N N 349 
VAL CA  HA   sing N N 350 
VAL C   O    doub N N 351 
VAL C   OXT  sing N N 352 
VAL CB  CG1  sing N N 353 
VAL CB  CG2  sing N N 354 
VAL CB  HB   sing N N 355 
VAL CG1 HG11 sing N N 356 
VAL CG1 HG12 sing N N 357 
VAL CG1 HG13 sing N N 358 
VAL CG2 HG21 sing N N 359 
VAL CG2 HG22 sing N N 360 
VAL CG2 HG23 sing N N 361 
VAL OXT HXT  sing N N 362 
# 
_atom_sites.entry_id                    2X29 
_atom_sites.fract_transf_matrix[1][1]   0.00195544 
_atom_sites.fract_transf_matrix[1][2]   -0.00910761 
_atom_sites.fract_transf_matrix[1][3]   0.00174105 
_atom_sites.fract_transf_matrix[2][1]   -0.00588985 
_atom_sites.fract_transf_matrix[2][2]   -0.00677520 
_atom_sites.fract_transf_matrix[2][3]   -0.00303644 
_atom_sites.fract_transf_matrix[3][1]   0.01510713 
_atom_sites.fract_transf_matrix[3][2]   -0.00165313 
_atom_sites.fract_transf_matrix[3][3]   -0.02561501 
_atom_sites.fract_transf_vector[1]      0.446250 
_atom_sites.fract_transf_vector[2]      0.606341 
_atom_sites.fract_transf_vector[3]      0.354256 
# 
loop_
_atom_type.symbol 
C  
N  
O  
SE 
# 
loop_
_atom_site.group_PDB 
_atom_site.id 
_atom_site.type_symbol 
_atom_site.label_atom_id 
_atom_site.label_alt_id 
_atom_site.label_comp_id 
_atom_site.label_asym_id 
_atom_site.label_entity_id 
_atom_site.label_seq_id 
_atom_site.pdbx_PDB_ins_code 
_atom_site.Cartn_x 
_atom_site.Cartn_y 
_atom_site.Cartn_z 
_atom_site.occupancy 
_atom_site.B_iso_or_equiv 
_atom_site.pdbx_formal_charge 
_atom_site.auth_seq_id 
_atom_site.auth_comp_id 
_atom_site.auth_asym_id 
_atom_site.auth_atom_id 
_atom_site.pdbx_PDB_model_num 
ATOM   1    N  N   . ASP A 1 1   ? -1.474  -18.184 9.869   1.00 39.86 ? 80   ASP A N   1 
ATOM   2    C  CA  . ASP A 1 1   ? -1.579  -17.285 8.668   1.00 39.80 ? 80   ASP A CA  1 
ATOM   3    C  C   . ASP A 1 1   ? -1.144  -15.907 9.087   1.00 38.83 ? 80   ASP A C   1 
ATOM   4    O  O   . ASP A 1 1   ? -1.774  -15.320 9.972   1.00 38.34 ? 80   ASP A O   1 
ATOM   5    C  CB  . ASP A 1 1   ? -2.977  -17.214 8.069   1.00 41.05 ? 80   ASP A CB  1 
ATOM   6    C  CG  . ASP A 1 1   ? -2.967  -16.644 6.607   1.00 41.90 ? 80   ASP A CG  1 
ATOM   7    O  OD1 . ASP A 1 1   ? -2.177  -15.742 6.310   1.00 41.17 ? 80   ASP A OD1 1 
ATOM   8    O  OD2 . ASP A 1 1   ? -3.715  -17.123 5.748   1.00 42.91 ? 80   ASP A OD2 1 
ATOM   9    N  N   . PRO A 1 2   ? -0.021  -15.412 8.501   1.00 38.12 ? 81   PRO A N   1 
ATOM   10   C  CA  . PRO A 1 2   ? 0.463   -14.083 8.967   1.00 37.67 ? 81   PRO A CA  1 
ATOM   11   C  C   . PRO A 1 2   ? -0.329  -12.875 8.387   1.00 36.10 ? 81   PRO A C   1 
ATOM   12   O  O   . PRO A 1 2   ? 0.006   -11.721 8.690   1.00 36.54 ? 81   PRO A O   1 
ATOM   13   C  CB  . PRO A 1 2   ? 1.936   -14.044 8.432   1.00 37.81 ? 81   PRO A CB  1 
ATOM   14   C  CG  . PRO A 1 2   ? 1.863   -14.899 7.116   1.00 37.38 ? 81   PRO A CG  1 
ATOM   15   C  CD  . PRO A 1 2   ? 0.912   -16.052 7.528   1.00 37.20 ? 81   PRO A CD  1 
ATOM   16   N  N   . ALA A 1 3   ? -1.301  -13.123 7.511   1.00 33.80 ? 82   ALA A N   1 
ATOM   17   C  CA  . ALA A 1 3   ? -1.921  -12.032 6.782   1.00 32.10 ? 82   ALA A CA  1 
ATOM   18   C  C   . ALA A 1 3   ? -2.984  -11.340 7.631   1.00 30.60 ? 82   ALA A C   1 
ATOM   19   O  O   . ALA A 1 3   ? -3.522  -11.926 8.561   1.00 28.97 ? 82   ALA A O   1 
ATOM   20   C  CB  . ALA A 1 3   ? -2.473  -12.505 5.486   1.00 31.96 ? 82   ALA A CB  1 
ATOM   21   N  N   . GLY A 1 4   ? -3.191  -10.052 7.377   1.00 29.38 ? 83   GLY A N   1 
ATOM   22   C  CA  . GLY A 1 4   ? -4.366  -9.347  7.906   1.00 27.88 ? 83   GLY A CA  1 
ATOM   23   C  C   . GLY A 1 4   ? -5.532  -9.530  6.934   1.00 27.24 ? 83   GLY A C   1 
ATOM   24   O  O   . GLY A 1 4   ? -5.343  -9.644  5.718   1.00 28.31 ? 83   GLY A O   1 
ATOM   25   N  N   . LEU A 1 5   ? -6.724  -9.510  7.470   1.00 26.16 ? 84   LEU A N   1 
ATOM   26   C  CA  . LEU A 1 5   ? -7.964  -9.705  6.718   1.00 26.89 ? 84   LEU A CA  1 
ATOM   27   C  C   . LEU A 1 5   ? -8.740  -8.403  6.462   1.00 25.31 ? 84   LEU A C   1 
ATOM   28   O  O   . LEU A 1 5   ? -8.974  -7.640  7.384   1.00 23.42 ? 84   LEU A O   1 
ATOM   29   C  CB  . LEU A 1 5   ? -8.854  -10.622 7.520   1.00 26.76 ? 84   LEU A CB  1 
ATOM   30   C  CG  . LEU A 1 5   ? -9.723  -11.704 6.884   1.00 32.07 ? 84   LEU A CG  1 
ATOM   31   C  CD1 . LEU A 1 5   ? -11.093 -11.651 7.544   1.00 34.42 ? 84   LEU A CD1 1 
ATOM   32   C  CD2 . LEU A 1 5   ? -9.848  -11.747 5.398   1.00 30.02 ? 84   LEU A CD2 1 
ATOM   33   N  N   . LEU A 1 6   ? -9.135  -8.177  5.198   1.00 25.31 ? 85   LEU A N   1 
ATOM   34   C  CA  . LEU A 1 6   ? -9.948  -7.020  4.817   1.00 24.39 ? 85   LEU A CA  1 
ATOM   35   C  C   . LEU A 1 6   ? -11.316 -7.475  4.445   1.00 23.07 ? 85   LEU A C   1 
ATOM   36   O  O   . LEU A 1 6   ? -11.503 -8.035  3.361   1.00 22.35 ? 85   LEU A O   1 
ATOM   37   C  CB  . LEU A 1 6   ? -9.323  -6.253  3.667   1.00 25.30 ? 85   LEU A CB  1 
ATOM   38   C  CG  . LEU A 1 6   ? -8.003  -5.449  3.953   1.00 31.38 ? 85   LEU A CG  1 
ATOM   39   C  CD1 . LEU A 1 6   ? -7.240  -5.300  2.656   1.00 35.66 ? 85   LEU A CD1 1 
ATOM   40   C  CD2 . LEU A 1 6   ? -8.117  -4.055  4.626   1.00 32.75 ? 85   LEU A CD2 1 
ATOM   41   N  N   . ASP A 1 7   ? -12.279 -7.252  5.336   1.00 21.38 ? 86   ASP A N   1 
ATOM   42   C  CA  . ASP A 1 7   ? -13.631 -7.681  5.074   1.00 22.70 ? 86   ASP A CA  1 
ATOM   43   C  C   . ASP A 1 7   ? -14.511 -6.434  4.860   1.00 22.15 ? 86   ASP A C   1 
ATOM   44   O  O   . ASP A 1 7   ? -14.905 -5.777  5.808   1.00 22.16 ? 86   ASP A O   1 
ATOM   45   C  CB  . ASP A 1 7   ? -14.149 -8.607  6.197   1.00 23.70 ? 86   ASP A CB  1 
ATOM   46   C  CG  . ASP A 1 7   ? -15.489 -9.302  5.833   1.00 31.41 ? 86   ASP A CG  1 
ATOM   47   O  OD1 . ASP A 1 7   ? -16.239 -8.767  4.989   1.00 37.39 ? 86   ASP A OD1 1 
ATOM   48   O  OD2 . ASP A 1 7   ? -15.817 -10.386 6.410   1.00 41.52 ? 86   ASP A OD2 1 
ATOM   49   N  N   . LEU A 1 8   ? -14.748 -6.065  3.612   1.00 21.87 ? 87   LEU A N   1 
ATOM   50   C  CA  . LEU A 1 8   ? -15.469 -4.813  3.314   1.00 22.94 ? 87   LEU A CA  1 
ATOM   51   C  C   . LEU A 1 8   ? -16.835 -5.101  2.723   1.00 22.62 ? 87   LEU A C   1 
ATOM   52   O  O   . LEU A 1 8   ? -16.944 -5.906  1.788   1.00 22.21 ? 87   LEU A O   1 
ATOM   53   C  CB  . LEU A 1 8   ? -14.688 -3.925  2.321   1.00 22.39 ? 87   LEU A CB  1 
ATOM   54   C  CG  . LEU A 1 8   ? -13.344 -3.360  2.732   1.00 25.47 ? 87   LEU A CG  1 
ATOM   55   C  CD1 . LEU A 1 8   ? -12.864 -2.466  1.595   1.00 26.22 ? 87   LEU A CD1 1 
ATOM   56   C  CD2 . LEU A 1 8   ? -13.513 -2.487  3.973   1.00 29.28 ? 87   LEU A CD2 1 
ATOM   57   N  N   . ARG A 1 9   ? -17.845 -4.422  3.256   1.00 22.33 ? 88   ARG A N   1 
ATOM   58   C  CA  . ARG A 1 9   ? -19.183 -4.383  2.630   1.00 23.70 ? 88   ARG A CA  1 
ATOM   59   C  C   . ARG A 1 9   ? -19.116 -3.437  1.458   1.00 20.99 ? 88   ARG A C   1 
ATOM   60   O  O   . ARG A 1 9   ? -18.215 -2.618  1.377   1.00 22.16 ? 88   ARG A O   1 
ATOM   61   C  CB  . ARG A 1 9   ? -20.352 -3.965  3.625   1.00 23.12 ? 88   ARG A CB  1 
ATOM   62   C  CG  . ARG A 1 9   ? -20.674 -5.193  4.671   1.00 33.13 ? 88   ARG A CG  1 
ATOM   63   C  CD  . ARG A 1 9   ? -21.740 -4.913  5.802   1.00 44.89 ? 88   ARG A CD  1 
ATOM   64   N  NE  . ARG A 1 9   ? -21.526 -3.633  6.531   1.00 57.24 ? 88   ARG A NE  1 
ATOM   65   C  CZ  . ARG A 1 9   ? -21.091 -3.515  7.812   1.00 63.75 ? 88   ARG A CZ  1 
ATOM   66   N  NH1 . ARG A 1 9   ? -20.810 -4.605  8.556   1.00 65.68 ? 88   ARG A NH1 1 
ATOM   67   N  NH2 . ARG A 1 9   ? -20.940 -2.307  8.376   1.00 62.22 ? 88   ARG A NH2 1 
ATOM   68   N  N   . GLN A 1 10  ? -20.032 -3.577  0.530   1.00 18.31 ? 89   GLN A N   1 
ATOM   69   C  CA  . GLN A 1 10  ? -20.206 -2.596  -0.493  1.00 17.10 ? 89   GLN A CA  1 
ATOM   70   C  C   . GLN A 1 10  ? -20.229 -1.138  0.032   1.00 16.42 ? 89   GLN A C   1 
ATOM   71   O  O   . GLN A 1 10  ? -20.984 -0.827  0.940   1.00 13.98 ? 89   GLN A O   1 
ATOM   72   C  CB  . GLN A 1 10  ? -21.488 -2.877  -1.297  1.00 17.12 ? 89   GLN A CB  1 
ATOM   73   C  CG  . GLN A 1 10  ? -21.671 -1.840  -2.487  1.00 16.60 ? 89   GLN A CG  1 
ATOM   74   C  CD  . GLN A 1 10  ? -22.889 -2.212  -3.367  1.00 17.28 ? 89   GLN A CD  1 
ATOM   75   O  OE1 . GLN A 1 10  ? -23.886 -2.672  -2.860  1.00 17.64 ? 89   GLN A OE1 1 
ATOM   76   N  NE2 . GLN A 1 10  ? -22.777 -2.029  -4.684  1.00 14.29 ? 89   GLN A NE2 1 
ATOM   77   N  N   . GLY A 1 11  ? -19.453 -0.254  -0.580  1.00 14.59 ? 90   GLY A N   1 
ATOM   78   C  CA  . GLY A 1 11  ? -19.593 1.177   -0.254  1.00 15.82 ? 90   GLY A CA  1 
ATOM   79   C  C   . GLY A 1 11  ? -18.716 1.530   0.970   1.00 18.20 ? 90   GLY A C   1 
ATOM   80   O  O   . GLY A 1 11  ? -18.661 2.692   1.391   1.00 16.97 ? 90   GLY A O   1 
HETATM 81   N  N   . MSE A 1 12  ? -17.970 0.549   1.472   1.00 17.95 ? 91   MSE A N   1 
HETATM 82   C  CA  . MSE A 1 12  ? -17.173 0.717   2.677   1.00 19.88 ? 91   MSE A CA  1 
HETATM 83   C  C   . MSE A 1 12  ? -15.686 0.867   2.259   1.00 19.59 ? 91   MSE A C   1 
HETATM 84   O  O   . MSE A 1 12  ? -15.277 0.462   1.172   1.00 19.27 ? 91   MSE A O   1 
HETATM 85   C  CB  . MSE A 1 12  ? -17.323 -0.467  3.635   1.00 19.26 ? 91   MSE A CB  1 
HETATM 86   C  CG  . MSE A 1 12  ? -18.803 -0.665  4.231   1.00 21.37 ? 91   MSE A CG  1 
HETATM 87   SE SE  . MSE A 1 12  ? -19.339 0.983   5.177   1.00 36.85 ? 91   MSE A SE  1 
HETATM 88   C  CE  . MSE A 1 12  ? -18.192 0.537   6.758   1.00 24.78 ? 91   MSE A CE  1 
ATOM   89   N  N   . PHE A 1 13  ? -14.890 1.456   3.108   1.00 17.95 ? 92   PHE A N   1 
ATOM   90   C  CA  . PHE A 1 13  ? -13.558 1.861   2.684   1.00 17.91 ? 92   PHE A CA  1 
ATOM   91   C  C   . PHE A 1 13  ? -12.580 1.415   3.758   1.00 17.42 ? 92   PHE A C   1 
ATOM   92   O  O   . PHE A 1 13  ? -12.913 1.501   4.952   1.00 19.00 ? 92   PHE A O   1 
ATOM   93   C  CB  . PHE A 1 13  ? -13.513 3.409   2.607   1.00 15.65 ? 92   PHE A CB  1 
ATOM   94   C  CG  . PHE A 1 13  ? -12.123 3.977   2.399   1.00 20.72 ? 92   PHE A CG  1 
ATOM   95   C  CD1 . PHE A 1 13  ? -11.419 3.769   1.172   1.00 19.60 ? 92   PHE A CD1 1 
ATOM   96   C  CD2 . PHE A 1 13  ? -11.536 4.757   3.396   1.00 16.95 ? 92   PHE A CD2 1 
ATOM   97   C  CE1 . PHE A 1 13  ? -10.165 4.315   0.959   1.00 19.28 ? 92   PHE A CE1 1 
ATOM   98   C  CE2 . PHE A 1 13  ? -10.317 5.282   3.211   1.00 21.37 ? 92   PHE A CE2 1 
ATOM   99   C  CZ  . PHE A 1 13  ? -9.594  5.054   1.992   1.00 22.73 ? 92   PHE A CZ  1 
ATOM   100  N  N   . ALA A 1 14  ? -11.394 0.982   3.362   1.00 15.85 ? 93   ALA A N   1 
ATOM   101  C  CA  . ALA A 1 14  ? -10.314 0.708   4.321   1.00 16.10 ? 93   ALA A CA  1 
ATOM   102  C  C   . ALA A 1 14  ? -8.998  1.243   3.760   1.00 16.53 ? 93   ALA A C   1 
ATOM   103  O  O   . ALA A 1 14  ? -8.815  1.324   2.504   1.00 14.53 ? 93   ALA A O   1 
ATOM   104  C  CB  . ALA A 1 14  ? -10.171 -0.762  4.595   1.00 16.43 ? 93   ALA A CB  1 
ATOM   105  N  N   . GLN A 1 15  ? -8.091  1.661   4.663   1.00 15.96 ? 94   GLN A N   1 
ATOM   106  C  CA  . GLN A 1 15  ? -6.764  2.127   4.262   1.00 14.66 ? 94   GLN A CA  1 
ATOM   107  C  C   . GLN A 1 15  ? -5.752  1.639   5.218   1.00 14.70 ? 94   GLN A C   1 
ATOM   108  O  O   . GLN A 1 15  ? -6.042  1.488   6.397   1.00 13.90 ? 94   GLN A O   1 
ATOM   109  C  CB  . GLN A 1 15  ? -6.681  3.666   4.146   1.00 14.68 ? 94   GLN A CB  1 
ATOM   110  C  CG  . GLN A 1 15  ? -7.044  4.430   5.420   1.00 15.74 ? 94   GLN A CG  1 
ATOM   111  C  CD  . GLN A 1 15  ? -7.313  5.914   5.032   1.00 16.30 ? 94   GLN A CD  1 
ATOM   112  O  OE1 . GLN A 1 15  ? -6.794  6.368   4.018   1.00 15.56 ? 94   GLN A OE1 1 
ATOM   113  N  NE2 . GLN A 1 15  ? -8.090  6.645   5.844   1.00 9.44  ? 94   GLN A NE2 1 
ATOM   114  N  N   . LEU A 1 16  ? -4.553  1.368   4.675   1.00 13.70 ? 95   LEU A N   1 
ATOM   115  C  CA  . LEU A 1 16  ? -3.473  0.854   5.429   1.00 13.77 ? 95   LEU A CA  1 
ATOM   116  C  C   . LEU A 1 16  ? -2.263  1.770   5.288   1.00 14.66 ? 95   LEU A C   1 
ATOM   117  O  O   . LEU A 1 16  ? -1.989  2.292   4.211   1.00 14.41 ? 95   LEU A O   1 
ATOM   118  C  CB  . LEU A 1 16  ? -3.106  -0.595  4.989   1.00 14.11 ? 95   LEU A CB  1 
ATOM   119  C  CG  . LEU A 1 16  ? -4.202  -1.652  5.224   1.00 15.30 ? 95   LEU A CG  1 
ATOM   120  C  CD1 . LEU A 1 16  ? -3.847  -2.920  4.482   1.00 19.64 ? 95   LEU A CD1 1 
ATOM   121  C  CD2 . LEU A 1 16  ? -4.448  -1.926  6.696   1.00 14.30 ? 95   LEU A CD2 1 
ATOM   122  N  N   . VAL A 1 17  ? -1.547  1.977   6.409   1.00 13.31 ? 96   VAL A N   1 
ATOM   123  C  CA  . VAL A 1 17  ? -0.342  2.861   6.424   1.00 13.23 ? 96   VAL A CA  1 
ATOM   124  C  C   . VAL A 1 17  ? 0.888   1.963   6.433   1.00 14.03 ? 96   VAL A C   1 
ATOM   125  O  O   . VAL A 1 17  ? 0.893   0.952   7.153   1.00 14.43 ? 96   VAL A O   1 
ATOM   126  C  CB  . VAL A 1 17  ? -0.301  3.701   7.704   1.00 12.38 ? 96   VAL A CB  1 
ATOM   127  C  CG1 . VAL A 1 17  ? 0.902   4.627   7.733   1.00 10.79 ? 96   VAL A CG1 1 
ATOM   128  C  CG2 . VAL A 1 17  ? -1.633  4.528   7.808   1.00 12.74 ? 96   VAL A CG2 1 
ATOM   129  N  N   . ALA A 1 18  ? 1.910   2.307   5.648   1.00 14.79 ? 97   ALA A N   1 
ATOM   130  C  CA  . ALA A 1 18  ? 3.174   1.538   5.640   1.00 14.26 ? 97   ALA A CA  1 
ATOM   131  C  C   . ALA A 1 18  ? 4.010   1.949   6.872   1.00 16.62 ? 97   ALA A C   1 
ATOM   132  O  O   . ALA A 1 18  ? 4.194   3.139   7.170   1.00 14.57 ? 97   ALA A O   1 
ATOM   133  C  CB  . ALA A 1 18  ? 3.979   1.822   4.343   1.00 13.55 ? 97   ALA A CB  1 
ATOM   134  N  N   . GLN A 1 19  ? 4.511   0.943   7.574   1.00 17.00 ? 98   GLN A N   1 
ATOM   135  C  CA  . GLN A 1 19  ? 5.513   1.123   8.644   1.00 20.38 ? 98   GLN A CA  1 
ATOM   136  C  C   . GLN A 1 19  ? 6.877   1.566   8.084   1.00 19.45 ? 98   GLN A C   1 
ATOM   137  O  O   . GLN A 1 19  ? 7.586   2.313   8.740   1.00 19.72 ? 98   GLN A O   1 
ATOM   138  C  CB  . GLN A 1 19  ? 5.671   -0.242  9.409   1.00 22.24 ? 98   GLN A CB  1 
ATOM   139  C  CG  . GLN A 1 19  ? 6.403   -0.231  10.750  1.00 31.46 ? 98   GLN A CG  1 
ATOM   140  C  CD  . GLN A 1 19  ? 5.487   0.144   11.914  1.00 42.34 ? 98   GLN A CD  1 
ATOM   141  O  OE1 . GLN A 1 19  ? 4.556   -0.604  12.255  1.00 47.81 ? 98   GLN A OE1 1 
ATOM   142  N  NE2 . GLN A 1 19  ? 5.734   1.305   12.532  1.00 46.29 ? 98   GLN A NE2 1 
ATOM   143  N  N   . ASN A 1 20  ? 7.248   1.118   6.871   1.00 18.67 ? 99   ASN A N   1 
ATOM   144  C  CA  . ASN A 1 20  ? 8.630   1.357   6.315   1.00 17.85 ? 99   ASN A CA  1 
ATOM   145  C  C   . ASN A 1 20  ? 9.029   2.858   6.206   1.00 18.10 ? 99   ASN A C   1 
ATOM   146  O  O   . ASN A 1 20  ? 8.171   3.717   5.934   1.00 16.52 ? 99   ASN A O   1 
ATOM   147  C  CB  . ASN A 1 20  ? 8.703   0.711   4.944   1.00 14.64 ? 99   ASN A CB  1 
ATOM   148  C  CG  . ASN A 1 20  ? 8.226   -0.742  4.968   1.00 16.39 ? 99   ASN A CG  1 
ATOM   149  O  OD1 . ASN A 1 20  ? 9.003   -1.728  4.847   1.00 15.13 ? 99   ASN A OD1 1 
ATOM   150  N  ND2 . ASN A 1 20  ? 6.974   -0.892  5.224   1.00 9.84  ? 99   ASN A ND2 1 
ATOM   151  N  N   . VAL A 1 21  ? 10.322  3.160   6.418   1.00 17.46 ? 100  VAL A N   1 
ATOM   152  C  CA  . VAL A 1 21  ? 10.874  4.486   6.017   1.00 17.83 ? 100  VAL A CA  1 
ATOM   153  C  C   . VAL A 1 21  ? 12.045  4.356   5.060   1.00 16.42 ? 100  VAL A C   1 
ATOM   154  O  O   . VAL A 1 21  ? 12.143  5.124   4.136   1.00 16.88 ? 100  VAL A O   1 
ATOM   155  C  CB  . VAL A 1 21  ? 11.156  5.456   7.221   1.00 19.80 ? 100  VAL A CB  1 
ATOM   156  C  CG1 . VAL A 1 21  ? 10.834  4.789   8.512   1.00 24.04 ? 100  VAL A CG1 1 
ATOM   157  C  CG2 . VAL A 1 21  ? 12.487  6.020   7.209   1.00 20.70 ? 100  VAL A CG2 1 
ATOM   158  N  N   . LEU A 1 22  ? 12.878  3.338   5.255   1.00 16.65 ? 101  LEU A N   1 
ATOM   159  C  CA  . LEU A 1 22  ? 13.976  3.016   4.331   1.00 17.65 ? 101  LEU A CA  1 
ATOM   160  C  C   . LEU A 1 22  ? 13.473  2.408   3.033   1.00 17.08 ? 101  LEU A C   1 
ATOM   161  O  O   . LEU A 1 22  ? 12.573  1.574   3.038   1.00 16.12 ? 101  LEU A O   1 
ATOM   162  C  CB  . LEU A 1 22  ? 14.983  2.081   4.984   1.00 16.92 ? 101  LEU A CB  1 
ATOM   163  C  CG  . LEU A 1 22  ? 15.749  2.681   6.220   1.00 21.49 ? 101  LEU A CG  1 
ATOM   164  C  CD1 . LEU A 1 22  ? 16.781  1.649   6.793   1.00 18.34 ? 101  LEU A CD1 1 
ATOM   165  C  CD2 . LEU A 1 22  ? 16.491  4.013   5.939   1.00 16.10 ? 101  LEU A CD2 1 
ATOM   166  N  N   . LEU A 1 23  ? 14.043  2.860   1.929   1.00 17.34 ? 102  LEU A N   1 
ATOM   167  C  CA  . LEU A 1 23  ? 13.696  2.368   0.596   1.00 19.51 ? 102  LEU A CA  1 
ATOM   168  C  C   . LEU A 1 23  ? 14.337  1.027   0.247   1.00 19.70 ? 102  LEU A C   1 
ATOM   169  O  O   . LEU A 1 23  ? 15.131  0.933   -0.668  1.00 20.71 ? 102  LEU A O   1 
ATOM   170  C  CB  . LEU A 1 23  ? 14.143  3.393   -0.440  1.00 17.77 ? 102  LEU A CB  1 
ATOM   171  C  CG  . LEU A 1 23  ? 13.304  4.577   -0.802  1.00 24.07 ? 102  LEU A CG  1 
ATOM   172  C  CD1 . LEU A 1 23  ? 12.292  4.994   0.208   1.00 24.28 ? 102  LEU A CD1 1 
ATOM   173  C  CD2 . LEU A 1 23  ? 14.163  5.766   -1.289  1.00 22.52 ? 102  LEU A CD2 1 
ATOM   174  N  N   . ILE A 1 24  ? 13.925  -0.006  0.940   1.00 20.87 ? 103  ILE A N   1 
ATOM   175  C  CA  . ILE A 1 24  ? 14.478  -1.335  0.765   1.00 21.30 ? 103  ILE A CA  1 
ATOM   176  C  C   . ILE A 1 24  ? 13.580  -2.191  -0.147  1.00 21.79 ? 103  ILE A C   1 
ATOM   177  O  O   . ILE A 1 24  ? 12.370  -2.249  0.073   1.00 23.85 ? 103  ILE A O   1 
ATOM   178  C  CB  . ILE A 1 24  ? 14.534  -2.049  2.170   1.00 21.62 ? 103  ILE A CB  1 
ATOM   179  C  CG1 . ILE A 1 24  ? 15.463  -1.260  3.155   1.00 20.45 ? 103  ILE A CG1 1 
ATOM   180  C  CG2 . ILE A 1 24  ? 15.036  -3.559  2.011   1.00 20.77 ? 103  ILE A CG2 1 
ATOM   181  C  CD1 . ILE A 1 24  ? 15.351  -1.855  4.585   1.00 18.52 ? 103  ILE A CD1 1 
ATOM   182  N  N   . ASP A 1 25  ? 14.157  -2.787  -1.173  1.00 20.66 ? 104  ASP A N   1 
ATOM   183  C  CA  . ASP A 1 25  ? 13.483  -3.687  -2.042  1.00 22.38 ? 104  ASP A CA  1 
ATOM   184  C  C   . ASP A 1 25  ? 12.696  -4.765  -1.317  1.00 22.27 ? 104  ASP A C   1 
ATOM   185  O  O   . ASP A 1 25  ? 13.178  -5.336  -0.344  1.00 22.97 ? 104  ASP A O   1 
ATOM   186  C  CB  . ASP A 1 25  ? 14.525  -4.328  -2.928  1.00 23.37 ? 104  ASP A CB  1 
ATOM   187  C  CG  . ASP A 1 25  ? 14.883  -3.443  -4.137  1.00 28.36 ? 104  ASP A CG  1 
ATOM   188  O  OD1 . ASP A 1 25  ? 15.007  -4.060  -5.197  1.00 40.51 ? 104  ASP A OD1 1 
ATOM   189  O  OD2 . ASP A 1 25  ? 14.973  -2.183  -4.052  1.00 30.08 ? 104  ASP A OD2 1 
ATOM   190  N  N   . GLY A 1 26  ? 11.505  -5.077  -1.791  1.00 21.27 ? 105  GLY A N   1 
ATOM   191  C  CA  . GLY A 1 26  ? 10.695  -6.053  -1.103  1.00 21.45 ? 105  GLY A CA  1 
ATOM   192  C  C   . GLY A 1 26  ? 9.330   -5.579  -0.559  1.00 22.43 ? 105  GLY A C   1 
ATOM   193  O  O   . GLY A 1 26  ? 8.898   -4.445  -0.771  1.00 20.92 ? 105  GLY A O   1 
ATOM   194  N  N   . PRO A 1 27  ? 8.634   -6.479  0.113   1.00 22.40 ? 106  PRO A N   1 
ATOM   195  C  CA  . PRO A 1 27  ? 7.260   -6.234  0.618   1.00 22.43 ? 106  PRO A CA  1 
ATOM   196  C  C   . PRO A 1 27  ? 7.299   -5.138  1.653   1.00 21.07 ? 106  PRO A C   1 
ATOM   197  O  O   . PRO A 1 27  ? 8.176   -5.135  2.532   1.00 20.80 ? 106  PRO A O   1 
ATOM   198  C  CB  . PRO A 1 27  ? 6.888   -7.580  1.328   1.00 21.88 ? 106  PRO A CB  1 
ATOM   199  C  CG  . PRO A 1 27  ? 7.730   -8.643  0.586   1.00 24.17 ? 106  PRO A CG  1 
ATOM   200  C  CD  . PRO A 1 27  ? 9.111   -7.857  0.406   1.00 22.71 ? 106  PRO A CD  1 
ATOM   201  N  N   . LEU A 1 28  ? 6.352   -4.208  1.545   1.00 19.61 ? 107  LEU A N   1 
ATOM   202  C  CA  . LEU A 1 28  ? 6.094   -3.229  2.591   1.00 16.63 ? 107  LEU A CA  1 
ATOM   203  C  C   . LEU A 1 28  ? 5.298   -3.877  3.718   1.00 16.14 ? 107  LEU A C   1 
ATOM   204  O  O   . LEU A 1 28  ? 4.561   -4.860  3.493   1.00 15.57 ? 107  LEU A O   1 
ATOM   205  C  CB  . LEU A 1 28  ? 5.295   -2.078  1.967   1.00 15.67 ? 107  LEU A CB  1 
ATOM   206  C  CG  . LEU A 1 28  ? 6.104   -1.248  0.942   1.00 16.65 ? 107  LEU A CG  1 
ATOM   207  C  CD1 . LEU A 1 28  ? 5.339   -0.027  0.632   1.00 12.08 ? 107  LEU A CD1 1 
ATOM   208  C  CD2 . LEU A 1 28  ? 7.516   -0.860  1.470   1.00 14.93 ? 107  LEU A CD2 1 
ATOM   209  N  N   . SER A 1 29  ? 5.395   -3.311  4.917   1.00 16.81 ? 108  SER A N   1 
ATOM   210  C  CA  . SER A 1 29  ? 4.653   -3.791  6.095   1.00 18.18 ? 108  SER A CA  1 
ATOM   211  C  C   . SER A 1 29  ? 3.565   -2.743  6.398   1.00 18.70 ? 108  SER A C   1 
ATOM   212  O  O   . SER A 1 29  ? 3.878   -1.553  6.552   1.00 18.18 ? 108  SER A O   1 
ATOM   213  C  CB  . SER A 1 29  ? 5.595   -3.905  7.310   1.00 18.06 ? 108  SER A CB  1 
ATOM   214  O  OG  . SER A 1 29  ? 6.585   -4.926  7.102   1.00 20.18 ? 108  SER A OG  1 
ATOM   215  N  N   . TRP A 1 30  ? 2.313   -3.219  6.530   1.00 16.96 ? 109  TRP A N   1 
ATOM   216  C  CA  . TRP A 1 30  ? 1.152   -2.379  6.647   1.00 17.17 ? 109  TRP A CA  1 
ATOM   217  C  C   . TRP A 1 30  ? 0.521   -2.554  7.996   1.00 17.27 ? 109  TRP A C   1 
ATOM   218  O  O   . TRP A 1 30  ? 0.531   -3.668  8.572   1.00 17.61 ? 109  TRP A O   1 
ATOM   219  C  CB  . TRP A 1 30  ? 0.108   -2.734  5.568   1.00 14.93 ? 109  TRP A CB  1 
ATOM   220  C  CG  . TRP A 1 30  ? 0.649   -2.611  4.224   1.00 17.20 ? 109  TRP A CG  1 
ATOM   221  C  CD1 . TRP A 1 30  ? 1.144   -3.646  3.434   1.00 16.26 ? 109  TRP A CD1 1 
ATOM   222  C  CD2 . TRP A 1 30  ? 0.772   -1.391  3.427   1.00 15.20 ? 109  TRP A CD2 1 
ATOM   223  N  NE1 . TRP A 1 30  ? 1.591   -3.131  2.214   1.00 18.26 ? 109  TRP A NE1 1 
ATOM   224  C  CE2 . TRP A 1 30  ? 1.356   -1.775  2.167   1.00 14.89 ? 109  TRP A CE2 1 
ATOM   225  C  CE3 . TRP A 1 30  ? 0.397   -0.050  3.627   1.00 7.71  ? 109  TRP A CE3 1 
ATOM   226  C  CZ2 . TRP A 1 30  ? 1.640   -0.841  1.138   1.00 12.51 ? 109  TRP A CZ2 1 
ATOM   227  C  CZ3 . TRP A 1 30  ? 0.682   0.868   2.600   1.00 10.92 ? 109  TRP A CZ3 1 
ATOM   228  C  CH2 . TRP A 1 30  ? 1.237   0.450   1.360   1.00 10.62 ? 109  TRP A CH2 1 
ATOM   229  N  N   . TYR A 1 31  ? -0.063  -1.474  8.503   1.00 17.48 ? 110  TYR A N   1 
ATOM   230  C  CA  . TYR A 1 31  ? -0.990  -1.585  9.673   1.00 17.87 ? 110  TYR A CA  1 
ATOM   231  C  C   . TYR A 1 31  ? -2.240  -0.661  9.506   1.00 17.79 ? 110  TYR A C   1 
ATOM   232  O  O   . TYR A 1 31  ? -2.179  0.300   8.732   1.00 17.18 ? 110  TYR A O   1 
ATOM   233  C  CB  . TYR A 1 31  ? -0.198  -1.259  10.947  1.00 17.20 ? 110  TYR A CB  1 
ATOM   234  C  CG  . TYR A 1 31  ? 0.266   0.186   10.974  1.00 18.11 ? 110  TYR A CG  1 
ATOM   235  C  CD1 . TYR A 1 31  ? -0.513  1.166   11.580  1.00 16.62 ? 110  TYR A CD1 1 
ATOM   236  C  CD2 . TYR A 1 31  ? 1.477   0.578   10.380  1.00 16.48 ? 110  TYR A CD2 1 
ATOM   237  C  CE1 . TYR A 1 31  ? -0.064  2.491   11.662  1.00 18.39 ? 110  TYR A CE1 1 
ATOM   238  C  CE2 . TYR A 1 31  ? 1.898   1.844   10.439  1.00 13.64 ? 110  TYR A CE2 1 
ATOM   239  C  CZ  . TYR A 1 31  ? 1.125   2.810   11.066  1.00 18.30 ? 110  TYR A CZ  1 
ATOM   240  O  OH  . TYR A 1 31  ? 1.599   4.125   11.071  1.00 25.50 ? 110  TYR A OH  1 
ATOM   241  N  N   . SER A 1 32  ? -3.328  -0.929  10.238  1.00 17.60 ? 111  SER A N   1 
ATOM   242  C  CA  . SER A 1 32  ? -4.480  -0.069  10.298  1.00 19.31 ? 111  SER A CA  1 
ATOM   243  C  C   . SER A 1 32  ? -4.301  0.940   11.427  1.00 19.71 ? 111  SER A C   1 
ATOM   244  O  O   . SER A 1 32  ? -4.017  0.565   12.583  1.00 19.55 ? 111  SER A O   1 
ATOM   245  C  CB  . SER A 1 32  ? -5.743  -0.882  10.695  1.00 19.72 ? 111  SER A CB  1 
ATOM   246  O  OG  . SER A 1 32  ? -6.076  -1.884  9.742   1.00 27.96 ? 111  SER A OG  1 
ATOM   247  N  N   . ASP A 1 33  ? -4.537  2.203   11.134  1.00 19.44 ? 112  ASP A N   1 
ATOM   248  C  CA  . ASP A 1 33  ? -4.451  3.224   12.157  1.00 20.58 ? 112  ASP A CA  1 
ATOM   249  C  C   . ASP A 1 33  ? -5.896  3.654   12.424  1.00 20.83 ? 112  ASP A C   1 
ATOM   250  O  O   . ASP A 1 33  ? -6.492  4.255   11.600  1.00 15.69 ? 112  ASP A O   1 
ATOM   251  C  CB  . ASP A 1 33  ? -3.604  4.415   11.729  1.00 20.21 ? 112  ASP A CB  1 
ATOM   252  C  CG  . ASP A 1 33  ? -3.343  5.431   12.908  1.00 24.72 ? 112  ASP A CG  1 
ATOM   253  O  OD1 . ASP A 1 33  ? -4.273  6.095   13.425  1.00 29.63 ? 112  ASP A OD1 1 
ATOM   254  O  OD2 . ASP A 1 33  ? -2.186  5.559   13.364  1.00 30.19 ? 112  ASP A OD2 1 
ATOM   255  N  N   . PRO A 1 34  ? -6.418  3.385   13.645  1.00 23.49 ? 113  PRO A N   1 
ATOM   256  C  CA  . PRO A 1 34  ? -7.837  3.721   14.042  1.00 23.43 ? 113  PRO A CA  1 
ATOM   257  C  C   . PRO A 1 34  ? -8.074  5.243   14.123  1.00 21.85 ? 113  PRO A C   1 
ATOM   258  O  O   . PRO A 1 34  ? -9.201  5.666   14.235  1.00 21.89 ? 113  PRO A O   1 
ATOM   259  C  CB  . PRO A 1 34  ? -7.961  3.107   15.474  1.00 24.72 ? 113  PRO A CB  1 
ATOM   260  C  CG  . PRO A 1 34  ? -6.752  2.030   15.550  1.00 26.74 ? 113  PRO A CG  1 
ATOM   261  C  CD  . PRO A 1 34  ? -5.658  2.741   14.754  1.00 24.61 ? 113  PRO A CD  1 
ATOM   262  N  N   . GLY A 1 35  ? -7.015  6.031   14.140  1.00 20.86 ? 114  GLY A N   1 
ATOM   263  C  CA  . GLY A 1 35  ? -7.143  7.436   14.038  1.00 22.74 ? 114  GLY A CA  1 
ATOM   264  C  C   . GLY A 1 35  ? -7.483  7.889   12.621  1.00 23.77 ? 114  GLY A C   1 
ATOM   265  O  O   . GLY A 1 35  ? -7.821  9.031   12.443  1.00 25.90 ? 114  GLY A O   1 
ATOM   266  N  N   . LEU A 1 36  ? -7.372  7.005   11.613  1.00 23.51 ? 115  LEU A N   1 
ATOM   267  C  CA  . LEU A 1 36  ? -7.751  7.302   10.210  1.00 21.29 ? 115  LEU A CA  1 
ATOM   268  C  C   . LEU A 1 36  ? -9.095  6.685   9.987   1.00 20.84 ? 115  LEU A C   1 
ATOM   269  O  O   . LEU A 1 36  ? -9.450  5.676   10.641  1.00 20.71 ? 115  LEU A O   1 
ATOM   270  C  CB  . LEU A 1 36  ? -6.711  6.767   9.184   1.00 20.89 ? 115  LEU A CB  1 
ATOM   271  C  CG  . LEU A 1 36  ? -5.273  7.345   9.373   1.00 20.27 ? 115  LEU A CG  1 
ATOM   272  C  CD1 . LEU A 1 36  ? -4.353  6.961   8.218   1.00 17.68 ? 115  LEU A CD1 1 
ATOM   273  C  CD2 . LEU A 1 36  ? -5.316  8.845   9.554   1.00 16.99 ? 115  LEU A CD2 1 
ATOM   274  N  N   . ALA A 1 37  ? -9.849  7.296   9.075   1.00 20.57 ? 116  ALA A N   1 
ATOM   275  C  CA  . ALA A 1 37  ? -11.146 6.758   8.620   1.00 21.68 ? 116  ALA A CA  1 
ATOM   276  C  C   . ALA A 1 37  ? -10.972 5.354   8.041   1.00 20.36 ? 116  ALA A C   1 
ATOM   277  O  O   . ALA A 1 37  ? -9.898  4.983   7.579   1.00 20.62 ? 116  ALA A O   1 
ATOM   278  C  CB  . ALA A 1 37  ? -11.774 7.678   7.567   1.00 21.71 ? 116  ALA A CB  1 
ATOM   279  N  N   . GLY A 1 38  ? -12.047 4.606   8.090   1.00 21.20 ? 117  GLY A N   1 
ATOM   280  C  CA  . GLY A 1 38  ? -12.204 3.338   7.434   1.00 22.65 ? 117  GLY A CA  1 
ATOM   281  C  C   . GLY A 1 38  ? -12.227 2.155   8.376   1.00 23.78 ? 117  GLY A C   1 
ATOM   282  O  O   . GLY A 1 38  ? -11.986 2.257   9.588   1.00 24.14 ? 117  GLY A O   1 
ATOM   283  N  N   . VAL A 1 39  ? -12.524 1.026   7.797   1.00 25.01 ? 118  VAL A N   1 
ATOM   284  C  CA  . VAL A 1 39  ? -12.582 -0.220  8.484   1.00 29.14 ? 118  VAL A CA  1 
ATOM   285  C  C   . VAL A 1 39  ? -11.191 -0.762  8.849   1.00 29.88 ? 118  VAL A C   1 
ATOM   286  O  O   . VAL A 1 39  ? -10.209 -0.695  8.089   1.00 30.95 ? 118  VAL A O   1 
ATOM   287  C  CB  . VAL A 1 39  ? -13.334 -1.239  7.555   1.00 29.11 ? 118  VAL A CB  1 
ATOM   288  C  CG1 . VAL A 1 39  ? -13.303 -2.691  8.099   1.00 31.23 ? 118  VAL A CG1 1 
ATOM   289  C  CG2 . VAL A 1 39  ? -14.769 -0.742  7.327   1.00 31.22 ? 118  VAL A CG2 1 
ATOM   290  N  N   . SER A 1 40  ? -11.126 -1.384  9.988   1.00 31.70 ? 119  SER A N   1 
ATOM   291  C  CA  . SER A 1 40  ? -9.868  -1.938  10.451  1.00 33.13 ? 119  SER A CA  1 
ATOM   292  C  C   . SER A 1 40  ? -9.524  -3.323  9.850   1.00 33.65 ? 119  SER A C   1 
ATOM   293  O  O   . SER A 1 40  ? -10.420 -4.066  9.412   1.00 33.04 ? 119  SER A O   1 
ATOM   294  C  CB  . SER A 1 40  ? -9.877  -1.973  11.982  1.00 33.11 ? 119  SER A CB  1 
ATOM   295  O  OG  . SER A 1 40  ? -8.747  -2.721  12.371  1.00 38.04 ? 119  SER A OG  1 
ATOM   296  N  N   . LEU A 1 41  ? -8.224  -3.655  9.802   1.00 34.65 ? 120  LEU A N   1 
ATOM   297  C  CA  . LEU A 1 41  ? -7.795  -4.990  9.482   1.00 36.81 ? 120  LEU A CA  1 
ATOM   298  C  C   . LEU A 1 41  ? -8.270  -5.957  10.580  1.00 38.43 ? 120  LEU A C   1 
ATOM   299  O  O   . LEU A 1 41  ? -8.327  -5.605  11.762  1.00 37.18 ? 120  LEU A O   1 
ATOM   300  C  CB  . LEU A 1 41  ? -6.274  -5.080  9.407   1.00 37.28 ? 120  LEU A CB  1 
ATOM   301  C  CG  . LEU A 1 41  ? -5.556  -4.790  8.110   1.00 37.13 ? 120  LEU A CG  1 
ATOM   302  C  CD1 . LEU A 1 41  ? -4.104  -4.963  8.387   1.00 39.24 ? 120  LEU A CD1 1 
ATOM   303  C  CD2 . LEU A 1 41  ? -6.006  -5.789  7.054   1.00 38.53 ? 120  LEU A CD2 1 
ATOM   304  N  N   . THR A 1 42  ? -8.566  -7.170  10.148  1.00 39.23 ? 121  THR A N   1 
ATOM   305  C  CA  . THR A 1 42  ? -9.155  -8.202  10.981  1.00 42.22 ? 121  THR A CA  1 
ATOM   306  C  C   . THR A 1 42  ? -8.316  -9.501  10.848  1.00 42.00 ? 121  THR A C   1 
ATOM   307  O  O   . THR A 1 42  ? -7.192  -9.482  10.337  1.00 40.58 ? 121  THR A O   1 
ATOM   308  C  CB  . THR A 1 42  ? -10.650 -8.351  10.550  1.00 42.91 ? 121  THR A CB  1 
ATOM   309  O  OG1 . THR A 1 42  ? -11.442 -7.484  11.376  1.00 46.09 ? 121  THR A OG1 1 
ATOM   310  C  CG2 . THR A 1 42  ? -11.186 -9.757  10.685  1.00 47.20 ? 121  THR A CG2 1 
ATOM   311  N  N   . GLY A 1 43  ? -8.860  -10.612 11.325  1.00 43.28 ? 122  GLY A N   1 
ATOM   312  C  CA  . GLY A 1 43  ? -8.190  -11.910 11.229  1.00 45.01 ? 122  GLY A CA  1 
ATOM   313  C  C   . GLY A 1 43  ? -7.140  -12.143 12.307  1.00 45.38 ? 122  GLY A C   1 
ATOM   314  O  O   . GLY A 1 43  ? -6.235  -12.935 12.097  1.00 45.19 ? 122  GLY A O   1 
ATOM   315  N  N   . GLY A 1 44  ? -7.237  -11.444 13.441  1.00 45.28 ? 123  GLY A N   1 
ATOM   316  C  CA  . GLY A 1 44  ? -6.395  -11.808 14.596  1.00 45.72 ? 123  GLY A CA  1 
ATOM   317  C  C   . GLY A 1 44  ? -5.153  -10.952 14.890  1.00 45.63 ? 123  GLY A C   1 
ATOM   318  O  O   . GLY A 1 44  ? -4.511  -11.089 15.961  1.00 45.31 ? 123  GLY A O   1 
ATOM   319  N  N   . LEU A 1 45  ? -4.802  -10.078 13.945  1.00 44.46 ? 124  LEU A N   1 
ATOM   320  C  CA  . LEU A 1 45  ? -3.796  -9.042  14.201  1.00 42.64 ? 124  LEU A CA  1 
ATOM   321  C  C   . LEU A 1 45  ? -4.205  -8.128  15.377  1.00 41.69 ? 124  LEU A C   1 
ATOM   322  O  O   . LEU A 1 45  ? -5.368  -7.697  15.473  1.00 41.45 ? 124  LEU A O   1 
ATOM   323  C  CB  . LEU A 1 45  ? -3.605  -8.159  12.963  1.00 42.25 ? 124  LEU A CB  1 
ATOM   324  C  CG  . LEU A 1 45  ? -3.202  -8.748  11.620  1.00 41.17 ? 124  LEU A CG  1 
ATOM   325  C  CD1 . LEU A 1 45  ? -2.999  -7.588  10.657  1.00 38.47 ? 124  LEU A CD1 1 
ATOM   326  C  CD2 . LEU A 1 45  ? -1.960  -9.652  11.731  1.00 44.29 ? 124  LEU A CD2 1 
ATOM   327  N  N   . SER A 1 46  ? -3.243  -7.843  16.250  1.00 39.57 ? 125  SER A N   1 
ATOM   328  C  CA  . SER A 1 46  ? -3.416  -6.859  17.328  1.00 38.06 ? 125  SER A CA  1 
ATOM   329  C  C   . SER A 1 46  ? -3.485  -5.397  16.803  1.00 36.17 ? 125  SER A C   1 
ATOM   330  O  O   . SER A 1 46  ? -3.237  -5.082  15.613  1.00 34.45 ? 125  SER A O   1 
ATOM   331  C  CB  . SER A 1 46  ? -2.240  -6.960  18.325  1.00 38.94 ? 125  SER A CB  1 
ATOM   332  O  OG  . SER A 1 46  ? -2.056  -8.282  18.823  1.00 41.04 ? 125  SER A OG  1 
ATOM   333  N  N   . TYR A 1 47  ? -3.880  -4.536  17.714  1.00 33.77 ? 126  TYR A N   1 
ATOM   334  C  CA  . TYR A 1 47  ? -3.907  -3.105  17.546  1.00 33.15 ? 126  TYR A CA  1 
ATOM   335  C  C   . TYR A 1 47  ? -2.573  -2.608  16.913  1.00 33.27 ? 126  TYR A C   1 
ATOM   336  O  O   . TYR A 1 47  ? -1.478  -2.809  17.471  1.00 32.94 ? 126  TYR A O   1 
ATOM   337  C  CB  . TYR A 1 47  ? -4.157  -2.462  18.927  1.00 30.78 ? 126  TYR A CB  1 
ATOM   338  C  CG  . TYR A 1 47  ? -3.943  -0.932  19.004  1.00 31.18 ? 126  TYR A CG  1 
ATOM   339  C  CD1 . TYR A 1 47  ? -4.932  -0.031  18.578  1.00 27.28 ? 126  TYR A CD1 1 
ATOM   340  C  CD2 . TYR A 1 47  ? -2.761  -0.414  19.514  1.00 27.67 ? 126  TYR A CD2 1 
ATOM   341  C  CE1 . TYR A 1 47  ? -4.740  1.344   18.682  1.00 27.49 ? 126  TYR A CE1 1 
ATOM   342  C  CE2 . TYR A 1 47  ? -2.544  0.932   19.583  1.00 30.11 ? 126  TYR A CE2 1 
ATOM   343  C  CZ  . TYR A 1 47  ? -3.545  1.829   19.185  1.00 28.21 ? 126  TYR A CZ  1 
ATOM   344  O  OH  . TYR A 1 47  ? -3.288  3.210   19.289  1.00 27.48 ? 126  TYR A OH  1 
ATOM   345  N  N   . LYS A 1 48  ? -2.693  -1.985  15.749  1.00 33.08 ? 127  LYS A N   1 
ATOM   346  C  CA  . LYS A 1 48  ? -1.571  -1.480  14.948  1.00 33.13 ? 127  LYS A CA  1 
ATOM   347  C  C   . LYS A 1 48  ? -0.431  -2.486  14.599  1.00 33.50 ? 127  LYS A C   1 
ATOM   348  O  O   . LYS A 1 48  ? 0.711   -2.084  14.296  1.00 33.55 ? 127  LYS A O   1 
ATOM   349  C  CB  . LYS A 1 48  ? -0.999  -0.209  15.566  1.00 33.09 ? 127  LYS A CB  1 
ATOM   350  C  CG  . LYS A 1 48  ? -1.974  0.918   15.681  1.00 33.32 ? 127  LYS A CG  1 
ATOM   351  C  CD  . LYS A 1 48  ? -1.297  2.142   16.346  1.00 34.60 ? 127  LYS A CD  1 
ATOM   352  C  CE  . LYS A 1 48  ? -2.182  3.329   16.300  1.00 38.61 ? 127  LYS A CE  1 
ATOM   353  N  NZ  . LYS A 1 48  ? -1.620  4.489   17.064  1.00 45.69 ? 127  LYS A NZ  1 
ATOM   354  N  N   . GLU A 1 49  ? -0.745  -3.780  14.599  1.00 32.51 ? 128  GLU A N   1 
ATOM   355  C  CA  . GLU A 1 49  ? 0.234   -4.790  14.248  1.00 31.90 ? 128  GLU A CA  1 
ATOM   356  C  C   . GLU A 1 49  ? 0.376   -4.753  12.734  1.00 31.32 ? 128  GLU A C   1 
ATOM   357  O  O   . GLU A 1 49  ? -0.653  -4.680  12.003  1.00 29.88 ? 128  GLU A O   1 
ATOM   358  C  CB  . GLU A 1 49  ? -0.210  -6.180  14.717  1.00 31.93 ? 128  GLU A CB  1 
ATOM   359  C  CG  . GLU A 1 49  ? 0.877   -7.286  14.526  1.00 32.74 ? 128  GLU A CG  1 
ATOM   360  C  CD  . GLU A 1 49  ? 0.365   -8.734  14.845  1.00 33.75 ? 128  GLU A CD  1 
ATOM   361  O  OE1 . GLU A 1 49  ? -0.743  -8.950  15.413  1.00 32.96 ? 128  GLU A OE1 1 
ATOM   362  O  OE2 . GLU A 1 49  ? 1.099   -9.673  14.527  1.00 35.02 ? 128  GLU A OE2 1 
ATOM   363  N  N   . ASP A 1 50  ? 1.620   -4.786  12.256  1.00 29.37 ? 129  ASP A N   1 
ATOM   364  C  CA  . ASP A 1 50  ? 1.833   -4.656  10.857  1.00 29.38 ? 129  ASP A CA  1 
ATOM   365  C  C   . ASP A 1 50  ? 2.044   -6.008  10.202  1.00 28.64 ? 129  ASP A C   1 
ATOM   366  O  O   . ASP A 1 50  ? 2.343   -6.973  10.891  1.00 27.29 ? 129  ASP A O   1 
ATOM   367  C  CB  . ASP A 1 50  ? 2.897   -3.626  10.517  1.00 31.56 ? 129  ASP A CB  1 
ATOM   368  C  CG  . ASP A 1 50  ? 4.293   -4.025  10.968  1.00 35.35 ? 129  ASP A CG  1 
ATOM   369  O  OD1 . ASP A 1 50  ? 5.126   -3.105  11.012  1.00 42.36 ? 129  ASP A OD1 1 
ATOM   370  O  OD2 . ASP A 1 50  ? 4.561   -5.201  11.231  1.00 39.48 ? 129  ASP A OD2 1 
ATOM   371  N  N   . THR A 1 51  ? 1.725   -6.077  8.891   1.00 26.23 ? 130  THR A N   1 
ATOM   372  C  CA  . THR A 1 51  ? 1.785   -7.320  8.123   1.00 24.16 ? 130  THR A CA  1 
ATOM   373  C  C   . THR A 1 51  ? 2.147   -7.017  6.704   1.00 23.41 ? 130  THR A C   1 
ATOM   374  O  O   . THR A 1 51  ? 1.834   -5.929  6.190   1.00 24.69 ? 130  THR A O   1 
ATOM   375  C  CB  . THR A 1 51  ? 0.477   -8.101  8.149   1.00 23.58 ? 130  THR A CB  1 
ATOM   376  O  OG1 . THR A 1 51  ? 0.657   -9.284  7.369   1.00 26.44 ? 130  THR A OG1 1 
ATOM   377  C  CG2 . THR A 1 51  ? -0.707  -7.279  7.575   1.00 23.43 ? 130  THR A CG2 1 
ATOM   378  N  N   . LYS A 1 52  ? 2.883   -7.927  6.096   1.00 21.72 ? 131  LYS A N   1 
ATOM   379  C  CA  . LYS A 1 52  ? 3.235   -7.842  4.698   1.00 21.38 ? 131  LYS A CA  1 
ATOM   380  C  C   . LYS A 1 52  ? 2.184   -8.444  3.745   1.00 21.19 ? 131  LYS A C   1 
ATOM   381  O  O   . LYS A 1 52  ? 2.259   -8.243  2.505   1.00 20.46 ? 131  LYS A O   1 
ATOM   382  C  CB  . LYS A 1 52  ? 4.581   -8.562  4.478   1.00 21.43 ? 131  LYS A CB  1 
ATOM   383  C  CG  . LYS A 1 52  ? 5.715   -7.878  5.210   1.00 18.47 ? 131  LYS A CG  1 
ATOM   384  C  CD  . LYS A 1 52  ? 6.915   -8.814  5.251   1.00 23.27 ? 131  LYS A CD  1 
ATOM   385  C  CE  . LYS A 1 52  ? 8.065   -8.140  6.083   1.00 28.27 ? 131  LYS A CE  1 
ATOM   386  N  NZ  . LYS A 1 52  ? 9.415   -8.708  5.818   1.00 29.93 ? 131  LYS A NZ  1 
ATOM   387  N  N   . GLU A 1 53  ? 1.214   -9.170  4.290   1.00 20.77 ? 132  GLU A N   1 
ATOM   388  C  CA  . GLU A 1 53  ? 0.233   -9.874  3.427   1.00 22.46 ? 132  GLU A CA  1 
ATOM   389  C  C   . GLU A 1 53  ? -1.159  -9.484  3.803   1.00 22.12 ? 132  GLU A C   1 
ATOM   390  O  O   . GLU A 1 53  ? -1.429  -9.347  4.972   1.00 21.46 ? 132  GLU A O   1 
ATOM   391  C  CB  . GLU A 1 53  ? 0.360   -11.386 3.539   1.00 21.42 ? 132  GLU A CB  1 
ATOM   392  C  CG  . GLU A 1 53  ? 1.757   -11.877 3.339   1.00 27.40 ? 132  GLU A CG  1 
ATOM   393  C  CD  . GLU A 1 53  ? 1.889   -13.436 3.257   1.00 36.88 ? 132  GLU A CD  1 
ATOM   394  O  OE1 . GLU A 1 53  ? 0.867   -14.172 3.413   1.00 35.52 ? 132  GLU A OE1 1 
ATOM   395  O  OE2 . GLU A 1 53  ? 3.029   -13.922 3.015   1.00 38.58 ? 132  GLU A OE2 1 
ATOM   396  N  N   . LEU A 1 54  ? -2.028  -9.303  2.813   1.00 22.26 ? 133  LEU A N   1 
ATOM   397  C  CA  . LEU A 1 54  ? -3.387  -8.954  3.056   1.00 22.74 ? 133  LEU A CA  1 
ATOM   398  C  C   . LEU A 1 54  ? -4.305  -9.922  2.303   1.00 23.67 ? 133  LEU A C   1 
ATOM   399  O  O   . LEU A 1 54  ? -4.034  -10.273 1.137   1.00 24.95 ? 133  LEU A O   1 
ATOM   400  C  CB  . LEU A 1 54  ? -3.633  -7.549  2.549   1.00 24.32 ? 133  LEU A CB  1 
ATOM   401  C  CG  . LEU A 1 54  ? -2.572  -6.510  3.003   1.00 28.54 ? 133  LEU A CG  1 
ATOM   402  C  CD1 . LEU A 1 54  ? -2.776  -5.301  2.126   1.00 33.70 ? 133  LEU A CD1 1 
ATOM   403  C  CD2 . LEU A 1 54  ? -2.689  -6.138  4.537   1.00 29.24 ? 133  LEU A CD2 1 
ATOM   404  N  N   . VAL A 1 55  ? -5.416  -10.292 2.913   1.00 21.24 ? 134  VAL A N   1 
ATOM   405  C  CA  . VAL A 1 55  ? -6.367  -11.147 2.234   1.00 22.22 ? 134  VAL A CA  1 
ATOM   406  C  C   . VAL A 1 55  ? -7.677  -10.403 2.143   1.00 21.25 ? 134  VAL A C   1 
ATOM   407  O  O   . VAL A 1 55  ? -8.164  -9.905  3.157   1.00 20.88 ? 134  VAL A O   1 
ATOM   408  C  CB  . VAL A 1 55  ? -6.556  -12.493 3.050   1.00 22.72 ? 134  VAL A CB  1 
ATOM   409  C  CG1 . VAL A 1 55  ? -7.699  -13.311 2.498   1.00 21.00 ? 134  VAL A CG1 1 
ATOM   410  C  CG2 . VAL A 1 55  ? -5.194  -13.315 3.031   1.00 23.10 ? 134  VAL A CG2 1 
ATOM   411  N  N   . VAL A 1 56  ? -8.251  -10.352 0.942   1.00 20.71 ? 135  VAL A N   1 
ATOM   412  C  CA  . VAL A 1 56  ? -9.518  -9.676  0.722   1.00 21.44 ? 135  VAL A CA  1 
ATOM   413  C  C   . VAL A 1 56  ? -10.578 -10.750 0.887   1.00 21.21 ? 135  VAL A C   1 
ATOM   414  O  O   . VAL A 1 56  ? -10.542 -11.697 0.182   1.00 21.73 ? 135  VAL A O   1 
ATOM   415  C  CB  . VAL A 1 56  ? -9.609  -9.050  -0.714  1.00 22.62 ? 135  VAL A CB  1 
ATOM   416  C  CG1 . VAL A 1 56  ? -11.053 -8.480  -1.015  1.00 21.69 ? 135  VAL A CG1 1 
ATOM   417  C  CG2 . VAL A 1 56  ? -8.511  -7.953  -0.869  1.00 24.07 ? 135  VAL A CG2 1 
ATOM   418  N  N   . ALA A 1 57  ? -11.483 -10.607 1.844   1.00 21.31 ? 136  ALA A N   1 
ATOM   419  C  CA  . ALA A 1 57  ? -12.471 -11.667 2.133   1.00 21.95 ? 136  ALA A CA  1 
ATOM   420  C  C   . ALA A 1 57  ? -13.581 -11.754 1.019   1.00 22.77 ? 136  ALA A C   1 
ATOM   421  O  O   . ALA A 1 57  ? -13.945 -12.868 0.594   1.00 22.31 ? 136  ALA A O   1 
ATOM   422  C  CB  . ALA A 1 57  ? -13.104 -11.426 3.551   1.00 19.94 ? 136  ALA A CB  1 
ATOM   423  N  N   . LYS A 1 58  ? -14.100 -10.590 0.556   1.00 21.33 ? 137  LYS A N   1 
ATOM   424  C  CA  . LYS A 1 58  ? -15.212 -10.615 -0.393  1.00 20.93 ? 137  LYS A CA  1 
ATOM   425  C  C   . LYS A 1 58  ? -14.816 -10.349 -1.863  1.00 20.04 ? 137  LYS A C   1 
ATOM   426  O  O   . LYS A 1 58  ? -14.087 -9.408  -2.203  1.00 19.89 ? 137  LYS A O   1 
ATOM   427  C  CB  . LYS A 1 58  ? -16.285 -9.646  0.055   1.00 22.22 ? 137  LYS A CB  1 
ATOM   428  C  CG  . LYS A 1 58  ? -16.914 -9.910  1.445   1.00 24.00 ? 137  LYS A CG  1 
ATOM   429  C  CD  . LYS A 1 58  ? -17.530 -11.305 1.399   1.00 28.73 ? 137  LYS A CD  1 
ATOM   430  C  CE  . LYS A 1 58  ? -18.007 -11.821 2.735   1.00 36.52 ? 137  LYS A CE  1 
ATOM   431  N  NZ  . LYS A 1 58  ? -18.745 -10.714 3.328   1.00 39.79 ? 137  LYS A NZ  1 
ATOM   432  N  N   . ALA A 1 59  ? -15.279 -11.210 -2.732  1.00 18.46 ? 138  ALA A N   1 
ATOM   433  C  CA  . ALA A 1 59  ? -15.130 -11.045 -4.192  1.00 17.65 ? 138  ALA A CA  1 
ATOM   434  C  C   . ALA A 1 59  ? -15.785 -9.740  -4.631  1.00 16.69 ? 138  ALA A C   1 
ATOM   435  O  O   . ALA A 1 59  ? -16.902 -9.447  -4.248  1.00 17.93 ? 138  ALA A O   1 
ATOM   436  C  CB  . ALA A 1 59  ? -15.822 -12.221 -4.928  1.00 16.07 ? 138  ALA A CB  1 
ATOM   437  N  N   . GLY A 1 60  ? -15.152 -8.979  -5.496  1.00 16.08 ? 139  GLY A N   1 
ATOM   438  C  CA  . GLY A 1 60  ? -15.807 -7.756  -5.926  1.00 15.92 ? 139  GLY A CA  1 
ATOM   439  C  C   . GLY A 1 60  ? -14.843 -6.972  -6.725  1.00 16.90 ? 139  GLY A C   1 
ATOM   440  O  O   . GLY A 1 60  ? -13.654 -7.345  -6.863  1.00 16.48 ? 139  GLY A O   1 
ATOM   441  N  N   . VAL A 1 61  ? -15.352 -5.856  -7.251  1.00 17.50 ? 140  VAL A N   1 
ATOM   442  C  CA  . VAL A 1 61  ? -14.512 -4.864  -7.842  1.00 16.92 ? 140  VAL A CA  1 
ATOM   443  C  C   . VAL A 1 61  ? -14.255 -3.745  -6.755  1.00 17.69 ? 140  VAL A C   1 
ATOM   444  O  O   . VAL A 1 61  ? -15.233 -3.196  -6.170  1.00 15.62 ? 140  VAL A O   1 
ATOM   445  C  CB  . VAL A 1 61  ? -15.189 -4.233  -9.109  1.00 17.19 ? 140  VAL A CB  1 
ATOM   446  C  CG1 . VAL A 1 61  ? -14.279 -3.075  -9.659  1.00 15.27 ? 140  VAL A CG1 1 
ATOM   447  C  CG2 . VAL A 1 61  ? -15.389 -5.297  -10.223 1.00 17.49 ? 140  VAL A CG2 1 
ATOM   448  N  N   . TYR A 1 62  ? -12.988 -3.378  -6.595  1.00 15.40 ? 141  TYR A N   1 
ATOM   449  C  CA  . TYR A 1 62  ? -12.560 -2.393  -5.615  1.00 16.86 ? 141  TYR A CA  1 
ATOM   450  C  C   . TYR A 1 62  ? -11.815 -1.295  -6.346  1.00 17.22 ? 141  TYR A C   1 
ATOM   451  O  O   . TYR A 1 62  ? -11.033 -1.582  -7.259  1.00 16.43 ? 141  TYR A O   1 
ATOM   452  C  CB  . TYR A 1 62  ? -11.594 -3.023  -4.564  1.00 16.58 ? 141  TYR A CB  1 
ATOM   453  C  CG  . TYR A 1 62  ? -12.236 -4.108  -3.691  1.00 18.51 ? 141  TYR A CG  1 
ATOM   454  C  CD1 . TYR A 1 62  ? -12.510 -5.422  -4.204  1.00 19.23 ? 141  TYR A CD1 1 
ATOM   455  C  CD2 . TYR A 1 62  ? -12.585 -3.827  -2.348  1.00 14.38 ? 141  TYR A CD2 1 
ATOM   456  C  CE1 . TYR A 1 62  ? -13.119 -6.454  -3.345  1.00 16.61 ? 141  TYR A CE1 1 
ATOM   457  C  CE2 . TYR A 1 62  ? -13.148 -4.808  -1.506  1.00 17.94 ? 141  TYR A CE2 1 
ATOM   458  C  CZ  . TYR A 1 62  ? -13.414 -6.102  -2.003  1.00 17.53 ? 141  TYR A CZ  1 
ATOM   459  O  OH  . TYR A 1 62  ? -14.033 -6.960  -1.135  1.00 19.28 ? 141  TYR A OH  1 
ATOM   460  N  N   . TYR A 1 63  ? -12.058 -0.055  -5.960  1.00 15.12 ? 142  TYR A N   1 
ATOM   461  C  CA  . TYR A 1 63  ? -11.126 0.962   -6.334  1.00 14.83 ? 142  TYR A CA  1 
ATOM   462  C  C   . TYR A 1 63  ? -9.934  0.901   -5.363  1.00 15.57 ? 142  TYR A C   1 
ATOM   463  O  O   . TYR A 1 63  ? -10.130 1.098   -4.145  1.00 13.89 ? 142  TYR A O   1 
ATOM   464  C  CB  . TYR A 1 63  ? -11.770 2.353   -6.314  1.00 13.53 ? 142  TYR A CB  1 
ATOM   465  C  CG  . TYR A 1 63  ? -10.751 3.442   -6.773  1.00 17.62 ? 142  TYR A CG  1 
ATOM   466  C  CD1 . TYR A 1 63  ? -10.489 3.672   -8.161  1.00 14.51 ? 142  TYR A CD1 1 
ATOM   467  C  CD2 . TYR A 1 63  ? -10.147 4.299   -5.839  1.00 17.78 ? 142  TYR A CD2 1 
ATOM   468  C  CE1 . TYR A 1 63  ? -9.661  4.624   -8.581  1.00 16.31 ? 142  TYR A CE1 1 
ATOM   469  C  CE2 . TYR A 1 63  ? -9.301  5.351   -6.291  1.00 15.78 ? 142  TYR A CE2 1 
ATOM   470  C  CZ  . TYR A 1 63  ? -9.048  5.475   -7.624  1.00 17.95 ? 142  TYR A CZ  1 
ATOM   471  O  OH  . TYR A 1 63  ? -8.185  6.466   -8.017  1.00 20.56 ? 142  TYR A OH  1 
ATOM   472  N  N   . VAL A 1 64  ? -8.707  0.627   -5.891  1.00 15.00 ? 143  VAL A N   1 
ATOM   473  C  CA  . VAL A 1 64  ? -7.509  0.487   -5.065  1.00 12.45 ? 143  VAL A CA  1 
ATOM   474  C  C   . VAL A 1 64  ? -6.487  1.560   -5.395  1.00 14.06 ? 143  VAL A C   1 
ATOM   475  O  O   . VAL A 1 64  ? -6.174  1.808   -6.573  1.00 12.35 ? 143  VAL A O   1 
ATOM   476  C  CB  . VAL A 1 64  ? -6.912  -0.918  -5.220  1.00 13.88 ? 143  VAL A CB  1 
ATOM   477  C  CG1 . VAL A 1 64  ? -5.707  -1.171  -4.157  1.00 12.68 ? 143  VAL A CG1 1 
ATOM   478  C  CG2 . VAL A 1 64  ? -7.999  -2.019  -4.991  1.00 10.26 ? 143  VAL A CG2 1 
ATOM   479  N  N   . PHE A 1 65  ? -5.955  2.229   -4.367  1.00 13.86 ? 144  PHE A N   1 
ATOM   480  C  CA  . PHE A 1 65  ? -4.953  3.245   -4.688  1.00 13.92 ? 144  PHE A CA  1 
ATOM   481  C  C   . PHE A 1 65  ? -3.703  3.144   -3.809  1.00 14.40 ? 144  PHE A C   1 
ATOM   482  O  O   . PHE A 1 65  ? -3.745  2.597   -2.698  1.00 14.20 ? 144  PHE A O   1 
ATOM   483  C  CB  . PHE A 1 65  ? -5.561  4.676   -4.684  1.00 12.28 ? 144  PHE A CB  1 
ATOM   484  C  CG  . PHE A 1 65  ? -5.985  5.191   -3.296  1.00 14.10 ? 144  PHE A CG  1 
ATOM   485  C  CD1 . PHE A 1 65  ? -5.042  5.622   -2.384  1.00 13.31 ? 144  PHE A CD1 1 
ATOM   486  C  CD2 . PHE A 1 65  ? -7.334  5.206   -2.923  1.00 13.73 ? 144  PHE A CD2 1 
ATOM   487  C  CE1 . PHE A 1 65  ? -5.393  6.077   -1.145  1.00 14.32 ? 144  PHE A CE1 1 
ATOM   488  C  CE2 . PHE A 1 65  ? -7.710  5.684   -1.680  1.00 15.65 ? 144  PHE A CE2 1 
ATOM   489  C  CZ  . PHE A 1 65  ? -6.737  6.155   -0.792  1.00 13.89 ? 144  PHE A CZ  1 
ATOM   490  N  N   . PHE A 1 66  ? -2.610  3.693   -4.323  1.00 14.13 ? 145  PHE A N   1 
ATOM   491  C  CA  . PHE A 1 66  ? -1.408  3.829   -3.586  1.00 16.09 ? 145  PHE A CA  1 
ATOM   492  C  C   . PHE A 1 66  ? -1.153  5.326   -3.479  1.00 15.77 ? 145  PHE A C   1 
ATOM   493  O  O   . PHE A 1 66  ? -1.213  6.033   -4.448  1.00 12.41 ? 145  PHE A O   1 
ATOM   494  C  CB  . PHE A 1 66  ? -0.202  3.404   -4.411  1.00 18.16 ? 145  PHE A CB  1 
ATOM   495  C  CG  . PHE A 1 66  ? 0.024   1.982   -4.494  1.00 20.47 ? 145  PHE A CG  1 
ATOM   496  C  CD1 . PHE A 1 66  ? 0.564   1.439   -5.683  1.00 23.30 ? 145  PHE A CD1 1 
ATOM   497  C  CD2 . PHE A 1 66  ? -0.184  1.188   -3.426  1.00 23.04 ? 145  PHE A CD2 1 
ATOM   498  C  CE1 . PHE A 1 66  ? 0.840   0.137   -5.764  1.00 24.62 ? 145  PHE A CE1 1 
ATOM   499  C  CE2 . PHE A 1 66  ? 0.090   -0.155  -3.522  1.00 25.96 ? 145  PHE A CE2 1 
ATOM   500  C  CZ  . PHE A 1 66  ? 0.576   -0.675  -4.710  1.00 26.30 ? 145  PHE A CZ  1 
ATOM   501  N  N   . GLN A 1 67  ? -0.687  5.748   -2.321  1.00 14.63 ? 146  GLN A N   1 
ATOM   502  C  CA  . GLN A 1 67  ? -0.117  7.063   -2.226  1.00 16.54 ? 146  GLN A CA  1 
ATOM   503  C  C   . GLN A 1 67  ? 1.291   6.947   -1.716  1.00 17.49 ? 146  GLN A C   1 
ATOM   504  O  O   . GLN A 1 67  ? 1.571   6.216   -0.765  1.00 18.20 ? 146  GLN A O   1 
ATOM   505  C  CB  . GLN A 1 67  ? -0.961  7.990   -1.289  1.00 17.07 ? 146  GLN A CB  1 
ATOM   506  C  CG  . GLN A 1 67  ? -0.179  9.156   -0.800  1.00 21.60 ? 146  GLN A CG  1 
ATOM   507  C  CD  . GLN A 1 67  ? -0.948  10.082  0.181   1.00 29.62 ? 146  GLN A CD  1 
ATOM   508  O  OE1 . GLN A 1 67  ? -0.829  9.971   1.393   1.00 29.55 ? 146  GLN A OE1 1 
ATOM   509  N  NE2 . GLN A 1 67  ? -1.699  10.989  -0.349  1.00 27.93 ? 146  GLN A NE2 1 
HETATM 510  N  N   . MSE A 1 68  ? 2.217   7.697   -2.273  1.00 17.48 ? 147  MSE A N   1 
HETATM 511  C  CA  . MSE A 1 68  ? 3.553   7.671   -1.639  1.00 16.57 ? 147  MSE A CA  1 
HETATM 512  C  C   . MSE A 1 68  ? 4.229   9.030   -1.541  1.00 17.49 ? 147  MSE A C   1 
HETATM 513  O  O   . MSE A 1 68  ? 4.292   9.787   -2.492  1.00 16.30 ? 147  MSE A O   1 
HETATM 514  C  CB  . MSE A 1 68  ? 4.457   6.663   -2.371  1.00 17.94 ? 147  MSE A CB  1 
HETATM 515  C  CG  . MSE A 1 68  ? 5.799   6.680   -1.892  1.00 16.69 ? 147  MSE A CG  1 
HETATM 516  SE SE  . MSE A 1 68  ? 6.899   5.252   -2.762  1.00 25.90 ? 147  MSE A SE  1 
HETATM 517  C  CE  . MSE A 1 68  ? 6.503   5.595   -4.670  1.00 15.06 ? 147  MSE A CE  1 
ATOM   518  N  N   . GLU A 1 69  ? 4.699   9.375   -0.351  1.00 18.17 ? 148  GLU A N   1 
ATOM   519  C  CA  . GLU A 1 69  ? 5.465   10.583  -0.204  1.00 19.54 ? 148  GLU A CA  1 
ATOM   520  C  C   . GLU A 1 69  ? 6.877   10.261  0.223   1.00 20.85 ? 148  GLU A C   1 
ATOM   521  O  O   . GLU A 1 69  ? 7.093   9.453   1.121   1.00 20.52 ? 148  GLU A O   1 
ATOM   522  C  CB  . GLU A 1 69  ? 4.858   11.608  0.732   1.00 19.84 ? 148  GLU A CB  1 
ATOM   523  C  CG  . GLU A 1 69  ? 5.643   12.945  0.626   1.00 26.82 ? 148  GLU A CG  1 
ATOM   524  C  CD  . GLU A 1 69  ? 5.308   14.017  1.727   1.00 40.17 ? 148  GLU A CD  1 
ATOM   525  O  OE1 . GLU A 1 69  ? 6.107   14.266  2.661   1.00 41.20 ? 148  GLU A OE1 1 
ATOM   526  O  OE2 . GLU A 1 69  ? 4.246   14.639  1.663   1.00 40.73 ? 148  GLU A OE2 1 
ATOM   527  N  N   . LEU A 1 70  ? 7.843   10.914  -0.436  1.00 20.75 ? 149  LEU A N   1 
ATOM   528  C  CA  . LEU A 1 70  ? 9.245   10.697  -0.141  1.00 20.71 ? 149  LEU A CA  1 
ATOM   529  C  C   . LEU A 1 70  ? 9.945   11.966  0.231   1.00 20.21 ? 149  LEU A C   1 
ATOM   530  O  O   . LEU A 1 70  ? 9.539   13.044  -0.207  1.00 18.68 ? 149  LEU A O   1 
ATOM   531  C  CB  . LEU A 1 70  ? 9.947   10.122  -1.368  1.00 20.46 ? 149  LEU A CB  1 
ATOM   532  C  CG  . LEU A 1 70  ? 9.438   8.782   -1.800  1.00 21.01 ? 149  LEU A CG  1 
ATOM   533  C  CD1 . LEU A 1 70  ? 8.881   8.976   -3.220  1.00 14.89 ? 149  LEU A CD1 1 
ATOM   534  C  CD2 . LEU A 1 70  ? 10.568  7.813   -1.809  1.00 18.75 ? 149  LEU A CD2 1 
ATOM   535  N  N   . ARG A 1 71  ? 11.041  11.854  0.996   1.00 21.09 ? 150  ARG A N   1 
ATOM   536  C  CA  . ARG A 1 71  ? 11.801  13.088  1.262   1.00 24.07 ? 150  ARG A CA  1 
ATOM   537  C  C   . ARG A 1 71  ? 13.305  12.857  1.322   1.00 22.68 ? 150  ARG A C   1 
ATOM   538  O  O   . ARG A 1 71  ? 13.725  11.780  1.653   1.00 20.45 ? 150  ARG A O   1 
ATOM   539  C  CB  . ARG A 1 71  ? 11.223  13.847  2.455   1.00 23.93 ? 150  ARG A CB  1 
ATOM   540  C  CG  . ARG A 1 71  ? 11.603  13.319  3.813   1.00 33.99 ? 150  ARG A CG  1 
ATOM   541  C  CD  . ARG A 1 71  ? 11.119  14.378  4.961   1.00 44.69 ? 150  ARG A CD  1 
ATOM   542  N  NE  . ARG A 1 71  ? 11.799  14.219  6.257   1.00 50.82 ? 150  ARG A NE  1 
ATOM   543  C  CZ  . ARG A 1 71  ? 11.753  13.104  7.002   1.00 53.33 ? 150  ARG A CZ  1 
ATOM   544  N  NH1 . ARG A 1 71  ? 11.064  12.045  6.569   1.00 50.32 ? 150  ARG A NH1 1 
ATOM   545  N  NH2 . ARG A 1 71  ? 12.387  13.040  8.182   1.00 49.39 ? 150  ARG A NH2 1 
ATOM   546  N  N   . ARG A 1 72  ? 14.075  13.838  0.856   1.00 23.32 ? 151  ARG A N   1 
ATOM   547  C  CA  . ARG A 1 72  ? 15.537  13.736  0.759   1.00 23.54 ? 151  ARG A CA  1 
ATOM   548  C  C   . ARG A 1 72  ? 16.089  14.037  2.160   1.00 23.49 ? 151  ARG A C   1 
ATOM   549  O  O   . ARG A 1 72  ? 15.910  15.148  2.684   1.00 22.87 ? 151  ARG A O   1 
ATOM   550  C  CB  . ARG A 1 72  ? 16.088  14.747  -0.242  1.00 23.27 ? 151  ARG A CB  1 
ATOM   551  C  CG  . ARG A 1 72  ? 17.512  14.473  -0.716  1.00 23.32 ? 151  ARG A CG  1 
ATOM   552  C  CD  . ARG A 1 72  ? 18.216  15.759  -1.306  1.00 26.40 ? 151  ARG A CD  1 
ATOM   553  N  NE  . ARG A 1 72  ? 17.435  16.480  -2.310  1.00 24.49 ? 151  ARG A NE  1 
ATOM   554  C  CZ  . ARG A 1 72  ? 17.267  16.066  -3.548  1.00 24.53 ? 151  ARG A CZ  1 
ATOM   555  N  NH1 . ARG A 1 72  ? 17.835  14.944  -3.978  1.00 22.22 ? 151  ARG A NH1 1 
ATOM   556  N  NH2 . ARG A 1 72  ? 16.522  16.767  -4.370  1.00 25.44 ? 151  ARG A NH2 1 
ATOM   557  N  N   . VAL A 1 73  ? 16.671  13.024  2.789   1.00 21.85 ? 152  VAL A N   1 
ATOM   558  C  CA  . VAL A 1 73  ? 17.141  13.221  4.159   1.00 23.30 ? 152  VAL A CA  1 
ATOM   559  C  C   . VAL A 1 73  ? 18.647  13.547  4.175   1.00 23.15 ? 152  VAL A C   1 
ATOM   560  O  O   . VAL A 1 73  ? 19.132  14.129  5.172   1.00 24.74 ? 152  VAL A O   1 
ATOM   561  C  CB  . VAL A 1 73  ? 16.780  12.039  5.081   1.00 22.36 ? 152  VAL A CB  1 
ATOM   562  C  CG1 . VAL A 1 73  ? 15.284  11.933  5.154   1.00 23.71 ? 152  VAL A CG1 1 
ATOM   563  C  CG2 . VAL A 1 73  ? 17.372  10.730  4.559   1.00 21.56 ? 152  VAL A CG2 1 
ATOM   564  N  N   . VAL A 1 74  ? 19.356  13.166  3.103   1.00 22.52 ? 153  VAL A N   1 
ATOM   565  C  CA  . VAL A 1 74  ? 20.784  13.466  2.946   1.00 24.18 ? 153  VAL A CA  1 
ATOM   566  C  C   . VAL A 1 74  ? 20.952  14.653  1.994   1.00 25.80 ? 153  VAL A C   1 
ATOM   567  O  O   . VAL A 1 74  ? 20.709  14.542  0.804   1.00 26.01 ? 153  VAL A O   1 
ATOM   568  C  CB  . VAL A 1 74  ? 21.650  12.222  2.422   1.00 24.00 ? 153  VAL A CB  1 
ATOM   569  C  CG1 . VAL A 1 74  ? 23.144  12.536  2.356   1.00 18.30 ? 153  VAL A CG1 1 
ATOM   570  C  CG2 . VAL A 1 74  ? 21.445  11.031  3.282   1.00 22.04 ? 153  VAL A CG2 1 
ATOM   571  N  N   . ALA A 1 75  ? 21.316  15.791  2.557   1.00 28.36 ? 154  ALA A N   1 
ATOM   572  C  CA  . ALA A 1 75  ? 21.399  17.061  1.798   1.00 31.14 ? 154  ALA A CA  1 
ATOM   573  C  C   . ALA A 1 75  ? 22.286  16.937  0.570   1.00 32.47 ? 154  ALA A C   1 
ATOM   574  O  O   . ALA A 1 75  ? 23.387  16.382  0.634   1.00 32.55 ? 154  ALA A O   1 
ATOM   575  C  CB  . ALA A 1 75  ? 21.889  18.223  2.707   1.00 31.51 ? 154  ALA A CB  1 
ATOM   576  N  N   . GLY A 1 76  ? 21.783  17.416  -0.565  1.00 33.25 ? 155  GLY A N   1 
ATOM   577  C  CA  . GLY A 1 76  ? 22.583  17.455  -1.781  1.00 34.91 ? 155  GLY A CA  1 
ATOM   578  C  C   . GLY A 1 76  ? 22.779  16.132  -2.477  1.00 34.55 ? 155  GLY A C   1 
ATOM   579  O  O   . GLY A 1 76  ? 23.653  16.010  -3.314  1.00 35.67 ? 155  GLY A O   1 
ATOM   580  N  N   . GLU A 1 77  ? 21.974  15.140  -2.170  1.00 33.73 ? 156  GLU A N   1 
ATOM   581  C  CA  . GLU A 1 77  ? 22.230  13.801  -2.715  1.00 34.83 ? 156  GLU A CA  1 
ATOM   582  C  C   . GLU A 1 77  ? 20.943  13.064  -3.078  1.00 33.31 ? 156  GLU A C   1 
ATOM   583  O  O   . GLU A 1 77  ? 19.863  13.405  -2.581  1.00 32.36 ? 156  GLU A O   1 
ATOM   584  C  CB  . GLU A 1 77  ? 23.128  12.979  -1.736  1.00 35.31 ? 156  GLU A CB  1 
ATOM   585  C  CG  . GLU A 1 77  ? 24.588  13.385  -1.882  1.00 42.79 ? 156  GLU A CG  1 
ATOM   586  C  CD  . GLU A 1 77  ? 25.455  12.927  -0.763  1.00 57.66 ? 156  GLU A CD  1 
ATOM   587  O  OE1 . GLU A 1 77  ? 25.202  11.815  -0.178  1.00 58.60 ? 156  GLU A OE1 1 
ATOM   588  O  OE2 . GLU A 1 77  ? 26.434  13.686  -0.479  1.00 63.23 ? 156  GLU A OE2 1 
ATOM   589  N  N   . GLY A 1 78  ? 21.094  12.092  -3.977  1.00 32.88 ? 157  GLY A N   1 
ATOM   590  C  CA  . GLY A 1 78  ? 20.056  11.148  -4.383  1.00 30.46 ? 157  GLY A CA  1 
ATOM   591  C  C   . GLY A 1 78  ? 19.261  11.546  -5.605  1.00 30.47 ? 157  GLY A C   1 
ATOM   592  O  O   . GLY A 1 78  ? 18.960  12.715  -5.807  1.00 30.15 ? 157  GLY A O   1 
ATOM   593  N  N   . SER A 1 79  ? 18.935  10.550  -6.417  1.00 28.52 ? 158  SER A N   1 
ATOM   594  C  CA  . SER A 1 79  ? 18.140  10.729  -7.585  1.00 28.54 ? 158  SER A CA  1 
ATOM   595  C  C   . SER A 1 79  ? 17.742  9.331   -8.010  1.00 27.14 ? 158  SER A C   1 
ATOM   596  O  O   . SER A 1 79  ? 18.263  8.378   -7.480  1.00 28.17 ? 158  SER A O   1 
ATOM   597  C  CB  . SER A 1 79  ? 18.942  11.399  -8.722  1.00 28.59 ? 158  SER A CB  1 
ATOM   598  O  OG  . SER A 1 79  ? 20.175  10.736  -8.917  1.00 30.37 ? 158  SER A OG  1 
ATOM   599  N  N   . GLY A 1 80  ? 16.858  9.232   -8.992  1.00 26.10 ? 159  GLY A N   1 
ATOM   600  C  CA  . GLY A 1 80  ? 16.385  7.975   -9.494  1.00 25.34 ? 159  GLY A CA  1 
ATOM   601  C  C   . GLY A 1 80  ? 14.860  7.955   -9.459  1.00 25.50 ? 159  GLY A C   1 
ATOM   602  O  O   . GLY A 1 80  ? 14.220  8.999   -9.558  1.00 25.17 ? 159  GLY A O   1 
ATOM   603  N  N   . SER A 1 81  ? 14.318  6.751   -9.364  1.00 24.17 ? 160  SER A N   1 
ATOM   604  C  CA  . SER A 1 81  ? 12.904  6.504   -9.264  1.00 25.13 ? 160  SER A CA  1 
ATOM   605  C  C   . SER A 1 81  ? 12.676  5.478   -8.168  1.00 22.26 ? 160  SER A C   1 
ATOM   606  O  O   . SER A 1 81  ? 13.497  4.566   -7.949  1.00 19.30 ? 160  SER A O   1 
ATOM   607  C  CB  . SER A 1 81  ? 12.380  5.836   -10.561 1.00 25.87 ? 160  SER A CB  1 
ATOM   608  O  OG  . SER A 1 81  ? 12.527  6.767   -11.592 1.00 36.06 ? 160  SER A OG  1 
ATOM   609  N  N   . VAL A 1 82  ? 11.482  5.571   -7.598  1.00 19.85 ? 161  VAL A N   1 
ATOM   610  C  CA  . VAL A 1 82  ? 10.995  4.585   -6.640  1.00 18.78 ? 161  VAL A CA  1 
ATOM   611  C  C   . VAL A 1 82  ? 9.657   4.029   -7.150  1.00 17.98 ? 161  VAL A C   1 
ATOM   612  O  O   . VAL A 1 82  ? 8.813   4.819   -7.503  1.00 18.42 ? 161  VAL A O   1 
ATOM   613  C  CB  . VAL A 1 82  ? 10.776  5.279   -5.287  1.00 18.31 ? 161  VAL A CB  1 
ATOM   614  C  CG1 . VAL A 1 82  ? 10.279  4.263   -4.230  1.00 16.77 ? 161  VAL A CG1 1 
ATOM   615  C  CG2 . VAL A 1 82  ? 12.031  5.975   -4.852  1.00 21.73 ? 161  VAL A CG2 1 
ATOM   616  N  N   . SER A 1 83  ? 9.469   2.702   -7.126  1.00 17.12 ? 162  SER A N   1 
ATOM   617  C  CA  . SER A 1 83  ? 8.251   2.074   -7.586  1.00 18.18 ? 162  SER A CA  1 
ATOM   618  C  C   . SER A 1 83  ? 7.596   1.297   -6.461  1.00 19.02 ? 162  SER A C   1 
ATOM   619  O  O   . SER A 1 83  ? 8.321   0.697   -5.614  1.00 19.16 ? 162  SER A O   1 
ATOM   620  C  CB  . SER A 1 83  ? 8.518   1.132   -8.759  1.00 17.86 ? 162  SER A CB  1 
ATOM   621  O  OG  . SER A 1 83  ? 8.997   1.979   -9.781  1.00 21.57 ? 162  SER A OG  1 
ATOM   622  N  N   . LEU A 1 84  ? 6.257   1.266   -6.517  1.00 18.45 ? 163  LEU A N   1 
ATOM   623  C  CA  . LEU A 1 84  ? 5.406   0.346   -5.722  1.00 19.14 ? 163  LEU A CA  1 
ATOM   624  C  C   . LEU A 1 84  ? 4.636   -0.525  -6.672  1.00 18.42 ? 163  LEU A C   1 
ATOM   625  O  O   . LEU A 1 84  ? 4.246   -0.039  -7.766  1.00 19.82 ? 163  LEU A O   1 
ATOM   626  C  CB  . LEU A 1 84  ? 4.397   1.115   -4.890  1.00 17.96 ? 163  LEU A CB  1 
ATOM   627  C  CG  . LEU A 1 84  ? 4.922   1.995   -3.820  1.00 19.61 ? 163  LEU A CG  1 
ATOM   628  C  CD1 . LEU A 1 84  ? 3.708   2.572   -3.068  1.00 16.51 ? 163  LEU A CD1 1 
ATOM   629  C  CD2 . LEU A 1 84  ? 5.850   1.209   -2.881  1.00 20.14 ? 163  LEU A CD2 1 
ATOM   630  N  N   . ALA A 1 85  ? 4.439   -1.790  -6.330  1.00 17.66 ? 164  ALA A N   1 
ATOM   631  C  CA  . ALA A 1 85  ? 3.582   -2.659  -7.178  1.00 18.29 ? 164  ALA A CA  1 
ATOM   632  C  C   . ALA A 1 85  ? 2.813   -3.587  -6.326  1.00 19.22 ? 164  ALA A C   1 
ATOM   633  O  O   . ALA A 1 85  ? 3.383   -4.266  -5.480  1.00 19.50 ? 164  ALA A O   1 
ATOM   634  C  CB  . ALA A 1 85  ? 4.388   -3.444  -8.196  1.00 16.98 ? 164  ALA A CB  1 
ATOM   635  N  N   . LEU A 1 86  ? 1.496   -3.541  -6.483  1.00 21.28 ? 165  LEU A N   1 
ATOM   636  C  CA  . LEU A 1 86  ? 0.613   -4.497  -5.863  1.00 22.45 ? 165  LEU A CA  1 
ATOM   637  C  C   . LEU A 1 86  ? 0.666   -5.868  -6.585  1.00 23.35 ? 165  LEU A C   1 
ATOM   638  O  O   . LEU A 1 86  ? 0.408   -5.949  -7.797  1.00 22.76 ? 165  LEU A O   1 
ATOM   639  C  CB  . LEU A 1 86  ? -0.838  -3.943  -5.892  1.00 22.50 ? 165  LEU A CB  1 
ATOM   640  C  CG  . LEU A 1 86  ? -1.938  -4.805  -5.207  1.00 24.07 ? 165  LEU A CG  1 
ATOM   641  C  CD1 . LEU A 1 86  ? -1.706  -4.782  -3.664  1.00 20.47 ? 165  LEU A CD1 1 
ATOM   642  C  CD2 . LEU A 1 86  ? -3.306  -4.129  -5.529  1.00 27.44 ? 165  LEU A CD2 1 
ATOM   643  N  N   . HIS A 1 87  ? 0.970   -6.937  -5.844  1.00 24.67 ? 166  HIS A N   1 
ATOM   644  C  CA  . HIS A 1 87  ? 1.008   -8.281  -6.432  1.00 27.22 ? 166  HIS A CA  1 
ATOM   645  C  C   . HIS A 1 87  ? -0.062  -9.160  -5.867  1.00 27.11 ? 166  HIS A C   1 
ATOM   646  O  O   . HIS A 1 87  ? -0.284  -9.198  -4.669  1.00 26.27 ? 166  HIS A O   1 
ATOM   647  C  CB  . HIS A 1 87  ? 2.410   -8.970  -6.311  1.00 28.14 ? 166  HIS A CB  1 
ATOM   648  C  CG  . HIS A 1 87  ? 3.459   -8.323  -7.175  1.00 34.04 ? 166  HIS A CG  1 
ATOM   649  N  ND1 . HIS A 1 87  ? 3.417   -8.353  -8.559  1.00 39.53 ? 166  HIS A ND1 1 
ATOM   650  C  CD2 . HIS A 1 87  ? 4.518   -7.541  -6.853  1.00 35.76 ? 166  HIS A CD2 1 
ATOM   651  C  CE1 . HIS A 1 87  ? 4.438   -7.658  -9.042  1.00 37.77 ? 166  HIS A CE1 1 
ATOM   652  N  NE2 . HIS A 1 87  ? 5.118   -7.157  -8.025  1.00 35.05 ? 166  HIS A NE2 1 
ATOM   653  N  N   . LEU A 1 88  ? -0.744  -9.836  -6.765  1.00 28.07 ? 167  LEU A N   1 
ATOM   654  C  CA  . LEU A 1 88  ? -1.631  -10.909 -6.372  1.00 31.23 ? 167  LEU A CA  1 
ATOM   655  C  C   . LEU A 1 88  ? -0.770  -12.084 -5.982  1.00 31.62 ? 167  LEU A C   1 
ATOM   656  O  O   . LEU A 1 88  ? 0.135   -12.451 -6.720  1.00 31.86 ? 167  LEU A O   1 
ATOM   657  C  CB  . LEU A 1 88  ? -2.608  -11.257 -7.514  1.00 32.26 ? 167  LEU A CB  1 
ATOM   658  C  CG  . LEU A 1 88  ? -3.413  -10.099 -8.163  1.00 35.79 ? 167  LEU A CG  1 
ATOM   659  C  CD1 . LEU A 1 88  ? -4.433  -10.644 -9.205  1.00 43.27 ? 167  LEU A CD1 1 
ATOM   660  C  CD2 . LEU A 1 88  ? -4.095  -9.209  -7.192  1.00 35.14 ? 167  LEU A CD2 1 
HETATM 661  N  N   . MSE A 1 89  ? -1.009  -12.632 -4.794  1.00 32.38 ? 168  MSE A N   1 
HETATM 662  C  CA  . MSE A 1 89  ? -0.265  -13.763 -4.276  1.00 33.67 ? 168  MSE A CA  1 
HETATM 663  C  C   . MSE A 1 89  ? -1.110  -15.033 -4.216  1.00 37.09 ? 168  MSE A C   1 
HETATM 664  O  O   . MSE A 1 89  ? -2.345  -14.982 -4.038  1.00 37.00 ? 168  MSE A O   1 
HETATM 665  C  CB  . MSE A 1 89  ? 0.240   -13.417 -2.856  1.00 34.27 ? 168  MSE A CB  1 
HETATM 666  C  CG  . MSE A 1 89  ? 1.205   -12.243 -2.834  1.00 30.46 ? 168  MSE A CG  1 
HETATM 667  SE SE  . MSE A 1 89  ? 1.555   -11.866 -0.914  1.00 41.69 ? 168  MSE A SE  1 
HETATM 668  C  CE  . MSE A 1 89  ? 2.725   -13.494 -0.553  1.00 29.21 ? 168  MSE A CE  1 
ATOM   669  N  N   . PRO A 1 90  ? -0.459  -16.207 -4.329  1.00 40.72 ? 169  PRO A N   1 
ATOM   670  C  CA  . PRO A 1 90  ? 0.983   -16.420 -4.605  1.00 42.18 ? 169  PRO A CA  1 
ATOM   671  C  C   . PRO A 1 90  ? 1.284   -16.174 -6.095  1.00 42.54 ? 169  PRO A C   1 
ATOM   672  O  O   . PRO A 1 90  ? 0.362   -16.301 -6.929  1.00 43.72 ? 169  PRO A O   1 
ATOM   673  C  CB  . PRO A 1 90  ? 1.173   -17.901 -4.223  1.00 42.46 ? 169  PRO A CB  1 
ATOM   674  C  CG  . PRO A 1 90  ? -0.170  -18.540 -4.752  1.00 42.39 ? 169  PRO A CG  1 
ATOM   675  C  CD  . PRO A 1 90  ? -1.206  -17.499 -4.274  1.00 42.02 ? 169  PRO A CD  1 
ATOM   676  N  N   . ALA A 1 97  ? 2.782   -7.259  -15.445 1.00 40.67 ? 176  ALA A N   1 
ATOM   677  C  CA  . ALA A 1 97  ? 2.094   -8.211  -14.561 1.00 40.03 ? 176  ALA A CA  1 
ATOM   678  C  C   . ALA A 1 97  ? 1.388   -7.426  -13.404 1.00 39.47 ? 176  ALA A C   1 
ATOM   679  O  O   . ALA A 1 97  ? 0.148   -7.511  -13.303 1.00 40.19 ? 176  ALA A O   1 
ATOM   680  C  CB  . ALA A 1 97  ? 3.049   -9.353  -14.034 1.00 39.88 ? 176  ALA A CB  1 
ATOM   681  N  N   . ALA A 1 98  ? 2.130   -6.627  -12.608 1.00 36.93 ? 177  ALA A N   1 
ATOM   682  C  CA  . ALA A 1 98  ? 1.538   -5.837  -11.486 1.00 35.60 ? 177  ALA A CA  1 
ATOM   683  C  C   . ALA A 1 98  ? 0.098   -5.333  -11.711 1.00 35.69 ? 177  ALA A C   1 
ATOM   684  O  O   . ALA A 1 98  ? -0.206  -4.604  -12.681 1.00 35.88 ? 177  ALA A O   1 
ATOM   685  C  CB  . ALA A 1 98  ? 2.448   -4.670  -11.056 1.00 35.40 ? 177  ALA A CB  1 
ATOM   686  N  N   . ALA A 1 99  ? -0.773  -5.681  -10.764 1.00 34.52 ? 178  ALA A N   1 
ATOM   687  C  CA  . ALA A 1 99  ? -2.157  -5.207  -10.740 1.00 33.18 ? 178  ALA A CA  1 
ATOM   688  C  C   . ALA A 1 99  ? -2.221  -3.632  -10.798 1.00 30.82 ? 178  ALA A C   1 
ATOM   689  O  O   . ALA A 1 99  ? -2.945  -3.040  -11.580 1.00 33.36 ? 178  ALA A O   1 
ATOM   690  C  CB  . ALA A 1 99  ? -2.864  -5.793  -9.446  1.00 31.26 ? 178  ALA A CB  1 
ATOM   691  N  N   . LEU A 1 100 ? -1.414  -2.981  -9.980  1.00 27.83 ? 179  LEU A N   1 
ATOM   692  C  CA  . LEU A 1 100 ? -1.474  -1.554  -9.780  1.00 24.16 ? 179  LEU A CA  1 
ATOM   693  C  C   . LEU A 1 100 ? -0.042  -1.208  -9.507  1.00 22.74 ? 179  LEU A C   1 
ATOM   694  O  O   . LEU A 1 100 ? 0.626   -1.922  -8.786  1.00 23.93 ? 179  LEU A O   1 
ATOM   695  C  CB  . LEU A 1 100 ? -2.345  -1.195  -8.566  1.00 23.63 ? 179  LEU A CB  1 
ATOM   696  C  CG  . LEU A 1 100 ? -2.287  0.271   -8.050  1.00 23.30 ? 179  LEU A CG  1 
ATOM   697  C  CD1 . LEU A 1 100 ? -2.918  1.203   -9.065  1.00 19.86 ? 179  LEU A CD1 1 
ATOM   698  C  CD2 . LEU A 1 100 ? -2.977  0.367   -6.725  1.00 16.09 ? 179  LEU A CD2 1 
ATOM   699  N  N   . ALA A 1 101 ? 0.462   -0.166  -10.141 1.00 20.62 ? 180  ALA A N   1 
ATOM   700  C  CA  . ALA A 1 101 ? 1.842   0.206   -10.027 1.00 20.18 ? 180  ALA A CA  1 
ATOM   701  C  C   . ALA A 1 101 ? 1.900   1.711   -9.964  1.00 20.36 ? 180  ALA A C   1 
ATOM   702  O  O   . ALA A 1 101 ? 1.067   2.419   -10.566 1.00 17.88 ? 180  ALA A O   1 
ATOM   703  C  CB  . ALA A 1 101 ? 2.726   -0.328  -11.229 1.00 19.18 ? 180  ALA A CB  1 
ATOM   704  N  N   . LEU A 1 102 ? 2.895   2.191   -9.204  1.00 19.62 ? 181  LEU A N   1 
ATOM   705  C  CA  . LEU A 1 102 ? 3.130   3.596   -9.074  1.00 18.25 ? 181  LEU A CA  1 
ATOM   706  C  C   . LEU A 1 102 ? 4.627   3.797   -9.104  1.00 18.43 ? 181  LEU A C   1 
ATOM   707  O  O   . LEU A 1 102 ? 5.346   3.248   -8.244  1.00 18.96 ? 181  LEU A O   1 
ATOM   708  C  CB  . LEU A 1 102 ? 2.608   4.061   -7.717  1.00 16.99 ? 181  LEU A CB  1 
ATOM   709  C  CG  . LEU A 1 102 ? 2.415   5.573   -7.400  1.00 21.22 ? 181  LEU A CG  1 
ATOM   710  C  CD1 . LEU A 1 102 ? 2.599   6.027   -5.917  1.00 16.88 ? 181  LEU A CD1 1 
ATOM   711  C  CD2 . LEU A 1 102 ? 2.869   6.616   -8.426  1.00 16.13 ? 181  LEU A CD2 1 
ATOM   712  N  N   . THR A 1 103 ? 5.104   4.652   -10.016 1.00 18.07 ? 182  THR A N   1 
ATOM   713  C  CA  . THR A 1 103 ? 6.506   5.075   -9.983  1.00 16.48 ? 182  THR A CA  1 
ATOM   714  C  C   . THR A 1 103 ? 6.655   6.530   -9.717  1.00 17.77 ? 182  THR A C   1 
ATOM   715  O  O   . THR A 1 103 ? 5.963   7.315   -10.303 1.00 18.52 ? 182  THR A O   1 
ATOM   716  C  CB  . THR A 1 103 ? 7.232   4.697   -11.289 1.00 16.58 ? 182  THR A CB  1 
ATOM   717  O  OG1 . THR A 1 103 ? 7.214   3.255   -11.422 1.00 14.99 ? 182  THR A OG1 1 
ATOM   718  C  CG2 . THR A 1 103 ? 8.660   5.224   -11.276 1.00 13.64 ? 182  THR A CG2 1 
ATOM   719  N  N   . VAL A 1 104 ? 7.546   6.924   -8.811  1.00 19.02 ? 183  VAL A N   1 
ATOM   720  C  CA  . VAL A 1 104 ? 7.779   8.336   -8.567  1.00 18.46 ? 183  VAL A CA  1 
ATOM   721  C  C   . VAL A 1 104 ? 9.239   8.728   -8.846  1.00 21.25 ? 183  VAL A C   1 
ATOM   722  O  O   . VAL A 1 104 ? 10.156  8.100   -8.291  1.00 20.90 ? 183  VAL A O   1 
ATOM   723  C  CB  . VAL A 1 104 ? 7.396   8.709   -7.074  1.00 18.74 ? 183  VAL A CB  1 
ATOM   724  C  CG1 . VAL A 1 104 ? 7.750   10.200  -6.760  1.00 15.56 ? 183  VAL A CG1 1 
ATOM   725  C  CG2 . VAL A 1 104 ? 5.849   8.445   -6.789  1.00 15.44 ? 183  VAL A CG2 1 
ATOM   726  N  N   . ASP A 1 105 ? 9.463   9.772   -9.665  1.00 23.07 ? 184  ASP A N   1 
ATOM   727  C  CA  . ASP A 1 105 ? 10.811  10.251  -9.976  1.00 27.05 ? 184  ASP A CA  1 
ATOM   728  C  C   . ASP A 1 105 ? 11.399  11.177  -8.902  1.00 27.87 ? 184  ASP A C   1 
ATOM   729  O  O   . ASP A 1 105 ? 10.683  12.041  -8.331  1.00 28.12 ? 184  ASP A O   1 
ATOM   730  C  CB  . ASP A 1 105 ? 10.917  10.942  -11.359 1.00 28.94 ? 184  ASP A CB  1 
ATOM   731  C  CG  . ASP A 1 105 ? 10.742  9.925   -12.592 1.00 33.76 ? 184  ASP A CG  1 
ATOM   732  O  OD1 . ASP A 1 105 ? 11.247  8.769   -12.595 1.00 31.48 ? 184  ASP A OD1 1 
ATOM   733  O  OD2 . ASP A 1 105 ? 10.058  10.310  -13.583 1.00 43.96 ? 184  ASP A OD2 1 
ATOM   734  N  N   . LEU A 1 106 ? 12.684  11.007  -8.597  1.00 26.97 ? 185  LEU A N   1 
ATOM   735  C  CA  . LEU A 1 106 ? 13.280  11.890  -7.548  1.00 29.43 ? 185  LEU A CA  1 
ATOM   736  C  C   . LEU A 1 106 ? 14.203  12.914  -8.159  1.00 31.92 ? 185  LEU A C   1 
ATOM   737  O  O   . LEU A 1 106 ? 15.214  12.541  -8.739  1.00 35.36 ? 185  LEU A O   1 
ATOM   738  C  CB  . LEU A 1 106 ? 14.030  11.075  -6.489  1.00 27.48 ? 185  LEU A CB  1 
ATOM   739  C  CG  . LEU A 1 106 ? 13.253  9.853   -6.011  1.00 27.35 ? 185  LEU A CG  1 
ATOM   740  C  CD1 . LEU A 1 106 ? 14.146  8.890   -5.266  1.00 28.70 ? 185  LEU A CD1 1 
ATOM   741  C  CD2 . LEU A 1 106 ? 12.052  10.324  -5.123  1.00 23.12 ? 185  LEU A CD2 1 
ATOM   742  N  N   . PRO A 1 107 ? 13.899  14.201  -8.001  1.00 33.81 ? 186  PRO A N   1 
ATOM   743  C  CA  . PRO A 1 107 ? 14.865  15.219  -8.469  1.00 35.34 ? 186  PRO A CA  1 
ATOM   744  C  C   . PRO A 1 107 ? 16.263  15.126  -7.800  1.00 37.48 ? 186  PRO A C   1 
ATOM   745  O  O   . PRO A 1 107 ? 16.373  15.009  -6.543  1.00 36.61 ? 186  PRO A O   1 
ATOM   746  C  CB  . PRO A 1 107 ? 14.185  16.543  -8.084  1.00 35.22 ? 186  PRO A CB  1 
ATOM   747  C  CG  . PRO A 1 107 ? 13.271  16.186  -6.891  1.00 33.79 ? 186  PRO A CG  1 
ATOM   748  C  CD  . PRO A 1 107 ? 12.854  14.751  -7.105  1.00 33.25 ? 186  PRO A CD  1 
ATOM   749  N  N   . PRO A 1 108 ? 17.342  15.197  -8.626  1.00 39.78 ? 187  PRO A N   1 
ATOM   750  C  CA  . PRO A 1 108 ? 18.679  15.548  -8.071  1.00 39.76 ? 187  PRO A CA  1 
ATOM   751  C  C   . PRO A 1 108 ? 18.705  16.949  -7.493  1.00 39.63 ? 187  PRO A C   1 
ATOM   752  O  O   . PRO A 1 108 ? 19.470  17.158  -6.527  1.00 42.23 ? 187  PRO A O   1 
ATOM   753  C  CB  . PRO A 1 108 ? 19.617  15.443  -9.267  1.00 40.80 ? 187  PRO A CB  1 
ATOM   754  C  CG  . PRO A 1 108 ? 18.839  14.689  -10.362 1.00 40.62 ? 187  PRO A CG  1 
ATOM   755  C  CD  . PRO A 1 108 ? 17.373  14.893  -10.083 1.00 40.39 ? 187  PRO A CD  1 
ATOM   756  N  N   . ARG A 1 114 ? 13.781  20.992  -5.124  1.00 34.17 ? 193  ARG A N   1 
ATOM   757  C  CA  . ARG A 1 114 ? 12.814  20.332  -4.230  1.00 34.45 ? 193  ARG A CA  1 
ATOM   758  C  C   . ARG A 1 114 ? 13.387  19.094  -3.469  1.00 32.02 ? 193  ARG A C   1 
ATOM   759  O  O   . ARG A 1 114 ? 14.110  18.266  -4.018  1.00 30.21 ? 193  ARG A O   1 
ATOM   760  C  CB  . ARG A 1 114 ? 11.539  19.899  -5.009  1.00 36.48 ? 193  ARG A CB  1 
ATOM   761  C  CG  . ARG A 1 114 ? 10.435  21.021  -5.197  1.00 40.85 ? 193  ARG A CG  1 
ATOM   762  C  CD  . ARG A 1 114 ? 9.182   20.426  -5.847  1.00 52.99 ? 193  ARG A CD  1 
ATOM   763  N  NE  . ARG A 1 114 ? 7.995   21.306  -5.703  1.00 61.27 ? 193  ARG A NE  1 
ATOM   764  C  CZ  . ARG A 1 114 ? 7.398   21.999  -6.694  1.00 63.76 ? 193  ARG A CZ  1 
ATOM   765  N  NH1 . ARG A 1 114 ? 7.811   21.919  -7.978  1.00 61.33 ? 193  ARG A NH1 1 
ATOM   766  N  NH2 . ARG A 1 114 ? 6.356   22.775  -6.386  1.00 65.96 ? 193  ARG A NH2 1 
ATOM   767  N  N   . ASN A 1 115 ? 13.002  18.973  -2.215  1.00 29.64 ? 194  ASN A N   1 
ATOM   768  C  CA  . ASN A 1 115 ? 13.504  17.917  -1.365  1.00 29.24 ? 194  ASN A CA  1 
ATOM   769  C  C   . ASN A 1 115 ? 12.394  16.916  -0.934  1.00 26.87 ? 194  ASN A C   1 
ATOM   770  O  O   . ASN A 1 115 ? 12.525  16.166  0.066   1.00 24.79 ? 194  ASN A O   1 
ATOM   771  C  CB  . ASN A 1 115 ? 14.272  18.588  -0.185  1.00 28.73 ? 194  ASN A CB  1 
ATOM   772  C  CG  . ASN A 1 115 ? 15.573  19.280  -0.678  1.00 34.68 ? 194  ASN A CG  1 
ATOM   773  O  OD1 . ASN A 1 115 ? 16.281  18.765  -1.577  1.00 33.90 ? 194  ASN A OD1 1 
ATOM   774  N  ND2 . ASN A 1 115 ? 15.855  20.471  -0.135  1.00 36.65 ? 194  ASN A ND2 1 
ATOM   775  N  N   . SER A 1 116 ? 11.313  16.935  -1.733  1.00 25.23 ? 195  SER A N   1 
ATOM   776  C  CA  . SER A 1 116 ? 10.100  16.114  -1.528  1.00 23.38 ? 195  SER A CA  1 
ATOM   777  C  C   . SER A 1 116 ? 9.754   15.564  -2.863  1.00 20.98 ? 195  SER A C   1 
ATOM   778  O  O   . SER A 1 116 ? 10.087  16.188  -3.872  1.00 21.50 ? 195  SER A O   1 
ATOM   779  C  CB  . SER A 1 116 ? 8.934   17.008  -1.081  1.00 23.10 ? 195  SER A CB  1 
ATOM   780  O  OG  . SER A 1 116 ? 9.073   17.237  0.281   1.00 33.28 ? 195  SER A OG  1 
ATOM   781  N  N   . ALA A 1 117 ? 9.016   14.458  -2.879  1.00 17.68 ? 196  ALA A N   1 
ATOM   782  C  CA  . ALA A 1 117 ? 8.436   13.900  -4.091  1.00 17.13 ? 196  ALA A CA  1 
ATOM   783  C  C   . ALA A 1 117 ? 7.142   13.213  -3.643  1.00 17.58 ? 196  ALA A C   1 
ATOM   784  O  O   . ALA A 1 117 ? 7.025   12.811  -2.499  1.00 20.12 ? 196  ALA A O   1 
ATOM   785  C  CB  . ALA A 1 117 ? 9.362   12.894  -4.791  1.00 14.69 ? 196  ALA A CB  1 
ATOM   786  N  N   . PHE A 1 118 ? 6.189   13.105  -4.552  1.00 17.36 ? 197  PHE A N   1 
ATOM   787  C  CA  . PHE A 1 118 ? 4.860   12.650  -4.253  1.00 18.05 ? 197  PHE A CA  1 
ATOM   788  C  C   . PHE A 1 118 ? 4.296   11.912  -5.459  1.00 16.45 ? 197  PHE A C   1 
ATOM   789  O  O   . PHE A 1 118 ? 4.474   12.333  -6.621  1.00 16.44 ? 197  PHE A O   1 
ATOM   790  C  CB  . PHE A 1 118 ? 3.920   13.843  -3.892  1.00 18.29 ? 197  PHE A CB  1 
ATOM   791  C  CG  . PHE A 1 118 ? 2.515   13.386  -3.506  1.00 21.08 ? 197  PHE A CG  1 
ATOM   792  C  CD1 . PHE A 1 118 ? 2.217   12.996  -2.178  1.00 20.92 ? 197  PHE A CD1 1 
ATOM   793  C  CD2 . PHE A 1 118 ? 1.495   13.259  -4.504  1.00 20.39 ? 197  PHE A CD2 1 
ATOM   794  C  CE1 . PHE A 1 118 ? 0.894   12.581  -1.815  1.00 24.18 ? 197  PHE A CE1 1 
ATOM   795  C  CE2 . PHE A 1 118 ? 0.212   12.817  -4.154  1.00 22.32 ? 197  PHE A CE2 1 
ATOM   796  C  CZ  . PHE A 1 118 ? -0.109  12.488  -2.824  1.00 23.38 ? 197  PHE A CZ  1 
ATOM   797  N  N   . GLY A 1 119 ? 3.572   10.842  -5.187  1.00 13.98 ? 198  GLY A N   1 
ATOM   798  C  CA  . GLY A 1 119 ? 2.763   10.221  -6.263  1.00 14.03 ? 198  GLY A CA  1 
ATOM   799  C  C   . GLY A 1 119 ? 1.537   9.530   -5.703  1.00 14.53 ? 198  GLY A C   1 
ATOM   800  O  O   . GLY A 1 119 ? 1.449   9.210   -4.500  1.00 13.45 ? 198  GLY A O   1 
ATOM   801  N  N   . PHE A 1 120 ? 0.574   9.350   -6.583  1.00 14.40 ? 199  PHE A N   1 
ATOM   802  C  CA  . PHE A 1 120 ? -0.641  8.718   -6.302  1.00 13.75 ? 199  PHE A CA  1 
ATOM   803  C  C   . PHE A 1 120 ? -1.019  7.937   -7.584  1.00 15.09 ? 199  PHE A C   1 
ATOM   804  O  O   . PHE A 1 120 ? -0.901  8.467   -8.679  1.00 15.79 ? 199  PHE A O   1 
ATOM   805  C  CB  . PHE A 1 120 ? -1.728  9.771   -6.102  1.00 13.52 ? 199  PHE A CB  1 
ATOM   806  C  CG  . PHE A 1 120 ? -3.116  9.171   -5.797  1.00 15.83 ? 199  PHE A CG  1 
ATOM   807  C  CD1 . PHE A 1 120 ? -3.562  9.005   -4.462  1.00 13.98 ? 199  PHE A CD1 1 
ATOM   808  C  CD2 . PHE A 1 120 ? -3.966  8.770   -6.828  1.00 14.54 ? 199  PHE A CD2 1 
ATOM   809  C  CE1 . PHE A 1 120 ? -4.822  8.508   -4.182  1.00 14.25 ? 199  PHE A CE1 1 
ATOM   810  C  CE2 . PHE A 1 120 ? -5.228  8.161   -6.540  1.00 13.80 ? 199  PHE A CE2 1 
ATOM   811  C  CZ  . PHE A 1 120 ? -5.679  8.070   -5.267  1.00 13.46 ? 199  PHE A CZ  1 
ATOM   812  N  N   . GLN A 1 121 ? -1.622  6.762   -7.427  1.00 15.61 ? 200  GLN A N   1 
ATOM   813  C  CA  . GLN A 1 121 ? -2.219  6.064   -8.550  1.00 16.53 ? 200  GLN A CA  1 
ATOM   814  C  C   . GLN A 1 121 ? -3.305  5.168   -7.984  1.00 15.48 ? 200  GLN A C   1 
ATOM   815  O  O   . GLN A 1 121 ? -3.084  4.470   -6.984  1.00 16.43 ? 200  GLN A O   1 
ATOM   816  C  CB  . GLN A 1 121 ? -1.121  5.181   -9.185  1.00 17.84 ? 200  GLN A CB  1 
ATOM   817  C  CG  . GLN A 1 121 ? -1.571  4.432   -10.432 1.00 24.45 ? 200  GLN A CG  1 
ATOM   818  C  CD  . GLN A 1 121 ? -1.663  5.374   -11.677 1.00 30.99 ? 200  GLN A CD  1 
ATOM   819  O  OE1 . GLN A 1 121 ? -0.858  6.272   -11.853 1.00 30.60 ? 200  GLN A OE1 1 
ATOM   820  N  NE2 . GLN A 1 121 ? -2.697  5.183   -12.485 1.00 38.78 ? 200  GLN A NE2 1 
ATOM   821  N  N   . GLY A 1 122 ? -4.455  5.131   -8.623  1.00 13.92 ? 201  GLY A N   1 
ATOM   822  C  CA  . GLY A 1 122 ? -5.455  4.170   -8.322  1.00 13.58 ? 201  GLY A CA  1 
ATOM   823  C  C   . GLY A 1 122 ? -6.083  3.499   -9.538  1.00 15.46 ? 201  GLY A C   1 
ATOM   824  O  O   . GLY A 1 122 ? -6.001  3.987   -10.641 1.00 16.43 ? 201  GLY A O   1 
ATOM   825  N  N   . ARG A 1 123 ? -6.788  2.395   -9.334  1.00 16.09 ? 202  ARG A N   1 
ATOM   826  C  CA  . ARG A 1 123 ? -7.552  1.826   -10.385 1.00 17.57 ? 202  ARG A CA  1 
ATOM   827  C  C   . ARG A 1 123 ? -8.555  0.806   -9.907  1.00 17.23 ? 202  ARG A C   1 
ATOM   828  O  O   . ARG A 1 123 ? -8.421  0.309   -8.789  1.00 15.76 ? 202  ARG A O   1 
ATOM   829  C  CB  . ARG A 1 123 ? -6.641  1.218   -11.447 1.00 21.08 ? 202  ARG A CB  1 
ATOM   830  C  CG  . ARG A 1 123 ? -5.938  0.054   -11.019 1.00 23.63 ? 202  ARG A CG  1 
ATOM   831  C  CD  . ARG A 1 123 ? -5.050  -0.422  -12.197 1.00 37.18 ? 202  ARG A CD  1 
ATOM   832  N  NE  . ARG A 1 123 ? -5.807  -0.834  -13.397 1.00 42.15 ? 202  ARG A NE  1 
ATOM   833  C  CZ  . ARG A 1 123 ? -5.239  -1.292  -14.522 1.00 49.26 ? 202  ARG A CZ  1 
ATOM   834  N  NH1 . ARG A 1 123 ? -3.898  -1.400  -14.621 1.00 51.61 ? 202  ARG A NH1 1 
ATOM   835  N  NH2 . ARG A 1 123 ? -5.995  -1.662  -15.554 1.00 47.28 ? 202  ARG A NH2 1 
ATOM   836  N  N   . LEU A 1 124 ? -9.550  0.500   -10.747 1.00 15.61 ? 203  LEU A N   1 
ATOM   837  C  CA  . LEU A 1 124 ? -10.503 -0.538  -10.407 1.00 15.49 ? 203  LEU A CA  1 
ATOM   838  C  C   . LEU A 1 124 ? -9.917  -1.886  -10.578 1.00 16.72 ? 203  LEU A C   1 
ATOM   839  O  O   . LEU A 1 124 ? -9.397  -2.212  -11.656 1.00 16.63 ? 203  LEU A O   1 
ATOM   840  C  CB  . LEU A 1 124 ? -11.756 -0.417  -11.271 1.00 14.86 ? 203  LEU A CB  1 
ATOM   841  C  CG  . LEU A 1 124 ? -12.484 0.909   -10.911 1.00 18.88 ? 203  LEU A CG  1 
ATOM   842  C  CD1 . LEU A 1 124 ? -13.363 1.413   -12.078 1.00 16.82 ? 203  LEU A CD1 1 
ATOM   843  C  CD2 . LEU A 1 124 ? -13.322 0.767   -9.555  1.00 14.96 ? 203  LEU A CD2 1 
ATOM   844  N  N   . LEU A 1 125 ? -10.017 -2.723  -9.539  1.00 16.28 ? 204  LEU A N   1 
ATOM   845  C  CA  . LEU A 1 125 ? -9.539  -4.093  -9.645  1.00 17.91 ? 204  LEU A CA  1 
ATOM   846  C  C   . LEU A 1 125 ? -10.580 -5.107  -9.271  1.00 18.51 ? 204  LEU A C   1 
ATOM   847  O  O   . LEU A 1 125 ? -11.233 -4.976  -8.209  1.00 19.46 ? 204  LEU A O   1 
ATOM   848  C  CB  . LEU A 1 125 ? -8.295  -4.348  -8.720  1.00 15.75 ? 204  LEU A CB  1 
ATOM   849  C  CG  . LEU A 1 125 ? -7.077  -3.432  -8.931  1.00 18.82 ? 204  LEU A CG  1 
ATOM   850  C  CD1 . LEU A 1 125 ? -6.080  -3.829  -7.891  1.00 16.65 ? 204  LEU A CD1 1 
ATOM   851  C  CD2 . LEU A 1 125 ? -6.430  -3.527  -10.360 1.00 20.80 ? 204  LEU A CD2 1 
ATOM   852  N  N   . HIS A 1 126 ? -10.650 -6.181  -10.043 1.00 18.29 ? 205  HIS A N   1 
ATOM   853  C  CA  . HIS A 1 126 ? -11.483 -7.298  -9.661  1.00 20.15 ? 205  HIS A CA  1 
ATOM   854  C  C   . HIS A 1 126 ? -10.685 -8.168  -8.686  1.00 19.17 ? 205  HIS A C   1 
ATOM   855  O  O   . HIS A 1 126 ? -9.639  -8.621  -9.019  1.00 18.36 ? 205  HIS A O   1 
ATOM   856  C  CB  . HIS A 1 126 ? -11.901 -8.117  -10.909 1.00 20.36 ? 205  HIS A CB  1 
ATOM   857  C  CG  . HIS A 1 126 ? -12.637 -9.369  -10.553 1.00 26.86 ? 205  HIS A CG  1 
ATOM   858  N  ND1 . HIS A 1 126 ? -13.577 -9.406  -9.548  1.00 31.58 ? 205  HIS A ND1 1 
ATOM   859  C  CD2 . HIS A 1 126 ? -12.593 -10.622 -11.067 1.00 32.32 ? 205  HIS A CD2 1 
ATOM   860  C  CE1 . HIS A 1 126 ? -14.086 -10.625 -9.453  1.00 32.78 ? 205  HIS A CE1 1 
ATOM   861  N  NE2 . HIS A 1 126 ? -13.500 -11.384 -10.362 1.00 32.26 ? 205  HIS A NE2 1 
ATOM   862  N  N   . LEU A 1 127 ? -11.199 -8.373  -7.482  1.00 21.11 ? 206  LEU A N   1 
ATOM   863  C  CA  . LEU A 1 127 ? -10.564 -9.268  -6.496  1.00 21.55 ? 206  LEU A CA  1 
ATOM   864  C  C   . LEU A 1 127 ? -11.509 -10.382 -6.049  1.00 22.77 ? 206  LEU A C   1 
ATOM   865  O  O   . LEU A 1 127 ? -12.573 -10.113 -5.440  1.00 23.92 ? 206  LEU A O   1 
ATOM   866  C  CB  . LEU A 1 127 ? -10.086 -8.477  -5.278  1.00 20.20 ? 206  LEU A CB  1 
ATOM   867  C  CG  . LEU A 1 127 ? -9.246  -7.239  -5.663  1.00 19.77 ? 206  LEU A CG  1 
ATOM   868  C  CD1 . LEU A 1 127 ? -9.067  -6.277  -4.439  1.00 19.58 ? 206  LEU A CD1 1 
ATOM   869  C  CD2 . LEU A 1 127 ? -7.810  -7.620  -6.287  1.00 18.70 ? 206  LEU A CD2 1 
ATOM   870  N  N   . SER A 1 128 ? -11.070 -11.617 -6.269  1.00 22.46 ? 207  SER A N   1 
ATOM   871  C  CA  . SER A 1 128 ? -11.811 -12.828 -5.879  1.00 23.79 ? 207  SER A CA  1 
ATOM   872  C  C   . SER A 1 128 ? -11.784 -13.020 -4.360  1.00 22.68 ? 207  SER A C   1 
ATOM   873  O  O   . SER A 1 128 ? -10.871 -12.498 -3.716  1.00 20.71 ? 207  SER A O   1 
ATOM   874  C  CB  . SER A 1 128 ? -11.146 -14.043 -6.582  1.00 24.94 ? 207  SER A CB  1 
ATOM   875  O  OG  . SER A 1 128 ? -11.350 -13.876 -7.997  1.00 32.72 ? 207  SER A OG  1 
ATOM   876  N  N   . ALA A 1 129 ? -12.761 -13.770 -3.813  1.00 21.61 ? 208  ALA A N   1 
ATOM   877  C  CA  . ALA A 1 129 ? -12.860 -14.073 -2.361  1.00 22.63 ? 208  ALA A CA  1 
ATOM   878  C  C   . ALA A 1 129 ? -11.582 -14.749 -1.903  1.00 23.01 ? 208  ALA A C   1 
ATOM   879  O  O   . ALA A 1 129 ? -11.128 -15.692 -2.546  1.00 22.18 ? 208  ALA A O   1 
ATOM   880  C  CB  . ALA A 1 129 ? -14.110 -15.023 -2.014  1.00 21.12 ? 208  ALA A CB  1 
ATOM   881  N  N   . GLY A 1 130 ? -10.990 -14.261 -0.814  1.00 23.48 ? 209  GLY A N   1 
ATOM   882  C  CA  . GLY A 1 130 ? -9.784  -14.910 -0.315  1.00 23.88 ? 209  GLY A CA  1 
ATOM   883  C  C   . GLY A 1 130 ? -8.523  -14.474 -1.047  1.00 25.02 ? 209  GLY A C   1 
ATOM   884  O  O   . GLY A 1 130 ? -7.455  -15.082 -0.850  1.00 26.40 ? 209  GLY A O   1 
ATOM   885  N  N   . GLN A 1 131 ? -8.611  -13.455 -1.923  1.00 24.02 ? 210  GLN A N   1 
ATOM   886  C  CA  . GLN A 1 131 ? -7.431  -13.081 -2.704  1.00 23.41 ? 210  GLN A CA  1 
ATOM   887  C  C   . GLN A 1 131 ? -6.297  -12.480 -1.802  1.00 22.93 ? 210  GLN A C   1 
ATOM   888  O  O   . GLN A 1 131 ? -6.480  -11.508 -1.088  1.00 21.10 ? 210  GLN A O   1 
ATOM   889  C  CB  . GLN A 1 131 ? -7.772  -12.107 -3.840  1.00 23.79 ? 210  GLN A CB  1 
ATOM   890  C  CG  . GLN A 1 131 ? -6.523  -11.694 -4.643  1.00 23.31 ? 210  GLN A CG  1 
ATOM   891  C  CD  . GLN A 1 131 ? -5.882  -12.918 -5.404  1.00 27.65 ? 210  GLN A CD  1 
ATOM   892  O  OE1 . GLN A 1 131 ? -4.754  -13.340 -5.067  1.00 32.84 ? 210  GLN A OE1 1 
ATOM   893  N  NE2 . GLN A 1 131 ? -6.587  -13.461 -6.414  1.00 18.89 ? 210  GLN A NE2 1 
ATOM   894  N  N   . ARG A 1 132 ? -5.132  -13.087 -1.847  1.00 23.20 ? 211  ARG A N   1 
ATOM   895  C  CA  . ARG A 1 132 ? -3.989  -12.613 -1.091  1.00 24.23 ? 211  ARG A CA  1 
ATOM   896  C  C   . ARG A 1 132 ? -3.261  -11.533 -1.899  1.00 23.24 ? 211  ARG A C   1 
ATOM   897  O  O   . ARG A 1 132 ? -3.095  -11.698 -3.084  1.00 21.35 ? 211  ARG A O   1 
ATOM   898  C  CB  . ARG A 1 132 ? -3.028  -13.759 -0.912  1.00 25.18 ? 211  ARG A CB  1 
ATOM   899  C  CG  . ARG A 1 132 ? -2.151  -13.622 0.283   1.00 29.14 ? 211  ARG A CG  1 
ATOM   900  C  CD  . ARG A 1 132 ? -1.502  -15.049 0.616   1.00 33.05 ? 211  ARG A CD  1 
ATOM   901  N  NE  . ARG A 1 132 ? -1.124  -14.908 1.993   1.00 40.29 ? 211  ARG A NE  1 
ATOM   902  C  CZ  . ARG A 1 132 ? -1.816  -15.343 3.033   1.00 36.94 ? 211  ARG A CZ  1 
ATOM   903  N  NH1 . ARG A 1 132 ? -2.905  -16.137 2.887   1.00 32.81 ? 211  ARG A NH1 1 
ATOM   904  N  NH2 . ARG A 1 132 ? -1.341  -14.999 4.228   1.00 35.93 ? 211  ARG A NH2 1 
ATOM   905  N  N   . LEU A 1 133 ? -2.791  -10.501 -1.205  1.00 22.36 ? 212  LEU A N   1 
ATOM   906  C  CA  . LEU A 1 133 ? -2.173  -9.321  -1.803  1.00 24.49 ? 212  LEU A CA  1 
ATOM   907  C  C   . LEU A 1 133 ? -0.893  -8.960  -1.061  1.00 23.92 ? 212  LEU A C   1 
ATOM   908  O  O   . LEU A 1 133 ? -0.849  -9.026  0.171   1.00 23.58 ? 212  LEU A O   1 
ATOM   909  C  CB  . LEU A 1 133 ? -3.100  -8.088  -1.647  1.00 24.43 ? 212  LEU A CB  1 
ATOM   910  C  CG  . LEU A 1 133 ? -4.049  -7.720  -2.758  1.00 27.14 ? 212  LEU A CG  1 
ATOM   911  C  CD1 . LEU A 1 133 ? -4.219  -8.762  -3.820  1.00 28.55 ? 212  LEU A CD1 1 
ATOM   912  C  CD2 . LEU A 1 133 ? -5.323  -7.173  -2.242  1.00 25.36 ? 212  LEU A CD2 1 
ATOM   913  N  N   . GLY A 1 134 ? 0.116   -8.516  -1.818  1.00 24.72 ? 213  GLY A N   1 
ATOM   914  C  CA  . GLY A 1 134 ? 1.318   -7.915  -1.246  1.00 23.65 ? 213  GLY A CA  1 
ATOM   915  C  C   . GLY A 1 134 ? 1.712   -6.706  -2.021  1.00 23.48 ? 213  GLY A C   1 
ATOM   916  O  O   . GLY A 1 134 ? 1.375   -6.612  -3.194  1.00 24.17 ? 213  GLY A O   1 
ATOM   917  N  N   . VAL A 1 135 ? 2.465   -5.785  -1.398  1.00 22.45 ? 214  VAL A N   1 
ATOM   918  C  CA  . VAL A 1 135 ? 2.975   -4.628  -2.128  1.00 21.95 ? 214  VAL A CA  1 
ATOM   919  C  C   . VAL A 1 135 ? 4.518   -4.581  -2.028  1.00 22.68 ? 214  VAL A C   1 
ATOM   920  O  O   . VAL A 1 135 ? 5.068   -4.520  -0.954  1.00 22.45 ? 214  VAL A O   1 
ATOM   921  C  CB  . VAL A 1 135 ? 2.399   -3.321  -1.572  1.00 22.84 ? 214  VAL A CB  1 
ATOM   922  C  CG1 . VAL A 1 135 ? 2.967   -2.076  -2.275  1.00 20.86 ? 214  VAL A CG1 1 
ATOM   923  C  CG2 . VAL A 1 135 ? 0.857   -3.328  -1.516  1.00 22.20 ? 214  VAL A CG2 1 
ATOM   924  N  N   . HIS A 1 136 ? 5.197   -4.573  -3.165  1.00 22.77 ? 215  HIS A N   1 
ATOM   925  C  CA  . HIS A 1 136 ? 6.634   -4.521  -3.225  1.00 22.12 ? 215  HIS A CA  1 
ATOM   926  C  C   . HIS A 1 136 ? 7.130   -3.165  -3.598  1.00 20.35 ? 215  HIS A C   1 
ATOM   927  O  O   . HIS A 1 136 ? 6.551   -2.487  -4.446  1.00 21.01 ? 215  HIS A O   1 
ATOM   928  C  CB  . HIS A 1 136 ? 7.084   -5.505  -4.299  1.00 22.49 ? 215  HIS A CB  1 
ATOM   929  C  CG  . HIS A 1 136 ? 7.103   -6.920  -3.835  1.00 30.34 ? 215  HIS A CG  1 
ATOM   930  N  ND1 . HIS A 1 136 ? 6.015   -7.516  -3.227  1.00 37.79 ? 215  HIS A ND1 1 
ATOM   931  C  CD2 . HIS A 1 136 ? 8.065   -7.871  -3.908  1.00 36.30 ? 215  HIS A CD2 1 
ATOM   932  C  CE1 . HIS A 1 136 ? 6.304   -8.775  -2.950  1.00 43.05 ? 215  HIS A CE1 1 
ATOM   933  N  NE2 . HIS A 1 136 ? 7.543   -9.013  -3.350  1.00 41.43 ? 215  HIS A NE2 1 
ATOM   934  N  N   . LEU A 1 137 ? 8.225   -2.758  -2.981  1.00 20.21 ? 216  LEU A N   1 
ATOM   935  C  CA  . LEU A 1 137 ? 8.859   -1.472  -3.278  1.00 18.87 ? 216  LEU A CA  1 
ATOM   936  C  C   . LEU A 1 137 ? 10.146  -1.793  -4.020  1.00 20.19 ? 216  LEU A C   1 
ATOM   937  O  O   . LEU A 1 137 ? 10.776  -2.803  -3.707  1.00 19.90 ? 216  LEU A O   1 
ATOM   938  C  CB  . LEU A 1 137 ? 9.140   -0.701  -2.005  1.00 17.20 ? 216  LEU A CB  1 
ATOM   939  C  CG  . LEU A 1 137 ? 9.888   0.639   -2.180  1.00 18.81 ? 216  LEU A CG  1 
ATOM   940  C  CD1 . LEU A 1 137 ? 9.420   1.698   -1.137  1.00 21.01 ? 216  LEU A CD1 1 
ATOM   941  C  CD2 . LEU A 1 137 ? 11.431  0.475   -2.131  1.00 18.26 ? 216  LEU A CD2 1 
ATOM   942  N  N   . HIS A 1 138 ? 10.529  -0.962  -5.012  1.00 20.35 ? 217  HIS A N   1 
ATOM   943  C  CA  . HIS A 1 138 ? 11.822  -1.083  -5.696  1.00 21.06 ? 217  HIS A CA  1 
ATOM   944  C  C   . HIS A 1 138 ? 12.453  0.223   -5.937  1.00 20.30 ? 217  HIS A C   1 
ATOM   945  O  O   . HIS A 1 138 ? 11.831  1.154   -6.403  1.00 20.32 ? 217  HIS A O   1 
ATOM   946  C  CB  . HIS A 1 138 ? 11.734  -1.877  -7.028  1.00 21.63 ? 217  HIS A CB  1 
ATOM   947  C  CG  . HIS A 1 138 ? 11.420  -3.341  -6.815  1.00 30.10 ? 217  HIS A CG  1 
ATOM   948  N  ND1 . HIS A 1 138 ? 12.347  -4.240  -6.302  1.00 33.94 ? 217  HIS A ND1 1 
ATOM   949  C  CD2 . HIS A 1 138 ? 10.269  -4.048  -7.007  1.00 31.85 ? 217  HIS A CD2 1 
ATOM   950  C  CE1 . HIS A 1 138 ? 11.770  -5.432  -6.180  1.00 36.58 ? 217  HIS A CE1 1 
ATOM   951  N  NE2 . HIS A 1 138 ? 10.516  -5.343  -6.606  1.00 34.64 ? 217  HIS A NE2 1 
ATOM   952  N  N   . THR A 1 139 ? 13.732  0.299   -5.642  1.00 20.58 ? 218  THR A N   1 
ATOM   953  C  CA  . THR A 1 139 ? 14.478  1.458   -6.142  1.00 20.82 ? 218  THR A CA  1 
ATOM   954  C  C   . THR A 1 139 ? 15.956  1.062   -6.320  1.00 20.99 ? 218  THR A C   1 
ATOM   955  O  O   . THR A 1 139 ? 16.271  -0.120  -6.303  1.00 19.10 ? 218  THR A O   1 
ATOM   956  C  CB  . THR A 1 139 ? 14.219  2.737   -5.286  1.00 20.19 ? 218  THR A CB  1 
ATOM   957  O  OG1 . THR A 1 139 ? 14.810  3.847   -5.972  1.00 22.34 ? 218  THR A OG1 1 
ATOM   958  C  CG2 . THR A 1 139 ? 14.842  2.592   -3.863  1.00 16.05 ? 218  THR A CG2 1 
ATOM   959  N  N   . GLU A 1 140 ? 16.832  2.018   -6.532  1.00 21.78 ? 219  GLU A N   1 
ATOM   960  C  CA  . GLU A 1 140 ? 18.260  1.690   -6.600  1.00 23.83 ? 219  GLU A CA  1 
ATOM   961  C  C   . GLU A 1 140 ? 19.095  2.440   -5.553  1.00 23.48 ? 219  GLU A C   1 
ATOM   962  O  O   . GLU A 1 140 ? 18.573  3.307   -4.818  1.00 20.15 ? 219  GLU A O   1 
ATOM   963  C  CB  . GLU A 1 140 ? 18.824  2.003   -8.017  1.00 24.36 ? 219  GLU A CB  1 
ATOM   964  C  CG  . GLU A 1 140 ? 18.341  0.928   -9.046  1.00 29.50 ? 219  GLU A CG  1 
ATOM   965  C  CD  . GLU A 1 140 ? 18.796  1.174   -10.489 1.00 32.89 ? 219  GLU A CD  1 
ATOM   966  O  OE1 . GLU A 1 140 ? 18.933  0.182   -11.197 1.00 37.01 ? 219  GLU A OE1 1 
ATOM   967  O  OE2 . GLU A 1 140 ? 19.018  2.317   -10.916 1.00 34.23 ? 219  GLU A OE2 1 
ATOM   968  N  N   . ALA A 1 141 ? 20.391  2.101   -5.520  1.00 23.61 ? 220  ALA A N   1 
ATOM   969  C  CA  . ALA A 1 141 ? 21.305  2.562   -4.465  1.00 24.65 ? 220  ALA A CA  1 
ATOM   970  C  C   . ALA A 1 141 ? 21.306  4.039   -4.255  1.00 24.86 ? 220  ALA A C   1 
ATOM   971  O  O   . ALA A 1 141 ? 21.166  4.521   -3.100  1.00 24.52 ? 220  ALA A O   1 
ATOM   972  C  CB  . ALA A 1 141 ? 22.751  2.054   -4.752  1.00 26.18 ? 220  ALA A CB  1 
ATOM   973  N  N   . ARG A 1 142 ? 21.419  4.786   -5.357  1.00 24.57 ? 221  ARG A N   1 
ATOM   974  C  CA  . ARG A 1 142 ? 21.527  6.249   -5.248  1.00 26.24 ? 221  ARG A CA  1 
ATOM   975  C  C   . ARG A 1 142 ? 20.343  6.883   -4.538  1.00 23.88 ? 221  ARG A C   1 
ATOM   976  O  O   . ARG A 1 142 ? 20.520  7.816   -3.748  1.00 23.95 ? 221  ARG A O   1 
ATOM   977  C  CB  . ARG A 1 142 ? 21.635  6.849   -6.655  1.00 28.15 ? 221  ARG A CB  1 
ATOM   978  C  CG  . ARG A 1 142 ? 22.645  7.945   -6.815  1.00 35.34 ? 221  ARG A CG  1 
ATOM   979  C  CD  . ARG A 1 142 ? 22.576  8.537   -8.266  1.00 48.45 ? 221  ARG A CD  1 
ATOM   980  N  NE  . ARG A 1 142 ? 22.960  7.531   -9.252  1.00 53.97 ? 221  ARG A NE  1 
ATOM   981  C  CZ  . ARG A 1 142 ? 24.234  7.248   -9.561  1.00 58.33 ? 221  ARG A CZ  1 
ATOM   982  N  NH1 . ARG A 1 142 ? 25.228  7.924   -8.975  1.00 56.31 ? 221  ARG A NH1 1 
ATOM   983  N  NH2 . ARG A 1 142 ? 24.518  6.294   -10.458 1.00 57.61 ? 221  ARG A NH2 1 
ATOM   984  N  N   . ALA A 1 143 ? 19.135  6.399   -4.835  1.00 21.55 ? 222  ALA A N   1 
ATOM   985  C  CA  . ALA A 1 143 ? 17.919  6.910   -4.164  1.00 20.77 ? 222  ALA A CA  1 
ATOM   986  C  C   . ALA A 1 143 ? 17.845  6.374   -2.726  1.00 19.35 ? 222  ALA A C   1 
ATOM   987  O  O   . ALA A 1 143 ? 17.524  7.093   -1.800  1.00 17.64 ? 222  ALA A O   1 
ATOM   988  C  CB  . ALA A 1 143 ? 16.692  6.452   -4.941  1.00 20.78 ? 222  ALA A CB  1 
ATOM   989  N  N   . ARG A 1 144 ? 18.129  5.082   -2.570  1.00 18.88 ? 223  ARG A N   1 
ATOM   990  C  CA  . ARG A 1 144 ? 18.001  4.372   -1.313  1.00 20.97 ? 223  ARG A CA  1 
ATOM   991  C  C   . ARG A 1 144 ? 18.973  4.981   -0.234  1.00 20.91 ? 223  ARG A C   1 
ATOM   992  O  O   . ARG A 1 144 ? 18.673  4.976   0.951   1.00 19.48 ? 223  ARG A O   1 
ATOM   993  C  CB  . ARG A 1 144 ? 18.323  2.871   -1.588  1.00 21.59 ? 223  ARG A CB  1 
ATOM   994  C  CG  . ARG A 1 144 ? 18.287  2.004   -0.433  1.00 26.03 ? 223  ARG A CG  1 
ATOM   995  C  CD  . ARG A 1 144 ? 18.359  0.475   -0.756  1.00 27.96 ? 223  ARG A CD  1 
ATOM   996  N  NE  . ARG A 1 144 ? 19.649  -0.017  -1.228  1.00 23.91 ? 223  ARG A NE  1 
ATOM   997  C  CZ  . ARG A 1 144 ? 19.940  -0.400  -2.490  1.00 29.07 ? 223  ARG A CZ  1 
ATOM   998  N  NH1 . ARG A 1 144 ? 19.043  -0.343  -3.488  1.00 20.26 ? 223  ARG A NH1 1 
ATOM   999  N  NH2 . ARG A 1 144 ? 21.194  -0.843  -2.768  1.00 26.32 ? 223  ARG A NH2 1 
ATOM   1000 N  N   . HIS A 1 145 ? 20.116  5.526   -0.681  1.00 20.48 ? 224  HIS A N   1 
ATOM   1001 C  CA  . HIS A 1 145 ? 21.106  6.060   0.240   1.00 21.00 ? 224  HIS A CA  1 
ATOM   1002 C  C   . HIS A 1 145 ? 20.854  7.492   0.656   1.00 21.26 ? 224  HIS A C   1 
ATOM   1003 O  O   . HIS A 1 145 ? 21.586  8.005   1.545   1.00 19.72 ? 224  HIS A O   1 
ATOM   1004 C  CB  . HIS A 1 145 ? 22.578  5.887   -0.283  1.00 21.62 ? 224  HIS A CB  1 
ATOM   1005 C  CG  . HIS A 1 145 ? 22.979  4.449   -0.477  1.00 23.62 ? 224  HIS A CG  1 
ATOM   1006 N  ND1 . HIS A 1 145 ? 22.354  3.392   0.180   1.00 26.64 ? 224  HIS A ND1 1 
ATOM   1007 C  CD2 . HIS A 1 145 ? 23.885  3.885   -1.304  1.00 22.30 ? 224  HIS A CD2 1 
ATOM   1008 C  CE1 . HIS A 1 145 ? 22.901  2.242   -0.201  1.00 23.07 ? 224  HIS A CE1 1 
ATOM   1009 N  NE2 . HIS A 1 145 ? 23.819  2.518   -1.113  1.00 24.76 ? 224  HIS A NE2 1 
ATOM   1010 N  N   . ALA A 1 146 ? 19.852  8.145   0.039   1.00 20.06 ? 225  ALA A N   1 
ATOM   1011 C  CA  . ALA A 1 146 ? 19.652  9.592   0.314   1.00 21.59 ? 225  ALA A CA  1 
ATOM   1012 C  C   . ALA A 1 146 ? 18.174  9.992   0.603   1.00 20.95 ? 225  ALA A C   1 
ATOM   1013 O  O   . ALA A 1 146 ? 17.926  11.031  1.187   1.00 22.47 ? 225  ALA A O   1 
ATOM   1014 C  CB  . ALA A 1 146 ? 20.222  10.447  -0.815  1.00 20.40 ? 225  ALA A CB  1 
ATOM   1015 N  N   . TRP A 1 147 ? 17.238  9.166   0.190   1.00 19.08 ? 226  TRP A N   1 
ATOM   1016 C  CA  . TRP A 1 147 ? 15.823  9.451   0.376   1.00 19.01 ? 226  TRP A CA  1 
ATOM   1017 C  C   . TRP A 1 147 ? 15.138  8.410   1.283   1.00 18.35 ? 226  TRP A C   1 
ATOM   1018 O  O   . TRP A 1 147 ? 15.613  7.240   1.435   1.00 18.05 ? 226  TRP A O   1 
ATOM   1019 C  CB  . TRP A 1 147 ? 15.104  9.389   -0.976  1.00 18.82 ? 226  TRP A CB  1 
ATOM   1020 C  CG  . TRP A 1 147 ? 15.437  10.568  -1.968  1.00 21.52 ? 226  TRP A CG  1 
ATOM   1021 C  CD1 . TRP A 1 147 ? 16.577  10.728  -2.703  1.00 19.63 ? 226  TRP A CD1 1 
ATOM   1022 C  CD2 . TRP A 1 147 ? 14.581  11.679  -2.284  1.00 18.40 ? 226  TRP A CD2 1 
ATOM   1023 N  NE1 . TRP A 1 147 ? 16.491  11.863  -3.447  1.00 21.83 ? 226  TRP A NE1 1 
ATOM   1024 C  CE2 . TRP A 1 147 ? 15.271  12.470  -3.231  1.00 21.15 ? 226  TRP A CE2 1 
ATOM   1025 C  CE3 . TRP A 1 147 ? 13.280  12.054  -1.880  1.00 16.95 ? 226  TRP A CE3 1 
ATOM   1026 C  CZ2 . TRP A 1 147 ? 14.701  13.666  -3.824  1.00 18.57 ? 226  TRP A CZ2 1 
ATOM   1027 C  CZ3 . TRP A 1 147 ? 12.710  13.249  -2.432  1.00 20.40 ? 226  TRP A CZ3 1 
ATOM   1028 C  CH2 . TRP A 1 147 ? 13.440  14.041  -3.392  1.00 19.43 ? 226  TRP A CH2 1 
ATOM   1029 N  N   . GLN A 1 148 ? 14.022  8.809   1.857   1.00 16.02 ? 227  GLN A N   1 
ATOM   1030 C  CA  . GLN A 1 148 ? 13.207  7.923   2.695   1.00 17.24 ? 227  GLN A CA  1 
ATOM   1031 C  C   . GLN A 1 148 ? 11.698  8.154   2.430   1.00 17.63 ? 227  GLN A C   1 
ATOM   1032 O  O   . GLN A 1 148 ? 11.314  9.228   1.907   1.00 17.41 ? 227  GLN A O   1 
ATOM   1033 C  CB  . GLN A 1 148 ? 13.476  8.197   4.204   1.00 16.09 ? 227  GLN A CB  1 
ATOM   1034 C  CG  . GLN A 1 148 ? 14.835  7.810   4.703   1.00 14.77 ? 227  GLN A CG  1 
ATOM   1035 C  CD  . GLN A 1 148 ? 15.087  8.214   6.173   1.00 16.94 ? 227  GLN A CD  1 
ATOM   1036 O  OE1 . GLN A 1 148 ? 14.337  8.977   6.772   1.00 16.03 ? 227  GLN A OE1 1 
ATOM   1037 N  NE2 . GLN A 1 148 ? 16.154  7.714   6.729   1.00 18.96 ? 227  GLN A NE2 1 
ATOM   1038 N  N   . LEU A 1 149 ? 10.865  7.194   2.820   1.00 16.57 ? 228  LEU A N   1 
ATOM   1039 C  CA  . LEU A 1 149 ? 9.411   7.448   2.863   1.00 18.80 ? 228  LEU A CA  1 
ATOM   1040 C  C   . LEU A 1 149 ? 9.080   8.384   4.005   1.00 20.12 ? 228  LEU A C   1 
ATOM   1041 O  O   . LEU A 1 149 ? 9.543   8.148   5.135   1.00 19.57 ? 228  LEU A O   1 
ATOM   1042 C  CB  . LEU A 1 149 ? 8.584   6.145   3.013   1.00 17.52 ? 228  LEU A CB  1 
ATOM   1043 C  CG  . LEU A 1 149 ? 8.875   5.132   1.881   1.00 14.68 ? 228  LEU A CG  1 
ATOM   1044 C  CD1 . LEU A 1 149 ? 8.298   3.838   2.298   1.00 14.86 ? 228  LEU A CD1 1 
ATOM   1045 C  CD2 . LEU A 1 149 ? 8.268   5.545   0.585   1.00 13.41 ? 228  LEU A CD2 1 
ATOM   1046 N  N   . THR A 1 150 ? 8.329   9.459   3.731   1.00 19.74 ? 229  THR A N   1 
ATOM   1047 C  CA  . THR A 1 150 ? 7.817   10.269  4.818   1.00 19.50 ? 229  THR A CA  1 
ATOM   1048 C  C   . THR A 1 150 ? 6.995   9.359   5.682   1.00 20.35 ? 229  THR A C   1 
ATOM   1049 O  O   . THR A 1 150 ? 6.175   8.528   5.186   1.00 18.52 ? 229  THR A O   1 
ATOM   1050 C  CB  . THR A 1 150 ? 6.925   11.406  4.265   1.00 20.39 ? 229  THR A CB  1 
ATOM   1051 O  OG1 . THR A 1 150 ? 7.738   12.203  3.365   1.00 20.58 ? 229  THR A OG1 1 
ATOM   1052 C  CG2 . THR A 1 150 ? 6.389   12.278  5.401   1.00 17.42 ? 229  THR A CG2 1 
ATOM   1053 N  N   . GLN A 1 151 ? 7.176   9.515   6.982   1.00 20.45 ? 230  GLN A N   1 
ATOM   1054 C  CA  . GLN A 1 151 ? 6.554   8.603   7.906   1.00 22.65 ? 230  GLN A CA  1 
ATOM   1055 C  C   . GLN A 1 151 ? 5.045   8.746   7.986   1.00 20.67 ? 230  GLN A C   1 
ATOM   1056 O  O   . GLN A 1 151 ? 4.565   9.847   8.157   1.00 20.38 ? 230  GLN A O   1 
ATOM   1057 C  CB  . GLN A 1 151 ? 7.204   8.724   9.320   1.00 24.98 ? 230  GLN A CB  1 
ATOM   1058 C  CG  . GLN A 1 151 ? 7.644   7.339   9.774   1.00 29.69 ? 230  GLN A CG  1 
ATOM   1059 C  CD  . GLN A 1 151 ? 8.426   7.310   11.114  1.00 35.41 ? 230  GLN A CD  1 
ATOM   1060 O  OE1 . GLN A 1 151 ? 9.112   8.278   11.495  1.00 37.20 ? 230  GLN A OE1 1 
ATOM   1061 N  NE2 . GLN A 1 151 ? 8.330   6.171   11.809  1.00 25.90 ? 230  GLN A NE2 1 
ATOM   1062 N  N   . GLY A 1 152 ? 4.310   7.628   7.848   1.00 19.40 ? 231  GLY A N   1 
ATOM   1063 C  CA  . GLY A 1 152 ? 2.866   7.681   7.905   1.00 17.44 ? 231  GLY A CA  1 
ATOM   1064 C  C   . GLY A 1 152 ? 2.159   8.180   6.613   1.00 17.34 ? 231  GLY A C   1 
ATOM   1065 O  O   . GLY A 1 152 ? 0.914   8.267   6.599   1.00 17.57 ? 231  GLY A O   1 
ATOM   1066 N  N   . ALA A 1 153 ? 2.901   8.454   5.524   1.00 15.03 ? 232  ALA A N   1 
ATOM   1067 C  CA  . ALA A 1 153 ? 2.261   9.016   4.315   1.00 16.48 ? 232  ALA A CA  1 
ATOM   1068 C  C   . ALA A 1 153 ? 2.264   8.015   3.147   1.00 17.06 ? 232  ALA A C   1 
ATOM   1069 O  O   . ALA A 1 153 ? 1.927   8.358   2.011   1.00 18.06 ? 232  ALA A O   1 
ATOM   1070 C  CB  . ALA A 1 153 ? 2.926   10.349  3.921   1.00 14.53 ? 232  ALA A CB  1 
ATOM   1071 N  N   . THR A 1 154 ? 2.652   6.758   3.404   1.00 15.94 ? 233  THR A N   1 
ATOM   1072 C  CA  . THR A 1 154 ? 2.515   5.771   2.383   1.00 14.79 ? 233  THR A CA  1 
ATOM   1073 C  C   . THR A 1 154 ? 1.283   4.944   2.717   1.00 15.42 ? 233  THR A C   1 
ATOM   1074 O  O   . THR A 1 154 ? 1.255   4.294   3.752   1.00 15.99 ? 233  THR A O   1 
ATOM   1075 C  CB  . THR A 1 154 ? 3.771   4.934   2.200   1.00 15.70 ? 233  THR A CB  1 
ATOM   1076 O  OG1 . THR A 1 154 ? 4.783   5.801   1.678   1.00 20.52 ? 233  THR A OG1 1 
ATOM   1077 C  CG2 . THR A 1 154 ? 3.570   3.791   1.149   1.00 13.67 ? 233  THR A CG2 1 
ATOM   1078 N  N   . VAL A 1 155 ? 0.294   4.959   1.811   1.00 15.09 ? 234  VAL A N   1 
ATOM   1079 C  CA  . VAL A 1 155 ? -1.033  4.463   2.108   1.00 15.26 ? 234  VAL A CA  1 
ATOM   1080 C  C   . VAL A 1 155 ? -1.495  3.592   0.971   1.00 15.65 ? 234  VAL A C   1 
ATOM   1081 O  O   . VAL A 1 155 ? -1.249  3.934   -0.162  1.00 15.43 ? 234  VAL A O   1 
ATOM   1082 C  CB  . VAL A 1 155 ? -2.067  5.617   2.315   1.00 15.85 ? 234  VAL A CB  1 
ATOM   1083 C  CG1 . VAL A 1 155 ? -3.451  5.037   2.593   1.00 15.31 ? 234  VAL A CG1 1 
ATOM   1084 C  CG2 . VAL A 1 155 ? -1.527  6.601   3.452   1.00 14.64 ? 234  VAL A CG2 1 
ATOM   1085 N  N   . LEU A 1 156 ? -2.167  2.483   1.308   1.00 15.32 ? 235  LEU A N   1 
ATOM   1086 C  CA  . LEU A 1 156 ? -2.891  1.662   0.388   1.00 15.29 ? 235  LEU A CA  1 
ATOM   1087 C  C   . LEU A 1 156 ? -4.410  1.745   0.717   1.00 15.98 ? 235  LEU A C   1 
ATOM   1088 O  O   . LEU A 1 156 ? -4.843  1.435   1.845   1.00 15.71 ? 235  LEU A O   1 
ATOM   1089 C  CB  . LEU A 1 156 ? -2.417  0.230   0.518   1.00 15.42 ? 235  LEU A CB  1 
ATOM   1090 C  CG  . LEU A 1 156 ? -3.291  -0.824  -0.226  1.00 17.15 ? 235  LEU A CG  1 
ATOM   1091 C  CD1 . LEU A 1 156 ? -3.200  -0.628  -1.729  1.00 16.38 ? 235  LEU A CD1 1 
ATOM   1092 C  CD2 . LEU A 1 156 ? -2.946  -2.327  0.213   1.00 18.39 ? 235  LEU A CD2 1 
ATOM   1093 N  N   . GLY A 1 157 ? -5.207  2.244   -0.228  1.00 14.63 ? 236  GLY A N   1 
ATOM   1094 C  CA  . GLY A 1 157 ? -6.624  2.428   -0.012  1.00 13.67 ? 236  GLY A CA  1 
ATOM   1095 C  C   . GLY A 1 157 ? -7.440  1.423   -0.833  1.00 15.15 ? 236  GLY A C   1 
ATOM   1096 O  O   . GLY A 1 157 ? -7.121  1.176   -2.044  1.00 15.14 ? 236  GLY A O   1 
ATOM   1097 N  N   . LEU A 1 158 ? -8.510  0.888   -0.234  1.00 13.59 ? 237  LEU A N   1 
ATOM   1098 C  CA  . LEU A 1 158 ? -9.451  0.060   -0.940  1.00 16.43 ? 237  LEU A CA  1 
ATOM   1099 C  C   . LEU A 1 158 ? -10.907 0.466   -0.716  1.00 15.93 ? 237  LEU A C   1 
ATOM   1100 O  O   . LEU A 1 158 ? -11.321 0.615   0.419   1.00 15.28 ? 237  LEU A O   1 
ATOM   1101 C  CB  . LEU A 1 158 ? -9.312  -1.406  -0.508  1.00 18.18 ? 237  LEU A CB  1 
ATOM   1102 C  CG  . LEU A 1 158 ? -7.985  -2.093  -0.826  1.00 20.31 ? 237  LEU A CG  1 
ATOM   1103 C  CD1 . LEU A 1 158 ? -7.052  -1.874  0.356   1.00 12.59 ? 237  LEU A CD1 1 
ATOM   1104 C  CD2 . LEU A 1 158 ? -8.315  -3.580  -1.073  1.00 19.25 ? 237  LEU A CD2 1 
ATOM   1105 N  N   . PHE A 1 159 ? -11.693 0.566   -1.797  1.00 15.44 ? 238  PHE A N   1 
ATOM   1106 C  CA  . PHE A 1 159 ? -13.103 0.981   -1.677  1.00 15.08 ? 238  PHE A CA  1 
ATOM   1107 C  C   . PHE A 1 159 ? -13.874 -0.049  -2.442  1.00 14.24 ? 238  PHE A C   1 
ATOM   1108 O  O   . PHE A 1 159 ? -13.596 -0.303  -3.648  1.00 15.01 ? 238  PHE A O   1 
ATOM   1109 C  CB  . PHE A 1 159 ? -13.312 2.434   -2.249  1.00 15.03 ? 238  PHE A CB  1 
ATOM   1110 C  CG  . PHE A 1 159 ? -14.753 2.839   -2.288  1.00 17.04 ? 238  PHE A CG  1 
ATOM   1111 C  CD1 . PHE A 1 159 ? -15.338 3.523   -1.212  1.00 17.49 ? 238  PHE A CD1 1 
ATOM   1112 C  CD2 . PHE A 1 159 ? -15.527 2.556   -3.384  1.00 18.55 ? 238  PHE A CD2 1 
ATOM   1113 C  CE1 . PHE A 1 159 ? -16.676 3.932   -1.239  1.00 18.89 ? 238  PHE A CE1 1 
ATOM   1114 C  CE2 . PHE A 1 159 ? -16.933 2.952   -3.394  1.00 23.15 ? 238  PHE A CE2 1 
ATOM   1115 C  CZ  . PHE A 1 159 ? -17.469 3.665   -2.284  1.00 18.24 ? 238  PHE A CZ  1 
ATOM   1116 N  N   . ARG A 1 160 ? -14.832 -0.699  -1.777  1.00 14.59 ? 239  ARG A N   1 
ATOM   1117 C  CA  . ARG A 1 160 ? -15.640 -1.703  -2.457  1.00 14.84 ? 239  ARG A CA  1 
ATOM   1118 C  C   . ARG A 1 160 ? -16.812 -1.112  -3.268  1.00 14.96 ? 239  ARG A C   1 
ATOM   1119 O  O   . ARG A 1 160 ? -17.717 -0.495  -2.691  1.00 14.87 ? 239  ARG A O   1 
ATOM   1120 C  CB  . ARG A 1 160 ? -16.219 -2.696  -1.469  1.00 16.45 ? 239  ARG A CB  1 
ATOM   1121 C  CG  . ARG A 1 160 ? -16.823 -3.921  -2.196  1.00 17.91 ? 239  ARG A CG  1 
ATOM   1122 C  CD  . ARG A 1 160 ? -17.165 -5.112  -1.310  1.00 14.88 ? 239  ARG A CD  1 
ATOM   1123 N  NE  . ARG A 1 160 ? -18.196 -5.927  -1.974  1.00 19.39 ? 239  ARG A NE  1 
ATOM   1124 C  CZ  . ARG A 1 160 ? -18.938 -6.843  -1.348  1.00 21.39 ? 239  ARG A CZ  1 
ATOM   1125 N  NH1 . ARG A 1 160 ? -18.715 -7.112  -0.059  1.00 12.66 ? 239  ARG A NH1 1 
ATOM   1126 N  NH2 . ARG A 1 160 ? -19.858 -7.534  -2.045  1.00 22.16 ? 239  ARG A NH2 1 
ATOM   1127 N  N   . VAL A 1 161 ? -16.805 -1.321  -4.577  1.00 13.48 ? 240  VAL A N   1 
ATOM   1128 C  CA  . VAL A 1 161 ? -17.839 -0.724  -5.496  1.00 14.36 ? 240  VAL A CA  1 
ATOM   1129 C  C   . VAL A 1 161 ? -19.065 -1.622  -5.637  1.00 14.25 ? 240  VAL A C   1 
ATOM   1130 O  O   . VAL A 1 161 ? -20.212 -1.124  -5.754  1.00 11.66 ? 240  VAL A O   1 
ATOM   1131 C  CB  . VAL A 1 161 ? -17.220 -0.474  -6.939  1.00 15.26 ? 240  VAL A CB  1 
ATOM   1132 C  CG1 . VAL A 1 161 ? -18.259 -0.061  -7.896  1.00 16.06 ? 240  VAL A CG1 1 
ATOM   1133 C  CG2 . VAL A 1 161 ? -16.035 0.577   -6.867  1.00 12.55 ? 240  VAL A CG2 1 
ATOM   1134 N  N   . THR A 1 162 ? -18.834 -2.950  -5.635  1.00 14.14 ? 241  THR A N   1 
ATOM   1135 C  CA  . THR A 1 162 ? -19.872 -3.882  -6.099  1.00 14.71 ? 241  THR A CA  1 
ATOM   1136 C  C   . THR A 1 162 ? -20.556 -4.636  -4.953  1.00 17.20 ? 241  THR A C   1 
ATOM   1137 O  O   . THR A 1 162 ? -19.970 -4.761  -3.840  1.00 18.10 ? 241  THR A O   1 
ATOM   1138 C  CB  . THR A 1 162 ? -19.261 -4.939  -7.065  1.00 14.76 ? 241  THR A CB  1 
ATOM   1139 O  OG1 . THR A 1 162 ? -18.114 -5.547  -6.477  1.00 15.84 ? 241  THR A OG1 1 
ATOM   1140 C  CG2 . THR A 1 162 ? -18.872 -4.330  -8.369  1.00 10.59 ? 241  THR A CG2 1 
ATOM   1141 N  N   . PRO A 1 163 ? -21.775 -5.171  -5.209  1.00 17.58 ? 242  PRO A N   1 
ATOM   1142 C  CA  . PRO A 1 163 ? -22.546 -5.839  -4.118  1.00 18.25 ? 242  PRO A CA  1 
ATOM   1143 C  C   . PRO A 1 163 ? -22.377 -7.330  -4.066  1.00 19.05 ? 242  PRO A C   1 
ATOM   1144 O  O   . PRO A 1 163 ? -21.747 -7.938  -4.947  1.00 19.22 ? 242  PRO A O   1 
ATOM   1145 C  CB  . PRO A 1 163 ? -24.030 -5.536  -4.481  1.00 17.14 ? 242  PRO A CB  1 
ATOM   1146 C  CG  . PRO A 1 163 ? -23.895 -5.701  -6.138  1.00 17.32 ? 242  PRO A CG  1 
ATOM   1147 C  CD  . PRO A 1 163 ? -22.611 -4.911  -6.401  1.00 17.59 ? 242  PRO A CD  1 
ATOM   1148 N  N   . GLU A 1 164 ? -22.908 -7.910  -2.999  1.00 21.11 ? 243  GLU A N   1 
ATOM   1149 C  CA  . GLU A 1 164 ? -23.179 -9.351  -2.939  1.00 23.54 ? 243  GLU A CA  1 
ATOM   1150 C  C   . GLU A 1 164 ? -24.324 -9.698  -3.880  1.00 24.44 ? 243  GLU A C   1 
ATOM   1151 O  O   . GLU A 1 164 ? -25.147 -8.841  -4.242  1.00 23.21 ? 243  GLU A O   1 
ATOM   1152 C  CB  . GLU A 1 164 ? -23.660 -9.747  -1.530  1.00 23.01 ? 243  GLU A CB  1 
ATOM   1153 C  CG  . GLU A 1 164 ? -22.640 -9.512  -0.454  1.00 28.85 ? 243  GLU A CG  1 
ATOM   1154 C  CD  . GLU A 1 164 ? -21.445 -10.472 -0.628  1.00 36.52 ? 243  GLU A CD  1 
ATOM   1155 O  OE1 . GLU A 1 164 ? -20.332 -10.017 -1.041  1.00 36.80 ? 243  GLU A OE1 1 
ATOM   1156 O  OE2 . GLU A 1 164 ? -21.635 -11.675 -0.328  1.00 33.60 ? 243  GLU A OE2 1 
ATOM   1157 N  N   . ILE A 1 165 ? -24.411 -10.990 -4.178  1.00 25.55 ? 244  ILE A N   1 
ATOM   1158 C  CA  . ILE A 1 165 ? -25.589 -11.668 -4.744  1.00 26.69 ? 244  ILE A CA  1 
ATOM   1159 C  C   . ILE A 1 165 ? -26.728 -11.597 -3.741  1.00 26.87 ? 244  ILE A C   1 
ATOM   1160 O  O   . ILE A 1 165 ? -26.520 -11.936 -2.596  1.00 25.74 ? 244  ILE A O   1 
ATOM   1161 C  CB  . ILE A 1 165 ? -25.202 -13.155 -5.032  1.00 27.27 ? 244  ILE A CB  1 
ATOM   1162 C  CG1 . ILE A 1 165 ? -24.036 -13.135 -6.079  1.00 27.97 ? 244  ILE A CG1 1 
ATOM   1163 C  CG2 . ILE A 1 165 ? -26.464 -14.011 -5.456  1.00 28.11 ? 244  ILE A CG2 1 
ATOM   1164 C  CD1 . ILE A 1 165 ? -23.296 -14.389 -6.222  1.00 30.32 ? 244  ILE A CD1 1 
ATOM   1165 N  N   . PRO A 1 166 ? -27.930 -11.120 -4.163  1.00 28.20 ? 245  PRO A N   1 
ATOM   1166 C  CA  . PRO A 1 166 ? -29.136 -11.068 -3.277  1.00 28.45 ? 245  PRO A CA  1 
ATOM   1167 C  C   . PRO A 1 166 ? -29.416 -12.468 -2.633  1.00 30.18 ? 245  PRO A C   1 
ATOM   1168 O  O   . PRO A 1 166 ? -29.267 -13.511 -3.323  1.00 29.30 ? 245  PRO A O   1 
ATOM   1169 C  CB  . PRO A 1 166 ? -30.265 -10.745 -4.249  1.00 28.68 ? 245  PRO A CB  1 
ATOM   1170 C  CG  . PRO A 1 166 ? -29.555 -10.123 -5.494  1.00 28.22 ? 245  PRO A CG  1 
ATOM   1171 C  CD  . PRO A 1 166 ? -28.207 -10.704 -5.559  1.00 27.13 ? 245  PRO A CD  1 
ATOM   1172 N  N   . ALA A 1 167 ? -29.799 -12.476 -1.348  1.00 30.84 ? 246  ALA A N   1 
ATOM   1173 C  CA  . ALA A 1 167 ? -30.160 -13.702 -0.544  1.00 31.62 ? 246  ALA A CA  1 
ATOM   1174 C  C   . ALA A 1 167 ? -31.395 -14.428 -1.141  1.00 31.58 ? 246  ALA A C   1 
ATOM   1175 O  O   . ALA A 1 167 ? -32.201 -13.755 -1.828  1.00 32.50 ? 246  ALA A O   1 
ATOM   1176 C  CB  . ALA A 1 167 ? -30.419 -13.302 0.937   1.00 30.08 ? 246  ALA A CB  1 
HETATM 1177 O  O   . HOH B 2 .   ? 2.711   -10.685 10.108  1.00 37.90 ? 2001 HOH A O   1 
HETATM 1178 O  O   . HOH B 2 .   ? -11.776 -6.389  8.096   1.00 25.14 ? 2002 HOH A O   1 
HETATM 1179 O  O   . HOH B 2 .   ? -18.494 -7.938  4.600   1.00 24.26 ? 2003 HOH A O   1 
HETATM 1180 O  O   . HOH B 2 .   ? -17.505 -2.968  6.014   1.00 25.46 ? 2004 HOH A O   1 
HETATM 1181 O  O   . HOH B 2 .   ? -16.010 2.916   5.209   1.00 24.15 ? 2005 HOH A O   1 
HETATM 1182 O  O   . HOH B 2 .   ? 3.915   5.400   5.722   1.00 21.28 ? 2006 HOH A O   1 
HETATM 1183 O  O   . HOH B 2 .   ? 4.292   4.862   9.619   1.00 26.68 ? 2007 HOH A O   1 
HETATM 1184 O  O   . HOH B 2 .   ? 2.876   0.787   14.200  1.00 52.23 ? 2008 HOH A O   1 
HETATM 1185 O  O   . HOH B 2 .   ? 6.392   5.713   6.312   1.00 40.01 ? 2009 HOH A O   1 
HETATM 1186 O  O   . HOH B 2 .   ? 8.534   -4.418  5.061   1.00 14.06 ? 2010 HOH A O   1 
HETATM 1187 O  O   . HOH B 2 .   ? 6.119   -6.959  9.000   1.00 44.97 ? 2011 HOH A O   1 
HETATM 1188 O  O   . HOH B 2 .   ? -7.344  -0.748  7.912   1.00 19.56 ? 2012 HOH A O   1 
HETATM 1189 O  O   . HOH B 2 .   ? -5.082  -1.589  14.149  1.00 23.76 ? 2013 HOH A O   1 
HETATM 1190 O  O   . HOH B 2 .   ? 0.787   5.494   13.950  1.00 47.02 ? 2014 HOH A O   1 
HETATM 1191 O  O   . HOH B 2 .   ? -11.232 7.609   13.277  1.00 38.82 ? 2015 HOH A O   1 
HETATM 1192 O  O   . HOH B 2 .   ? -11.545 4.124   11.364  1.00 28.16 ? 2016 HOH A O   1 
HETATM 1193 O  O   . HOH B 2 .   ? -8.500  0.682   12.138  1.00 52.75 ? 2017 HOH A O   1 
HETATM 1194 O  O   . HOH B 2 .   ? -5.119  -4.104  13.245  1.00 23.54 ? 2018 HOH A O   1 
HETATM 1195 O  O   . HOH B 2 .   ? -5.508  4.452   18.770  1.00 36.64 ? 2019 HOH A O   1 
HETATM 1196 O  O   . HOH B 2 .   ? -3.024  -3.245  12.078  1.00 17.59 ? 2020 HOH A O   1 
HETATM 1197 O  O   . HOH B 2 .   ? 4.267   -9.955  0.943   1.00 29.67 ? 2021 HOH A O   1 
HETATM 1198 O  O   . HOH B 2 .   ? 3.115   -5.898  1.376   1.00 12.37 ? 2022 HOH A O   1 
HETATM 1199 O  O   . HOH B 2 .   ? 3.816   -10.346 7.458   1.00 31.92 ? 2023 HOH A O   1 
HETATM 1200 O  O   . HOH B 2 .   ? -13.571 -7.743  1.473   1.00 12.85 ? 2024 HOH A O   1 
HETATM 1201 O  O   . HOH B 2 .   ? -7.852  6.588   -10.631 1.00 25.89 ? 2025 HOH A O   1 
HETATM 1202 O  O   . HOH B 2 .   ? 10.949  9.667   6.898   1.00 21.53 ? 2026 HOH A O   1 
HETATM 1203 O  O   . HOH B 2 .   ? 14.744  12.804  9.086   1.00 43.06 ? 2027 HOH A O   1 
HETATM 1204 O  O   . HOH B 2 .   ? 22.317  15.781  5.161   1.00 39.70 ? 2028 HOH A O   1 
HETATM 1205 O  O   . HOH B 2 .   ? 25.102  15.784  2.869   1.00 38.91 ? 2029 HOH A O   1 
HETATM 1206 O  O   . HOH B 2 .   ? 19.417  19.345  -0.616  1.00 30.54 ? 2030 HOH A O   1 
HETATM 1207 O  O   . HOH B 2 .   ? 21.491  14.651  -6.184  1.00 56.05 ? 2031 HOH A O   1 
HETATM 1208 O  O   . HOH B 2 .   ? 22.439  11.906  -7.872  1.00 43.88 ? 2032 HOH A O   1 
HETATM 1209 O  O   . HOH B 2 .   ? 18.592  5.588   -7.734  1.00 35.71 ? 2033 HOH A O   1 
HETATM 1210 O  O   . HOH B 2 .   ? 16.277  4.407   -9.385  1.00 46.10 ? 2034 HOH A O   1 
HETATM 1211 O  O   . HOH B 2 .   ? 14.364  5.360   -13.060 1.00 39.62 ? 2035 HOH A O   1 
HETATM 1212 O  O   . HOH B 2 .   ? -0.023  -9.214  -9.744  1.00 34.75 ? 2036 HOH A O   1 
HETATM 1213 O  O   . HOH B 2 .   ? -4.417  -15.716 -3.175  1.00 24.94 ? 2037 HOH A O   1 
HETATM 1214 O  O   . HOH B 2 .   ? 3.984   -15.193 -5.371  1.00 46.25 ? 2038 HOH A O   1 
HETATM 1215 O  O   . HOH B 2 .   ? 4.436   -16.825 -7.223  1.00 37.49 ? 2039 HOH A O   1 
HETATM 1216 O  O   . HOH B 2 .   ? -1.196  0.875   -12.615 1.00 16.47 ? 2040 HOH A O   1 
HETATM 1217 O  O   . HOH B 2 .   ? 3.422   5.851   -12.044 1.00 20.95 ? 2041 HOH A O   1 
HETATM 1218 O  O   . HOH B 2 .   ? 5.135   2.146   -12.293 1.00 27.23 ? 2042 HOH A O   1 
HETATM 1219 O  O   . HOH B 2 .   ? 6.838   8.602   -13.273 1.00 46.03 ? 2043 HOH A O   1 
HETATM 1220 O  O   . HOH B 2 .   ? 3.968   9.426   -10.145 1.00 29.62 ? 2044 HOH A O   1 
HETATM 1221 O  O   . HOH B 2 .   ? 7.211   11.517  -10.403 1.00 27.45 ? 2045 HOH A O   1 
HETATM 1222 O  O   . HOH B 2 .   ? 8.700   13.962  -8.602  1.00 39.10 ? 2046 HOH A O   1 
HETATM 1223 O  O   . HOH B 2 .   ? 15.592  20.364  -7.356  1.00 49.17 ? 2047 HOH A O   1 
HETATM 1224 O  O   . HOH B 2 .   ? 9.378   16.348  -6.417  1.00 33.43 ? 2048 HOH A O   1 
HETATM 1225 O  O   . HOH B 2 .   ? 4.998   11.783  -9.285  1.00 24.39 ? 2049 HOH A O   1 
HETATM 1226 O  O   . HOH B 2 .   ? 6.816   14.665  -6.977  1.00 19.94 ? 2050 HOH A O   1 
HETATM 1227 O  O   . HOH B 2 .   ? 1.265   10.705  -9.500  1.00 30.84 ? 2051 HOH A O   1 
HETATM 1228 O  O   . HOH B 2 .   ? -4.562  7.572   -10.765 1.00 20.04 ? 2052 HOH A O   1 
HETATM 1229 O  O   . HOH B 2 .   ? -9.565  1.827   -13.448 1.00 21.31 ? 2053 HOH A O   1 
HETATM 1230 O  O   . HOH B 2 .   ? -7.361  -8.100  -10.973 1.00 35.73 ? 2054 HOH A O   1 
HETATM 1231 O  O   . HOH B 2 .   ? -8.701  -6.458  -12.504 1.00 28.27 ? 2055 HOH A O   1 
HETATM 1232 O  O   . HOH B 2 .   ? -14.581 -15.404 -6.044  1.00 21.46 ? 2056 HOH A O   1 
HETATM 1233 O  O   . HOH B 2 .   ? -8.766  -16.235 -4.354  1.00 35.78 ? 2057 HOH A O   1 
HETATM 1234 O  O   . HOH B 2 .   ? -7.046  -17.224 0.851   1.00 41.86 ? 2058 HOH A O   1 
HETATM 1235 O  O   . HOH B 2 .   ? -3.597  -15.535 -7.114  1.00 42.19 ? 2059 HOH A O   1 
HETATM 1236 O  O   . HOH B 2 .   ? -8.427  -11.943 -7.509  1.00 36.18 ? 2060 HOH A O   1 
HETATM 1237 O  O   . HOH B 2 .   ? 8.167   -2.497  -6.960  1.00 35.98 ? 2061 HOH A O   1 
HETATM 1238 O  O   . HOH B 2 .   ? 16.962  -2.655  -6.695  1.00 30.91 ? 2062 HOH A O   1 
HETATM 1239 O  O   . HOH B 2 .   ? 22.069  3.753   -7.930  1.00 27.45 ? 2063 HOH A O   1 
HETATM 1240 O  O   . HOH B 2 .   ? 22.863  8.652   -2.904  1.00 20.16 ? 2064 HOH A O   1 
HETATM 1241 O  O   . HOH B 2 .   ? 18.398  6.982   3.454   1.00 29.40 ? 2065 HOH A O   1 
HETATM 1242 O  O   . HOH B 2 .   ? 16.142  4.776   2.205   1.00 14.48 ? 2066 HOH A O   1 
HETATM 1243 O  O   . HOH B 2 .   ? 14.141  9.780   9.288   1.00 32.65 ? 2067 HOH A O   1 
HETATM 1244 O  O   . HOH B 2 .   ? 10.346  4.245   13.866  1.00 44.93 ? 2068 HOH A O   1 
HETATM 1245 O  O   . HOH B 2 .   ? 5.545   7.964   2.524   1.00 21.76 ? 2069 HOH A O   1 
HETATM 1246 O  O   . HOH B 2 .   ? -18.979 -7.634  -4.876  1.00 19.50 ? 2070 HOH A O   1 
HETATM 1247 O  O   . HOH B 2 .   ? -19.877 -13.570 0.089   1.00 46.68 ? 2071 HOH A O   1 
# 
